data_7H40
# 
_entry.id   7H40 
# 
_audit_conform.dict_name       mmcif_pdbx.dic 
_audit_conform.dict_version    5.397 
_audit_conform.dict_location   http://mmcif.pdb.org/dictionaries/ascii/mmcif_pdbx.dic 
# 
loop_
_database_2.database_id 
_database_2.database_code 
_database_2.pdbx_database_accession 
_database_2.pdbx_DOI 
PDB   7H40         pdb_00007h40 10.2210/pdb7h40/pdb 
WWPDB D_1001406995 ?            ?                   
# 
loop_
_pdbx_audit_revision_history.ordinal 
_pdbx_audit_revision_history.data_content_type 
_pdbx_audit_revision_history.major_revision 
_pdbx_audit_revision_history.minor_revision 
_pdbx_audit_revision_history.revision_date 
1 'Structure model' 1 0 2024-04-24 
2 'Structure model' 1 1 2024-10-16 
# 
_pdbx_audit_revision_details.ordinal             1 
_pdbx_audit_revision_details.revision_ordinal    1 
_pdbx_audit_revision_details.data_content_type   'Structure model' 
_pdbx_audit_revision_details.provider            repository 
_pdbx_audit_revision_details.type                'Initial release' 
_pdbx_audit_revision_details.description         ? 
_pdbx_audit_revision_details.details             ? 
# 
loop_
_pdbx_audit_revision_group.ordinal 
_pdbx_audit_revision_group.revision_ordinal 
_pdbx_audit_revision_group.data_content_type 
_pdbx_audit_revision_group.group 
1 2 'Structure model' 'Database references' 
2 2 'Structure model' 'Structure summary'   
# 
loop_
_pdbx_audit_revision_category.ordinal 
_pdbx_audit_revision_category.revision_ordinal 
_pdbx_audit_revision_category.data_content_type 
_pdbx_audit_revision_category.category 
1 2 'Structure model' citation           
2 2 'Structure model' citation_author    
3 2 'Structure model' pdbx_entry_details 
# 
loop_
_pdbx_audit_revision_item.ordinal 
_pdbx_audit_revision_item.revision_ordinal 
_pdbx_audit_revision_item.data_content_type 
_pdbx_audit_revision_item.item 
1 2 'Structure model' '_citation.country'                 
2 2 'Structure model' '_citation.journal_abbrev'          
3 2 'Structure model' '_citation.journal_id_CSD'          
4 2 'Structure model' '_citation.journal_id_ISSN'         
5 2 'Structure model' '_citation.pdbx_database_id_DOI'    
6 2 'Structure model' '_citation.pdbx_database_id_PubMed' 
7 2 'Structure model' '_citation.title'                   
8 2 'Structure model' '_citation.year'                    
# 
_pdbx_database_status.entry_id                        7H40 
_pdbx_database_status.status_code                     REL 
_pdbx_database_status.status_code_sf                  REL 
_pdbx_database_status.status_code_mr                  ? 
_pdbx_database_status.status_code_cs                  ? 
_pdbx_database_status.recvd_initial_deposition_date   2024-04-04 
_pdbx_database_status.status_code_nmr_data            ? 
_pdbx_database_status.deposit_site                    RCSB 
_pdbx_database_status.process_site                    RCSB 
_pdbx_database_status.SG_entry                        ? 
_pdbx_database_status.pdb_format_compatible           Y 
_pdbx_database_status.methods_development_category    ? 
# 
_pdbx_contact_author.id                 1 
_pdbx_contact_author.email              frank.von-delft@diamond.ac.uk 
_pdbx_contact_author.name_first         Frank 
_pdbx_contact_author.name_last          'von Delft' 
_pdbx_contact_author.role               'principal investigator/group leader' 
_pdbx_contact_author.identifier_ORCID   0000-0003-0378-0017 
_pdbx_contact_author.name_mi            ? 
# 
loop_
_audit_author.name 
_audit_author.pdbx_ordinal 
'Lithgo, R.M.'        1  
'Fairhead, M.'        2  
'Koekemoer, L.'       3  
'Balcomb, B.H.'       4  
'Capkin, E.'          5  
'Chandran, A.V.'      6  
'Golding, M.'         7  
'Godoy, A.S.'         8  
'Aschenbrenner, J.C.' 9  
'Marples, P.G.'       10 
'Ni, X.'              11 
'Thompson, W.'        12 
'Tomlinson, C.W.E.'   13 
'Wild, C.'            14 
'Winokan, M.'         15 
'Xavier, M.-A.E.'     16 
'Fearon, D.'          17 
'von Delft, F.'       18 
# 
_citation.id                        primary 
_citation.title                     
;Crystallographic Fragment Screen of Coxsackievirus A16 2A Protease identifies new opportunities for the development of broad-spectrum anti-enterovirals.
;
_citation.journal_abbrev            Biorxiv 
_citation.journal_volume            ? 
_citation.page_first                ? 
_citation.page_last                 ? 
_citation.year                      2024 
_citation.journal_id_ASTM           ? 
_citation.country                   US 
_citation.journal_id_ISSN           2692-8205 
_citation.journal_id_CSD            ? 
_citation.book_publisher            ? 
_citation.pdbx_database_id_PubMed   38746446 
_citation.pdbx_database_id_DOI      10.1101/2024.04.29.591684 
# 
loop_
_citation_author.citation_id 
_citation_author.name 
_citation_author.identifier_ORCID 
_citation_author.ordinal 
primary 'Lithgo, R.M.'        0000-0002-4706-9916 1  
primary 'Tomlinson, C.W.E.'   0000-0002-1845-6028 2  
primary 'Fairhead, M.'        0000-0001-5361-3933 3  
primary 'Winokan, M.'         ?                   4  
primary 'Thompson, W.'        0000-0003-1474-7810 5  
primary 'Wild, C.'            0000-0003-0654-8141 6  
primary 'Aschenbrenner, J.C.' 0000-0002-4318-0481 7  
primary 'Balcomb, B.H.'       0000-0001-7599-8467 8  
primary 'Marples, P.G.'       0000-0002-8787-7969 9  
primary 'Chandran, A.V.'      0000-0001-9942-2614 10 
primary 'Golding, M.'         0009-0004-7472-8333 11 
primary 'Koekemoer, L.'       0000-0001-9226-9127 12 
primary 'Williams, E.P.'      0000-0002-1331-9518 13 
primary 'Wang, S.'            ?                   14 
primary 'Ni, X.'              0000-0002-7769-8297 15 
primary 'MacLean, E.'         0000-0003-1680-4292 16 
primary 'Giroud, C.'          0000-0002-1629-1581 17 
primary 'Godoy, A.S.'         0000-0002-0613-9164 18 
primary 'Xavier, M.A.'        0000-0002-1709-9479 19 
primary 'Walsh, M.'           0000-0001-5683-1151 20 
primary 'Fearon, D.'          0000-0003-3529-7863 21 
primary 'von Delft, F.'       0000-0003-0378-0017 22 
# 
loop_
_entity.id 
_entity.type 
_entity.src_method 
_entity.pdbx_description 
_entity.formula_weight 
_entity.pdbx_number_of_molecules 
_entity.pdbx_ec 
_entity.pdbx_mutation 
_entity.pdbx_fragment 
_entity.details 
1 polymer     man 'Protease 2A'                                16493.311 1   3.4.22.29 ? ? ? 
2 non-polymer man '(3M)-3-(2-methyl-1H-imidazol-1-yl)pyridine' 159.188   1   ?         ? ? ? 
3 non-polymer syn 'ZINC ION'                                   65.409    1   ?         ? ? ? 
4 non-polymer syn 'DIMETHYL SULFOXIDE'                         78.133    5   ?         ? ? ? 
5 non-polymer syn 'SULFATE ION'                                96.063    1   ?         ? ? ? 
6 water       nat water                                        18.015    228 ?         ? ? ? 
# 
_entity_name_com.entity_id   1 
_entity_name_com.name        'P2A,Picornain 2A,Protein 2A' 
# 
_entity_poly.entity_id                      1 
_entity_poly.type                           'polypeptide(L)' 
_entity_poly.nstd_linkage                   no 
_entity_poly.nstd_monomer                   no 
_entity_poly.pdbx_seq_one_letter_code       
;QEQTGGSGAIYVGNYRVVNRHLATHNDWANLVWEDSSRDLLVSSTTAQGCDTIARCDCQTGVYYCSSRRKHYPVSFSKPS
LIFVEASEYYPARYQSHLMLAVGHSEPGDCGGILRCQHGVVGIVSTGGNGLVGFADVRDLLWLDEEAMEQ
;
_entity_poly.pdbx_seq_one_letter_code_can   
;QEQTGGSGAIYVGNYRVVNRHLATHNDWANLVWEDSSRDLLVSSTTAQGCDTIARCDCQTGVYYCSSRRKHYPVSFSKPS
LIFVEASEYYPARYQSHLMLAVGHSEPGDCGGILRCQHGVVGIVSTGGNGLVGFADVRDLLWLDEEAMEQ
;
_entity_poly.pdbx_strand_id                 A 
_entity_poly.pdbx_target_identifier         ? 
# 
loop_
_pdbx_entity_nonpoly.entity_id 
_pdbx_entity_nonpoly.name 
_pdbx_entity_nonpoly.comp_id 
2 '(3M)-3-(2-methyl-1H-imidazol-1-yl)pyridine' YZK 
3 'ZINC ION'                                   ZN  
4 'DIMETHYL SULFOXIDE'                         DMS 
5 'SULFATE ION'                                SO4 
6 water                                        HOH 
# 
loop_
_entity_poly_seq.entity_id 
_entity_poly_seq.num 
_entity_poly_seq.mon_id 
_entity_poly_seq.hetero 
1 1   GLN n 
1 2   GLU n 
1 3   GLN n 
1 4   THR n 
1 5   GLY n 
1 6   GLY n 
1 7   SER n 
1 8   GLY n 
1 9   ALA n 
1 10  ILE n 
1 11  TYR n 
1 12  VAL n 
1 13  GLY n 
1 14  ASN n 
1 15  TYR n 
1 16  ARG n 
1 17  VAL n 
1 18  VAL n 
1 19  ASN n 
1 20  ARG n 
1 21  HIS n 
1 22  LEU n 
1 23  ALA n 
1 24  THR n 
1 25  HIS n 
1 26  ASN n 
1 27  ASP n 
1 28  TRP n 
1 29  ALA n 
1 30  ASN n 
1 31  LEU n 
1 32  VAL n 
1 33  TRP n 
1 34  GLU n 
1 35  ASP n 
1 36  SER n 
1 37  SER n 
1 38  ARG n 
1 39  ASP n 
1 40  LEU n 
1 41  LEU n 
1 42  VAL n 
1 43  SER n 
1 44  SER n 
1 45  THR n 
1 46  THR n 
1 47  ALA n 
1 48  GLN n 
1 49  GLY n 
1 50  CYS n 
1 51  ASP n 
1 52  THR n 
1 53  ILE n 
1 54  ALA n 
1 55  ARG n 
1 56  CYS n 
1 57  ASP n 
1 58  CYS n 
1 59  GLN n 
1 60  THR n 
1 61  GLY n 
1 62  VAL n 
1 63  TYR n 
1 64  TYR n 
1 65  CYS n 
1 66  SER n 
1 67  SER n 
1 68  ARG n 
1 69  ARG n 
1 70  LYS n 
1 71  HIS n 
1 72  TYR n 
1 73  PRO n 
1 74  VAL n 
1 75  SER n 
1 76  PHE n 
1 77  SER n 
1 78  LYS n 
1 79  PRO n 
1 80  SER n 
1 81  LEU n 
1 82  ILE n 
1 83  PHE n 
1 84  VAL n 
1 85  GLU n 
1 86  ALA n 
1 87  SER n 
1 88  GLU n 
1 89  TYR n 
1 90  TYR n 
1 91  PRO n 
1 92  ALA n 
1 93  ARG n 
1 94  TYR n 
1 95  GLN n 
1 96  SER n 
1 97  HIS n 
1 98  LEU n 
1 99  MET n 
1 100 LEU n 
1 101 ALA n 
1 102 VAL n 
1 103 GLY n 
1 104 HIS n 
1 105 SER n 
1 106 GLU n 
1 107 PRO n 
1 108 GLY n 
1 109 ASP n 
1 110 CYS n 
1 111 GLY n 
1 112 GLY n 
1 113 ILE n 
1 114 LEU n 
1 115 ARG n 
1 116 CYS n 
1 117 GLN n 
1 118 HIS n 
1 119 GLY n 
1 120 VAL n 
1 121 VAL n 
1 122 GLY n 
1 123 ILE n 
1 124 VAL n 
1 125 SER n 
1 126 THR n 
1 127 GLY n 
1 128 GLY n 
1 129 ASN n 
1 130 GLY n 
1 131 LEU n 
1 132 VAL n 
1 133 GLY n 
1 134 PHE n 
1 135 ALA n 
1 136 ASP n 
1 137 VAL n 
1 138 ARG n 
1 139 ASP n 
1 140 LEU n 
1 141 LEU n 
1 142 TRP n 
1 143 LEU n 
1 144 ASP n 
1 145 GLU n 
1 146 GLU n 
1 147 ALA n 
1 148 MET n 
1 149 GLU n 
1 150 GLN n 
# 
loop_
_entity_src_gen.entity_id 
_entity_src_gen.pdbx_src_id 
_entity_src_gen.pdbx_alt_source_flag 
_entity_src_gen.pdbx_seq_type 
_entity_src_gen.pdbx_beg_seq_num 
_entity_src_gen.pdbx_end_seq_num 
_entity_src_gen.gene_src_common_name 
_entity_src_gen.gene_src_genus 
_entity_src_gen.pdbx_gene_src_gene 
_entity_src_gen.gene_src_species 
_entity_src_gen.gene_src_strain 
_entity_src_gen.gene_src_tissue 
_entity_src_gen.gene_src_tissue_fraction 
_entity_src_gen.gene_src_details 
_entity_src_gen.pdbx_gene_src_fragment 
_entity_src_gen.pdbx_gene_src_scientific_name 
_entity_src_gen.pdbx_gene_src_ncbi_taxonomy_id 
_entity_src_gen.pdbx_gene_src_variant 
_entity_src_gen.pdbx_gene_src_cell_line 
_entity_src_gen.pdbx_gene_src_atcc 
_entity_src_gen.pdbx_gene_src_organ 
_entity_src_gen.pdbx_gene_src_organelle 
_entity_src_gen.pdbx_gene_src_cell 
_entity_src_gen.pdbx_gene_src_cellular_location 
_entity_src_gen.host_org_common_name 
_entity_src_gen.pdbx_host_org_scientific_name 
_entity_src_gen.pdbx_host_org_ncbi_taxonomy_id 
_entity_src_gen.host_org_genus 
_entity_src_gen.pdbx_host_org_gene 
_entity_src_gen.pdbx_host_org_organ 
_entity_src_gen.host_org_species 
_entity_src_gen.pdbx_host_org_tissue 
_entity_src_gen.pdbx_host_org_tissue_fraction 
_entity_src_gen.pdbx_host_org_strain 
_entity_src_gen.pdbx_host_org_variant 
_entity_src_gen.pdbx_host_org_cell_line 
_entity_src_gen.pdbx_host_org_atcc 
_entity_src_gen.pdbx_host_org_culture_collection 
_entity_src_gen.pdbx_host_org_cell 
_entity_src_gen.pdbx_host_org_organelle 
_entity_src_gen.pdbx_host_org_cellular_location 
_entity_src_gen.pdbx_host_org_vector_type 
_entity_src_gen.pdbx_host_org_vector 
_entity_src_gen.host_org_details 
_entity_src_gen.expression_system_id 
_entity_src_gen.plasmid_name 
_entity_src_gen.plasmid_details 
_entity_src_gen.pdbx_description 
1 1 sample 'Biological sequence' 1 150 ? ? ? ? ? ? ? ? ? 'Coxsackievirus A16' 31704 ? ? ? ? ? ? ? ? 'Escherichia coli' 562 ? ? ? ? 
? ? ? ? ? ? ? ? ? ? ? ? ? ? ? ? ? 
2 1 sample ?                     ? ?   ? ? ? ? ? ? ? ? ? 'Coxsackievirus A16' 31704 ? ? ? ? ? ? ? ? 'Escherichia coli' 562 ? ? ? ? 
? ? ? ? ? ? ? ? ? ? ? ? ? ? ? ? ? 
# 
loop_
_chem_comp.id 
_chem_comp.type 
_chem_comp.mon_nstd_flag 
_chem_comp.name 
_chem_comp.pdbx_synonyms 
_chem_comp.formula 
_chem_comp.formula_weight 
ALA 'L-peptide linking' y ALANINE                                      ? 'C3 H7 N O2'     89.093  
ARG 'L-peptide linking' y ARGININE                                     ? 'C6 H15 N4 O2 1' 175.209 
ASN 'L-peptide linking' y ASPARAGINE                                   ? 'C4 H8 N2 O3'    132.118 
ASP 'L-peptide linking' y 'ASPARTIC ACID'                              ? 'C4 H7 N O4'     133.103 
CYS 'L-peptide linking' y CYSTEINE                                     ? 'C3 H7 N O2 S'   121.158 
DMS non-polymer         . 'DIMETHYL SULFOXIDE'                         ? 'C2 H6 O S'      78.133  
GLN 'L-peptide linking' y GLUTAMINE                                    ? 'C5 H10 N2 O3'   146.144 
GLU 'L-peptide linking' y 'GLUTAMIC ACID'                              ? 'C5 H9 N O4'     147.129 
GLY 'peptide linking'   y GLYCINE                                      ? 'C2 H5 N O2'     75.067  
HIS 'L-peptide linking' y HISTIDINE                                    ? 'C6 H10 N3 O2 1' 156.162 
HOH non-polymer         . WATER                                        ? 'H2 O'           18.015  
ILE 'L-peptide linking' y ISOLEUCINE                                   ? 'C6 H13 N O2'    131.173 
LEU 'L-peptide linking' y LEUCINE                                      ? 'C6 H13 N O2'    131.173 
LYS 'L-peptide linking' y LYSINE                                       ? 'C6 H15 N2 O2 1' 147.195 
MET 'L-peptide linking' y METHIONINE                                   ? 'C5 H11 N O2 S'  149.211 
PHE 'L-peptide linking' y PHENYLALANINE                                ? 'C9 H11 N O2'    165.189 
PRO 'L-peptide linking' y PROLINE                                      ? 'C5 H9 N O2'     115.130 
SER 'L-peptide linking' y SERINE                                       ? 'C3 H7 N O3'     105.093 
SO4 non-polymer         . 'SULFATE ION'                                ? 'O4 S -2'        96.063  
THR 'L-peptide linking' y THREONINE                                    ? 'C4 H9 N O3'     119.119 
TRP 'L-peptide linking' y TRYPTOPHAN                                   ? 'C11 H12 N2 O2'  204.225 
TYR 'L-peptide linking' y TYROSINE                                     ? 'C9 H11 N O3'    181.189 
VAL 'L-peptide linking' y VALINE                                       ? 'C5 H11 N O2'    117.146 
YZK non-polymer         . '(3M)-3-(2-methyl-1H-imidazol-1-yl)pyridine' ? 'C9 H9 N3'       159.188 
ZN  non-polymer         . 'ZINC ION'                                   ? 'Zn 2'           65.409  
# 
loop_
_pdbx_poly_seq_scheme.asym_id 
_pdbx_poly_seq_scheme.entity_id 
_pdbx_poly_seq_scheme.seq_id 
_pdbx_poly_seq_scheme.mon_id 
_pdbx_poly_seq_scheme.ndb_seq_num 
_pdbx_poly_seq_scheme.pdb_seq_num 
_pdbx_poly_seq_scheme.auth_seq_num 
_pdbx_poly_seq_scheme.pdb_mon_id 
_pdbx_poly_seq_scheme.auth_mon_id 
_pdbx_poly_seq_scheme.pdb_strand_id 
_pdbx_poly_seq_scheme.pdb_ins_code 
_pdbx_poly_seq_scheme.hetero 
A 1 1   GLN 1   1   ?   ?   ?   A . n 
A 1 2   GLU 2   2   ?   ?   ?   A . n 
A 1 3   GLN 3   3   ?   ?   ?   A . n 
A 1 4   THR 4   4   ?   ?   ?   A . n 
A 1 5   GLY 5   5   ?   ?   ?   A . n 
A 1 6   GLY 6   6   ?   ?   ?   A . n 
A 1 7   SER 7   7   7   SER SER A . n 
A 1 8   GLY 8   8   8   GLY GLY A . n 
A 1 9   ALA 9   9   9   ALA ALA A . n 
A 1 10  ILE 10  10  10  ILE ILE A . n 
A 1 11  TYR 11  11  11  TYR TYR A . n 
A 1 12  VAL 12  12  12  VAL VAL A . n 
A 1 13  GLY 13  13  13  GLY GLY A . n 
A 1 14  ASN 14  14  14  ASN ASN A . n 
A 1 15  TYR 15  15  15  TYR TYR A . n 
A 1 16  ARG 16  16  16  ARG ARG A . n 
A 1 17  VAL 17  17  17  VAL VAL A . n 
A 1 18  VAL 18  18  18  VAL VAL A . n 
A 1 19  ASN 19  19  19  ASN ASN A . n 
A 1 20  ARG 20  20  20  ARG ARG A . n 
A 1 21  HIS 21  21  21  HIS HIS A . n 
A 1 22  LEU 22  22  22  LEU LEU A . n 
A 1 23  ALA 23  23  23  ALA ALA A . n 
A 1 24  THR 24  24  24  THR THR A . n 
A 1 25  HIS 25  25  25  HIS HIS A . n 
A 1 26  ASN 26  26  26  ASN ASN A . n 
A 1 27  ASP 27  27  27  ASP ASP A . n 
A 1 28  TRP 28  28  28  TRP TRP A . n 
A 1 29  ALA 29  29  29  ALA ALA A . n 
A 1 30  ASN 30  30  30  ASN ASN A . n 
A 1 31  LEU 31  31  31  LEU LEU A . n 
A 1 32  VAL 32  32  32  VAL VAL A . n 
A 1 33  TRP 33  33  33  TRP TRP A . n 
A 1 34  GLU 34  34  34  GLU GLU A . n 
A 1 35  ASP 35  35  35  ASP ASP A . n 
A 1 36  SER 36  36  36  SER SER A . n 
A 1 37  SER 37  37  37  SER SER A . n 
A 1 38  ARG 38  38  38  ARG ARG A . n 
A 1 39  ASP 39  39  39  ASP ASP A . n 
A 1 40  LEU 40  40  40  LEU LEU A . n 
A 1 41  LEU 41  41  41  LEU LEU A . n 
A 1 42  VAL 42  42  42  VAL VAL A . n 
A 1 43  SER 43  43  43  SER SER A . n 
A 1 44  SER 44  44  44  SER SER A . n 
A 1 45  THR 45  45  45  THR THR A . n 
A 1 46  THR 46  46  46  THR THR A . n 
A 1 47  ALA 47  47  47  ALA ALA A . n 
A 1 48  GLN 48  48  48  GLN GLN A . n 
A 1 49  GLY 49  49  49  GLY GLY A . n 
A 1 50  CYS 50  50  50  CYS CYS A . n 
A 1 51  ASP 51  51  51  ASP ASP A . n 
A 1 52  THR 52  52  52  THR THR A . n 
A 1 53  ILE 53  53  53  ILE ILE A . n 
A 1 54  ALA 54  54  54  ALA ALA A . n 
A 1 55  ARG 55  55  55  ARG ARG A . n 
A 1 56  CYS 56  56  56  CYS CYS A . n 
A 1 57  ASP 57  57  57  ASP ASP A . n 
A 1 58  CYS 58  58  58  CYS CYS A . n 
A 1 59  GLN 59  59  59  GLN GLN A . n 
A 1 60  THR 60  60  60  THR THR A . n 
A 1 61  GLY 61  61  61  GLY GLY A . n 
A 1 62  VAL 62  62  62  VAL VAL A . n 
A 1 63  TYR 63  63  63  TYR TYR A . n 
A 1 64  TYR 64  64  64  TYR TYR A . n 
A 1 65  CYS 65  65  65  CYS CYS A . n 
A 1 66  SER 66  66  66  SER SER A . n 
A 1 67  SER 67  67  67  SER SER A . n 
A 1 68  ARG 68  68  68  ARG ARG A . n 
A 1 69  ARG 69  69  69  ARG ARG A . n 
A 1 70  LYS 70  70  70  LYS LYS A . n 
A 1 71  HIS 71  71  71  HIS HIS A . n 
A 1 72  TYR 72  72  72  TYR TYR A . n 
A 1 73  PRO 73  73  73  PRO PRO A . n 
A 1 74  VAL 74  74  74  VAL VAL A . n 
A 1 75  SER 75  75  75  SER SER A . n 
A 1 76  PHE 76  76  76  PHE PHE A . n 
A 1 77  SER 77  77  77  SER SER A . n 
A 1 78  LYS 78  78  78  LYS LYS A . n 
A 1 79  PRO 79  79  79  PRO PRO A . n 
A 1 80  SER 80  80  80  SER SER A . n 
A 1 81  LEU 81  81  81  LEU LEU A . n 
A 1 82  ILE 82  82  82  ILE ILE A . n 
A 1 83  PHE 83  83  83  PHE PHE A . n 
A 1 84  VAL 84  84  84  VAL VAL A . n 
A 1 85  GLU 85  85  85  GLU GLU A . n 
A 1 86  ALA 86  86  86  ALA ALA A . n 
A 1 87  SER 87  87  87  SER SER A . n 
A 1 88  GLU 88  88  88  GLU GLU A . n 
A 1 89  TYR 89  89  89  TYR TYR A . n 
A 1 90  TYR 90  90  90  TYR TYR A . n 
A 1 91  PRO 91  91  91  PRO PRO A . n 
A 1 92  ALA 92  92  92  ALA ALA A . n 
A 1 93  ARG 93  93  93  ARG ARG A . n 
A 1 94  TYR 94  94  94  TYR TYR A . n 
A 1 95  GLN 95  95  95  GLN GLN A . n 
A 1 96  SER 96  96  96  SER SER A . n 
A 1 97  HIS 97  97  97  HIS HIS A . n 
A 1 98  LEU 98  98  98  LEU LEU A . n 
A 1 99  MET 99  99  99  MET MET A . n 
A 1 100 LEU 100 100 100 LEU LEU A . n 
A 1 101 ALA 101 101 101 ALA ALA A . n 
A 1 102 VAL 102 102 102 VAL VAL A . n 
A 1 103 GLY 103 103 103 GLY GLY A . n 
A 1 104 HIS 104 104 104 HIS HIS A . n 
A 1 105 SER 105 105 105 SER SER A . n 
A 1 106 GLU 106 106 106 GLU GLU A . n 
A 1 107 PRO 107 107 107 PRO PRO A . n 
A 1 108 GLY 108 108 108 GLY GLY A . n 
A 1 109 ASP 109 109 109 ASP ASP A . n 
A 1 110 CYS 110 110 110 CYS CYS A . n 
A 1 111 GLY 111 111 111 GLY GLY A . n 
A 1 112 GLY 112 112 112 GLY GLY A . n 
A 1 113 ILE 113 113 113 ILE ILE A . n 
A 1 114 LEU 114 114 114 LEU LEU A . n 
A 1 115 ARG 115 115 115 ARG ARG A . n 
A 1 116 CYS 116 116 116 CYS CYS A . n 
A 1 117 GLN 117 117 117 GLN GLN A . n 
A 1 118 HIS 118 118 118 HIS HIS A . n 
A 1 119 GLY 119 119 119 GLY GLY A . n 
A 1 120 VAL 120 120 120 VAL VAL A . n 
A 1 121 VAL 121 121 121 VAL VAL A . n 
A 1 122 GLY 122 122 122 GLY GLY A . n 
A 1 123 ILE 123 123 123 ILE ILE A . n 
A 1 124 VAL 124 124 124 VAL VAL A . n 
A 1 125 SER 125 125 125 SER SER A . n 
A 1 126 THR 126 126 126 THR THR A . n 
A 1 127 GLY 127 127 127 GLY GLY A . n 
A 1 128 GLY 128 128 128 GLY GLY A . n 
A 1 129 ASN 129 129 129 ASN ASN A . n 
A 1 130 GLY 130 130 130 GLY GLY A . n 
A 1 131 LEU 131 131 131 LEU LEU A . n 
A 1 132 VAL 132 132 132 VAL VAL A . n 
A 1 133 GLY 133 133 133 GLY GLY A . n 
A 1 134 PHE 134 134 134 PHE PHE A . n 
A 1 135 ALA 135 135 135 ALA ALA A . n 
A 1 136 ASP 136 136 136 ASP ASP A . n 
A 1 137 VAL 137 137 137 VAL VAL A . n 
A 1 138 ARG 138 138 138 ARG ARG A . n 
A 1 139 ASP 139 139 139 ASP ASP A . n 
A 1 140 LEU 140 140 140 LEU LEU A . n 
A 1 141 LEU 141 141 141 LEU LEU A . n 
A 1 142 TRP 142 142 142 TRP TRP A . n 
A 1 143 LEU 143 143 143 LEU LEU A . n 
A 1 144 ASP 144 144 144 ASP ASP A . n 
A 1 145 GLU 145 145 145 GLU GLU A . n 
A 1 146 GLU 146 146 146 GLU GLU A . n 
A 1 147 ALA 147 147 ?   ?   ?   A . n 
A 1 148 MET 148 148 ?   ?   ?   A . n 
A 1 149 GLU 149 149 ?   ?   ?   A . n 
A 1 150 GLN 150 150 ?   ?   ?   A . n 
# 
loop_
_pdbx_nonpoly_scheme.asym_id 
_pdbx_nonpoly_scheme.entity_id 
_pdbx_nonpoly_scheme.mon_id 
_pdbx_nonpoly_scheme.ndb_seq_num 
_pdbx_nonpoly_scheme.pdb_seq_num 
_pdbx_nonpoly_scheme.auth_seq_num 
_pdbx_nonpoly_scheme.pdb_mon_id 
_pdbx_nonpoly_scheme.auth_mon_id 
_pdbx_nonpoly_scheme.pdb_strand_id 
_pdbx_nonpoly_scheme.pdb_ins_code 
B 2 YZK 1   201 147 YZK LIG A . 
C 3 ZN  1   202 1   ZN  ZN  A . 
D 4 DMS 1   203 -1  DMS DMS A . 
E 4 DMS 1   204 0   DMS DMS A . 
F 4 DMS 1   205 1   DMS DMS A . 
G 4 DMS 1   206 3   DMS DMS A . 
H 4 DMS 1   207 6   DMS DMS A . 
I 5 SO4 1   208 1   SO4 SO4 A . 
J 6 HOH 1   301 50  HOH HOH A . 
J 6 HOH 2   302 184 HOH HOH A . 
J 6 HOH 3   303 109 HOH HOH A . 
J 6 HOH 4   304 176 HOH HOH A . 
J 6 HOH 5   305 190 HOH HOH A . 
J 6 HOH 6   306 238 HOH HOH A . 
J 6 HOH 7   307 219 HOH HOH A . 
J 6 HOH 8   308 173 HOH HOH A . 
J 6 HOH 9   309 137 HOH HOH A . 
J 6 HOH 10  310 215 HOH HOH A . 
J 6 HOH 11  311 70  HOH HOH A . 
J 6 HOH 12  312 108 HOH HOH A . 
J 6 HOH 13  313 245 HOH HOH A . 
J 6 HOH 14  314 217 HOH HOH A . 
J 6 HOH 15  315 94  HOH HOH A . 
J 6 HOH 16  316 167 HOH HOH A . 
J 6 HOH 17  317 103 HOH HOH A . 
J 6 HOH 18  318 46  HOH HOH A . 
J 6 HOH 19  319 186 HOH HOH A . 
J 6 HOH 20  320 60  HOH HOH A . 
J 6 HOH 21  321 227 HOH HOH A . 
J 6 HOH 22  322 182 HOH HOH A . 
J 6 HOH 23  323 34  HOH HOH A . 
J 6 HOH 24  324 191 HOH HOH A . 
J 6 HOH 25  325 181 HOH HOH A . 
J 6 HOH 26  326 54  HOH HOH A . 
J 6 HOH 27  327 133 HOH HOH A . 
J 6 HOH 28  328 216 HOH HOH A . 
J 6 HOH 29  329 68  HOH HOH A . 
J 6 HOH 30  330 4   HOH HOH A . 
J 6 HOH 31  331 104 HOH HOH A . 
J 6 HOH 32  332 116 HOH HOH A . 
J 6 HOH 33  333 30  HOH HOH A . 
J 6 HOH 34  334 148 HOH HOH A . 
J 6 HOH 35  335 77  HOH HOH A . 
J 6 HOH 36  336 180 HOH HOH A . 
J 6 HOH 37  337 205 HOH HOH A . 
J 6 HOH 38  338 59  HOH HOH A . 
J 6 HOH 39  339 16  HOH HOH A . 
J 6 HOH 40  340 72  HOH HOH A . 
J 6 HOH 41  341 111 HOH HOH A . 
J 6 HOH 42  342 249 HOH HOH A . 
J 6 HOH 43  343 150 HOH HOH A . 
J 6 HOH 44  344 29  HOH HOH A . 
J 6 HOH 45  345 107 HOH HOH A . 
J 6 HOH 46  346 147 HOH HOH A . 
J 6 HOH 47  347 250 HOH HOH A . 
J 6 HOH 48  348 247 HOH HOH A . 
J 6 HOH 49  349 28  HOH HOH A . 
J 6 HOH 50  350 231 HOH HOH A . 
J 6 HOH 51  351 26  HOH HOH A . 
J 6 HOH 52  352 33  HOH HOH A . 
J 6 HOH 53  353 211 HOH HOH A . 
J 6 HOH 54  354 57  HOH HOH A . 
J 6 HOH 55  355 52  HOH HOH A . 
J 6 HOH 56  356 195 HOH HOH A . 
J 6 HOH 57  357 220 HOH HOH A . 
J 6 HOH 58  358 179 HOH HOH A . 
J 6 HOH 59  359 81  HOH HOH A . 
J 6 HOH 60  360 97  HOH HOH A . 
J 6 HOH 61  361 161 HOH HOH A . 
J 6 HOH 62  362 193 HOH HOH A . 
J 6 HOH 63  363 7   HOH HOH A . 
J 6 HOH 64  364 124 HOH HOH A . 
J 6 HOH 65  365 152 HOH HOH A . 
J 6 HOH 66  366 36  HOH HOH A . 
J 6 HOH 67  367 146 HOH HOH A . 
J 6 HOH 68  368 39  HOH HOH A . 
J 6 HOH 69  369 12  HOH HOH A . 
J 6 HOH 70  370 19  HOH HOH A . 
J 6 HOH 71  371 120 HOH HOH A . 
J 6 HOH 72  372 2   HOH HOH A . 
J 6 HOH 73  373 21  HOH HOH A . 
J 6 HOH 74  374 174 HOH HOH A . 
J 6 HOH 75  375 40  HOH HOH A . 
J 6 HOH 76  376 121 HOH HOH A . 
J 6 HOH 77  377 37  HOH HOH A . 
J 6 HOH 78  378 25  HOH HOH A . 
J 6 HOH 79  379 88  HOH HOH A . 
J 6 HOH 80  380 131 HOH HOH A . 
J 6 HOH 81  381 79  HOH HOH A . 
J 6 HOH 82  382 178 HOH HOH A . 
J 6 HOH 83  383 112 HOH HOH A . 
J 6 HOH 84  384 24  HOH HOH A . 
J 6 HOH 85  385 183 HOH HOH A . 
J 6 HOH 86  386 9   HOH HOH A . 
J 6 HOH 87  387 177 HOH HOH A . 
J 6 HOH 88  388 106 HOH HOH A . 
J 6 HOH 89  389 78  HOH HOH A . 
J 6 HOH 90  390 144 HOH HOH A . 
J 6 HOH 91  391 45  HOH HOH A . 
J 6 HOH 92  392 119 HOH HOH A . 
J 6 HOH 93  393 71  HOH HOH A . 
J 6 HOH 94  394 84  HOH HOH A . 
J 6 HOH 95  395 234 HOH HOH A . 
J 6 HOH 96  396 82  HOH HOH A . 
J 6 HOH 97  397 43  HOH HOH A . 
J 6 HOH 98  398 27  HOH HOH A . 
J 6 HOH 99  399 17  HOH HOH A . 
J 6 HOH 100 400 67  HOH HOH A . 
J 6 HOH 101 401 5   HOH HOH A . 
J 6 HOH 102 402 47  HOH HOH A . 
J 6 HOH 103 403 198 HOH HOH A . 
J 6 HOH 104 404 90  HOH HOH A . 
J 6 HOH 105 405 169 HOH HOH A . 
J 6 HOH 106 406 168 HOH HOH A . 
J 6 HOH 107 407 42  HOH HOH A . 
J 6 HOH 108 408 248 HOH HOH A . 
J 6 HOH 109 409 15  HOH HOH A . 
J 6 HOH 110 410 113 HOH HOH A . 
J 6 HOH 111 411 62  HOH HOH A . 
J 6 HOH 112 412 101 HOH HOH A . 
J 6 HOH 113 413 100 HOH HOH A . 
J 6 HOH 114 414 128 HOH HOH A . 
J 6 HOH 115 415 31  HOH HOH A . 
J 6 HOH 116 416 41  HOH HOH A . 
J 6 HOH 117 417 49  HOH HOH A . 
J 6 HOH 118 418 58  HOH HOH A . 
J 6 HOH 119 419 214 HOH HOH A . 
J 6 HOH 120 420 35  HOH HOH A . 
J 6 HOH 121 421 96  HOH HOH A . 
J 6 HOH 122 422 155 HOH HOH A . 
J 6 HOH 123 423 126 HOH HOH A . 
J 6 HOH 124 424 132 HOH HOH A . 
J 6 HOH 125 425 8   HOH HOH A . 
J 6 HOH 126 426 138 HOH HOH A . 
J 6 HOH 127 427 197 HOH HOH A . 
J 6 HOH 128 428 105 HOH HOH A . 
J 6 HOH 129 429 80  HOH HOH A . 
J 6 HOH 130 430 141 HOH HOH A . 
J 6 HOH 131 431 20  HOH HOH A . 
J 6 HOH 132 432 11  HOH HOH A . 
J 6 HOH 133 433 51  HOH HOH A . 
J 6 HOH 134 434 91  HOH HOH A . 
J 6 HOH 135 435 110 HOH HOH A . 
J 6 HOH 136 436 95  HOH HOH A . 
J 6 HOH 137 437 224 HOH HOH A . 
J 6 HOH 138 438 76  HOH HOH A . 
J 6 HOH 139 439 69  HOH HOH A . 
J 6 HOH 140 440 123 HOH HOH A . 
J 6 HOH 141 441 38  HOH HOH A . 
J 6 HOH 142 442 89  HOH HOH A . 
J 6 HOH 143 443 48  HOH HOH A . 
J 6 HOH 144 444 200 HOH HOH A . 
J 6 HOH 145 445 102 HOH HOH A . 
J 6 HOH 146 446 192 HOH HOH A . 
J 6 HOH 147 447 10  HOH HOH A . 
J 6 HOH 148 448 156 HOH HOH A . 
J 6 HOH 149 449 61  HOH HOH A . 
J 6 HOH 150 450 230 HOH HOH A . 
J 6 HOH 151 451 23  HOH HOH A . 
J 6 HOH 152 452 236 HOH HOH A . 
J 6 HOH 153 453 74  HOH HOH A . 
J 6 HOH 154 454 159 HOH HOH A . 
J 6 HOH 155 455 66  HOH HOH A . 
J 6 HOH 156 456 22  HOH HOH A . 
J 6 HOH 157 457 136 HOH HOH A . 
J 6 HOH 158 458 203 HOH HOH A . 
J 6 HOH 159 459 212 HOH HOH A . 
J 6 HOH 160 460 135 HOH HOH A . 
J 6 HOH 161 461 6   HOH HOH A . 
J 6 HOH 162 462 213 HOH HOH A . 
J 6 HOH 163 463 237 HOH HOH A . 
J 6 HOH 164 464 85  HOH HOH A . 
J 6 HOH 165 465 65  HOH HOH A . 
J 6 HOH 166 466 140 HOH HOH A . 
J 6 HOH 167 467 243 HOH HOH A . 
J 6 HOH 168 468 157 HOH HOH A . 
J 6 HOH 169 469 142 HOH HOH A . 
J 6 HOH 170 470 158 HOH HOH A . 
J 6 HOH 171 471 242 HOH HOH A . 
J 6 HOH 172 472 170 HOH HOH A . 
J 6 HOH 173 473 154 HOH HOH A . 
J 6 HOH 174 474 171 HOH HOH A . 
J 6 HOH 175 475 163 HOH HOH A . 
J 6 HOH 176 476 201 HOH HOH A . 
J 6 HOH 177 477 233 HOH HOH A . 
J 6 HOH 178 478 240 HOH HOH A . 
J 6 HOH 179 479 175 HOH HOH A . 
J 6 HOH 180 480 246 HOH HOH A . 
J 6 HOH 181 481 64  HOH HOH A . 
J 6 HOH 182 482 122 HOH HOH A . 
J 6 HOH 183 483 162 HOH HOH A . 
J 6 HOH 184 484 239 HOH HOH A . 
J 6 HOH 185 485 172 HOH HOH A . 
J 6 HOH 186 486 232 HOH HOH A . 
J 6 HOH 187 487 98  HOH HOH A . 
J 6 HOH 188 488 226 HOH HOH A . 
J 6 HOH 189 489 87  HOH HOH A . 
J 6 HOH 190 490 134 HOH HOH A . 
J 6 HOH 191 491 127 HOH HOH A . 
J 6 HOH 192 492 228 HOH HOH A . 
J 6 HOH 193 493 151 HOH HOH A . 
J 6 HOH 194 494 189 HOH HOH A . 
J 6 HOH 195 495 207 HOH HOH A . 
J 6 HOH 196 496 99  HOH HOH A . 
J 6 HOH 197 497 185 HOH HOH A . 
J 6 HOH 198 498 83  HOH HOH A . 
J 6 HOH 199 499 229 HOH HOH A . 
J 6 HOH 200 500 117 HOH HOH A . 
J 6 HOH 201 501 73  HOH HOH A . 
J 6 HOH 202 502 223 HOH HOH A . 
J 6 HOH 203 503 225 HOH HOH A . 
J 6 HOH 204 504 86  HOH HOH A . 
J 6 HOH 205 505 210 HOH HOH A . 
J 6 HOH 206 506 187 HOH HOH A . 
J 6 HOH 207 507 221 HOH HOH A . 
J 6 HOH 208 508 129 HOH HOH A . 
J 6 HOH 209 509 209 HOH HOH A . 
J 6 HOH 210 510 235 HOH HOH A . 
J 6 HOH 211 511 241 HOH HOH A . 
J 6 HOH 212 512 93  HOH HOH A . 
J 6 HOH 213 513 165 HOH HOH A . 
J 6 HOH 214 514 56  HOH HOH A . 
J 6 HOH 215 515 118 HOH HOH A . 
J 6 HOH 216 516 75  HOH HOH A . 
J 6 HOH 217 517 153 HOH HOH A . 
J 6 HOH 218 518 208 HOH HOH A . 
J 6 HOH 219 519 206 HOH HOH A . 
J 6 HOH 220 520 218 HOH HOH A . 
J 6 HOH 221 521 114 HOH HOH A . 
J 6 HOH 222 522 199 HOH HOH A . 
J 6 HOH 223 523 92  HOH HOH A . 
J 6 HOH 224 524 222 HOH HOH A . 
J 6 HOH 225 525 125 HOH HOH A . 
J 6 HOH 226 526 160 HOH HOH A . 
J 6 HOH 227 527 164 HOH HOH A . 
J 6 HOH 228 528 244 HOH HOH A . 
# 
loop_
_software.classification 
_software.name 
_software.version 
_software.citation_id 
_software.pdbx_ordinal 
refinement       REFMAC  5.8.0267 ? 1 
refinement       REFMAC5 .        ? 2 
'data scaling'   Aimless .        ? 3 
phasing          PHASER  .        ? 4 
'data reduction' XDS     .        ? 5 
# 
_cell.entry_id           7H40 
_cell.length_a           86.244 
_cell.length_b           56.467 
_cell.length_c           32.382 
_cell.angle_alpha        90.00 
_cell.angle_beta         94.71 
_cell.angle_gamma        90.00 
_cell.Z_PDB              4 
_cell.pdbx_unique_axis   ? 
# 
_symmetry.entry_id                         7H40 
_symmetry.space_group_name_H-M             'C 1 2 1' 
_symmetry.pdbx_full_space_group_name_H-M   ? 
_symmetry.cell_setting                     ? 
_symmetry.Int_Tables_number                5 
# 
_exptl.entry_id          7H40 
_exptl.method            'X-RAY DIFFRACTION' 
_exptl.crystals_number   1 
# 
_exptl_crystal.id                    1 
_exptl_crystal.density_meas          ? 
_exptl_crystal.density_Matthews      2.38 
_exptl_crystal.density_percent_sol   48.37 
_exptl_crystal.description           ? 
# 
_exptl_crystal_grow.crystal_id      1 
_exptl_crystal_grow.method          'VAPOR DIFFUSION, SITTING DROP' 
_exptl_crystal_grow.pH              6.05 
_exptl_crystal_grow.temp            293.15 
_exptl_crystal_grow.pdbx_details    '0.1 M MES, pH 6.05, 16 % PEG 20,000' 
_exptl_crystal_grow.temp_details    ? 
_exptl_crystal_grow.pdbx_pH_range   ? 
# 
_diffrn.id                     1 
_diffrn.ambient_temp           100 
_diffrn.crystal_id             1 
_diffrn.ambient_temp_details   ? 
# 
_diffrn_detector.detector               PIXEL 
_diffrn_detector.type                   'DECTRIS EIGER2 XE 16M' 
_diffrn_detector.pdbx_collection_date   2023-10-11 
_diffrn_detector.diffrn_id              1 
_diffrn_detector.details                ? 
# 
_diffrn_radiation.diffrn_id                        1 
_diffrn_radiation.wavelength_id                    1 
_diffrn_radiation.pdbx_diffrn_protocol             'SINGLE WAVELENGTH' 
_diffrn_radiation.pdbx_monochromatic_or_laue_m_l   ? 
_diffrn_radiation.monochromator                    ? 
_diffrn_radiation.pdbx_scattering_type             x-ray 
# 
_diffrn_radiation_wavelength.id           1 
_diffrn_radiation_wavelength.wavelength   0.94054 
_diffrn_radiation_wavelength.wt           1.0 
# 
_diffrn_source.diffrn_id                   1 
_diffrn_source.source                      SYNCHROTRON 
_diffrn_source.type                        'DIAMOND BEAMLINE I03' 
_diffrn_source.pdbx_wavelength_list        0.94054 
_diffrn_source.pdbx_synchrotron_site       Diamond 
_diffrn_source.pdbx_synchrotron_beamline   I03 
_diffrn_source.pdbx_wavelength             ? 
# 
_reflns.entry_id                     7H40 
_reflns.pdbx_diffrn_id               1 
_reflns.pdbx_ordinal                 1 
_reflns.d_resolution_low             47.19 
_reflns.d_resolution_high            1.32 
_reflns.number_obs                   35927 
_reflns.percent_possible_obs         98.7 
_reflns.pdbx_Rmerge_I_obs            0.117 
_reflns.pdbx_netI_over_sigmaI        13.7 
_reflns.pdbx_redundancy              6.9 
_reflns.pdbx_Rrim_I_all              0.127 
_reflns.pdbx_Rpim_I_all              0.048 
_reflns.pdbx_CC_half                 0.988 
_reflns.pdbx_number_measured_all     249101 
_reflns.pdbx_chi_squared             0.89 
_reflns.observed_criterion_sigma_I   ? 
_reflns.observed_criterion_sigma_F   ? 
_reflns.number_all                   ? 
_reflns.pdbx_Rsym_value              ? 
_reflns.B_iso_Wilson_estimate        ? 
# 
_reflns_shell.pdbx_diffrn_id              1 
_reflns_shell.pdbx_ordinal                1 
_reflns_shell.d_res_high                  1.32 
_reflns_shell.d_res_low                   1.34 
_reflns_shell.number_measured_all         12299 
_reflns_shell.number_unique_obs           1820 
_reflns_shell.Rmerge_I_obs                3.215 
_reflns_shell.pdbx_chi_squared            0.41 
_reflns_shell.pdbx_redundancy             6.8 
_reflns_shell.percent_possible_obs        97.5 
_reflns_shell.pdbx_netI_over_sigmaI_obs   0.8 
_reflns_shell.pdbx_Rrim_I_all             3.483 
_reflns_shell.pdbx_Rpim_I_all             1.324 
_reflns_shell.pdbx_CC_half                0.147 
_reflns_shell.percent_possible_all        ? 
_reflns_shell.pdbx_Rsym_value             ? 
_reflns_shell.meanI_over_sigI_obs         ? 
# 
_refine.pdbx_refine_id                           'X-RAY DIFFRACTION' 
_refine.entry_id                                 7H40 
_refine.pdbx_diffrn_id                           1 
_refine.pdbx_TLS_residual_ADP_flag               ? 
_refine.ls_number_reflns_obs                     34094 
_refine.ls_number_reflns_all                     ? 
_refine.pdbx_ls_sigma_I                          ? 
_refine.pdbx_ls_sigma_F                          ? 
_refine.pdbx_data_cutoff_high_absF               ? 
_refine.pdbx_data_cutoff_low_absF                ? 
_refine.pdbx_data_cutoff_high_rms_absF           ? 
_refine.ls_d_res_low                             47.19 
_refine.ls_d_res_high                            1.32 
_refine.ls_percent_reflns_obs                    98.34 
_refine.ls_R_factor_obs                          0.23600 
_refine.ls_R_factor_all                          ? 
_refine.ls_R_factor_R_work                       0.23509 
_refine.ls_R_factor_R_free                       0.25289 
_refine.ls_R_factor_R_free_error                 ? 
_refine.ls_R_factor_R_free_error_details         ? 
_refine.ls_percent_reflns_R_free                 5.0 
_refine.ls_number_reflns_R_free                  1786 
_refine.ls_number_parameters                     ? 
_refine.ls_number_restraints                     ? 
_refine.occupancy_min                            ? 
_refine.occupancy_max                            ? 
_refine.correlation_coeff_Fo_to_Fc               0.934 
_refine.correlation_coeff_Fo_to_Fc_free          0.935 
_refine.B_iso_mean                               22.454 
_refine.aniso_B[1][1]                            0.23 
_refine.aniso_B[2][2]                            0.26 
_refine.aniso_B[3][3]                            -0.48 
_refine.aniso_B[1][2]                            0.00 
_refine.aniso_B[1][3]                            -0.09 
_refine.aniso_B[2][3]                            0.00 
_refine.solvent_model_details                    MASK 
_refine.solvent_model_param_ksol                 ? 
_refine.solvent_model_param_bsol                 ? 
_refine.pdbx_solvent_vdw_probe_radii             1.20 
_refine.pdbx_solvent_ion_probe_radii             0.80 
_refine.pdbx_solvent_shrinkage_radii             0.80 
_refine.pdbx_ls_cross_valid_method               THROUGHOUT 
_refine.details                                  'HYDROGENS HAVE BEEN ADDED IN THE RIDING POSITIONS' 
_refine.pdbx_starting_model                      ? 
_refine.pdbx_method_to_determine_struct          'MOLECULAR REPLACEMENT' 
_refine.pdbx_isotropic_thermal_model             ? 
_refine.pdbx_stereochemistry_target_values       'MAXIMUM LIKELIHOOD' 
_refine.pdbx_stereochem_target_val_spec_case     ? 
_refine.pdbx_R_Free_selection_details            RANDOM 
_refine.pdbx_overall_ESU_R                       0.093 
_refine.pdbx_overall_ESU_R_Free                  0.086 
_refine.overall_SU_ML                            ? 
_refine.pdbx_overall_phase_error                 ? 
_refine.overall_SU_B                             ? 
_refine.overall_SU_R_Cruickshank_DPI             ? 
_refine.pdbx_overall_SU_R_free_Cruickshank_DPI   ? 
_refine.pdbx_overall_SU_R_Blow_DPI               ? 
_refine.pdbx_overall_SU_R_free_Blow_DPI          ? 
# 
_refine_hist.pdbx_refine_id                   'X-RAY DIFFRACTION' 
_refine_hist.cycle_id                         1 
_refine_hist.pdbx_number_atoms_protein        1083 
_refine_hist.pdbx_number_atoms_nucleic_acid   0 
_refine_hist.pdbx_number_atoms_ligand         38 
_refine_hist.number_atoms_solvent             228 
_refine_hist.number_atoms_total               1349 
_refine_hist.d_res_high                       1.32 
_refine_hist.d_res_low                        47.19 
# 
loop_
_refine_ls_restr.type 
_refine_ls_restr.dev_ideal 
_refine_ls_restr.dev_ideal_target 
_refine_ls_restr.weight 
_refine_ls_restr.number 
_refine_ls_restr.pdbx_refine_id 
_refine_ls_restr.pdbx_restraint_function 
r_bond_refined_d             0.028  0.015  ? 2779 'X-RAY DIFFRACTION' ? 
r_bond_other_d               0.036  0.015  ? 1763 'X-RAY DIFFRACTION' ? 
r_angle_refined_deg          2.535  1.616  ? 2706 'X-RAY DIFFRACTION' ? 
r_angle_other_deg            2.598  1.582  ? 4029 'X-RAY DIFFRACTION' ? 
r_dihedral_angle_1_deg       6.413  5.000  ? 256  'X-RAY DIFFRACTION' ? 
r_dihedral_angle_2_deg       37.595 21.485 ? 101  'X-RAY DIFFRACTION' ? 
r_dihedral_angle_3_deg       15.234 15.000 ? 277  'X-RAY DIFFRACTION' ? 
r_dihedral_angle_4_deg       23.097 15.000 ? 12   'X-RAY DIFFRACTION' ? 
r_chiral_restr               0.125  0.200  ? 230  'X-RAY DIFFRACTION' ? 
r_gen_planes_refined         0.014  0.020  ? 2476 'X-RAY DIFFRACTION' ? 
r_gen_planes_other           0.020  0.020  ? 488  'X-RAY DIFFRACTION' ? 
r_nbd_refined                ?      ?      ? ?    'X-RAY DIFFRACTION' ? 
r_nbd_other                  ?      ?      ? ?    'X-RAY DIFFRACTION' ? 
r_nbtor_refined              ?      ?      ? ?    'X-RAY DIFFRACTION' ? 
r_nbtor_other                ?      ?      ? ?    'X-RAY DIFFRACTION' ? 
r_xyhbond_nbd_refined        ?      ?      ? ?    'X-RAY DIFFRACTION' ? 
r_xyhbond_nbd_other          ?      ?      ? ?    'X-RAY DIFFRACTION' ? 
r_metal_ion_refined          ?      ?      ? ?    'X-RAY DIFFRACTION' ? 
r_metal_ion_other            ?      ?      ? ?    'X-RAY DIFFRACTION' ? 
r_symmetry_vdw_refined       ?      ?      ? ?    'X-RAY DIFFRACTION' ? 
r_symmetry_vdw_other         ?      ?      ? ?    'X-RAY DIFFRACTION' ? 
r_symmetry_hbond_refined     ?      ?      ? ?    'X-RAY DIFFRACTION' ? 
r_symmetry_hbond_other       ?      ?      ? ?    'X-RAY DIFFRACTION' ? 
r_symmetry_metal_ion_refined ?      ?      ? ?    'X-RAY DIFFRACTION' ? 
r_symmetry_metal_ion_other   ?      ?      ? ?    'X-RAY DIFFRACTION' ? 
r_mcbond_it                  1.630  2.101  ? 1437 'X-RAY DIFFRACTION' ? 
r_mcbond_other               1.639  2.085  ? 1421 'X-RAY DIFFRACTION' ? 
r_mcangle_it                 2.748  3.115  ? 1260 'X-RAY DIFFRACTION' ? 
r_mcangle_other              2.753  3.121  ? 1259 'X-RAY DIFFRACTION' ? 
r_scbond_it                  2.015  2.398  ? 1339 'X-RAY DIFFRACTION' ? 
r_scbond_other               2.014  2.399  ? 1339 'X-RAY DIFFRACTION' ? 
r_scangle_it                 ?      ?      ? ?    'X-RAY DIFFRACTION' ? 
r_scangle_other              3.189  3.496  ? 1441 'X-RAY DIFFRACTION' ? 
r_long_range_B_refined       7.022  28.878 ? 2478 'X-RAY DIFFRACTION' ? 
r_long_range_B_other         7.020  28.901 ? 2479 'X-RAY DIFFRACTION' ? 
r_rigid_bond_restr           ?      ?      ? ?    'X-RAY DIFFRACTION' ? 
r_sphericity_free            ?      ?      ? ?    'X-RAY DIFFRACTION' ? 
r_sphericity_bonded          ?      ?      ? ?    'X-RAY DIFFRACTION' ? 
# 
_refine_ls_shell.pdbx_refine_id                   'X-RAY DIFFRACTION' 
_refine_ls_shell.pdbx_total_number_of_bins_used   20 
_refine_ls_shell.d_res_high                       1.319 
_refine_ls_shell.d_res_low                        1.353 
_refine_ls_shell.number_reflns_R_work             2498 
_refine_ls_shell.R_factor_R_work                  0.335 
_refine_ls_shell.percent_reflns_obs               96.39 
_refine_ls_shell.R_factor_R_free                  0.409 
_refine_ls_shell.R_factor_R_free_error            ? 
_refine_ls_shell.percent_reflns_R_free            ? 
_refine_ls_shell.number_reflns_R_free             115 
_refine_ls_shell.number_reflns_all                ? 
_refine_ls_shell.R_factor_all                     ? 
# 
_struct.entry_id                  7H40 
_struct.title                     
;Group deposition for crystallographic fragment screening of Coxsackievirus A16 (G-10) 2A protease -- Crystal structure of Coxsackievirus A16 (G-10) 2A protease in complex with Z1217131798 (A71EV2A-x0526)
;
_struct.pdbx_model_details        ? 
_struct.pdbx_CASP_flag            ? 
_struct.pdbx_model_type_details   ? 
# 
_struct_keywords.entry_id        7H40 
_struct_keywords.pdbx_keywords   HYDROLASE 
_struct_keywords.text            
;Diamond Light Source, I03, ASAP, Coxsackievirus A16, crystallographic fragment screening, PanDDA, Pandda2, XChemExplorer, viral protein, HYDROLASE
;
# 
loop_
_struct_asym.id 
_struct_asym.pdbx_blank_PDB_chainid_flag 
_struct_asym.pdbx_modified 
_struct_asym.entity_id 
_struct_asym.details 
A N N 1 ? 
B N N 2 ? 
C N N 3 ? 
D N N 4 ? 
E N N 4 ? 
F N N 4 ? 
G N N 4 ? 
H N N 4 ? 
I N N 5 ? 
J N N 6 ? 
# 
_struct_ref.id                         1 
_struct_ref.db_name                    UNP 
_struct_ref.db_code                    POLG_CX16G 
_struct_ref.pdbx_db_accession          Q65900 
_struct_ref.pdbx_db_isoform            ? 
_struct_ref.entity_id                  1 
_struct_ref.pdbx_seq_one_letter_code   
;SGAIYVGNYRVVNRHLATHNDWANLVWEDSSRDLLVSSTTAQGCDTIARCDCQTGVYYCSSRRKHYPVSFSKPSLIFVEA
SEYYPARYQSHLMLAVGHSEPGDCGGILRCQHGVVGIVSTGGNGLVGFADVRDLLWLDEEAMEQ
;
_struct_ref.pdbx_align_begin           869 
# 
_struct_ref_seq.align_id                      1 
_struct_ref_seq.ref_id                        1 
_struct_ref_seq.pdbx_PDB_id_code              7H40 
_struct_ref_seq.pdbx_strand_id                A 
_struct_ref_seq.seq_align_beg                 7 
_struct_ref_seq.pdbx_seq_align_beg_ins_code   ? 
_struct_ref_seq.seq_align_end                 150 
_struct_ref_seq.pdbx_seq_align_end_ins_code   ? 
_struct_ref_seq.pdbx_db_accession             Q65900 
_struct_ref_seq.db_align_beg                  869 
_struct_ref_seq.pdbx_db_align_beg_ins_code    ? 
_struct_ref_seq.db_align_end                  1012 
_struct_ref_seq.pdbx_db_align_end_ins_code    ? 
_struct_ref_seq.pdbx_auth_seq_align_beg       7 
_struct_ref_seq.pdbx_auth_seq_align_end       150 
# 
loop_
_struct_ref_seq_dif.align_id 
_struct_ref_seq_dif.pdbx_pdb_id_code 
_struct_ref_seq_dif.mon_id 
_struct_ref_seq_dif.pdbx_pdb_strand_id 
_struct_ref_seq_dif.seq_num 
_struct_ref_seq_dif.pdbx_pdb_ins_code 
_struct_ref_seq_dif.pdbx_seq_db_name 
_struct_ref_seq_dif.pdbx_seq_db_accession_code 
_struct_ref_seq_dif.db_mon_id 
_struct_ref_seq_dif.pdbx_seq_db_seq_num 
_struct_ref_seq_dif.details 
_struct_ref_seq_dif.pdbx_auth_seq_num 
_struct_ref_seq_dif.pdbx_ordinal 
1 7H40 GLN A 1 ? UNP Q65900 ? ? 'expression tag' 1 1 
1 7H40 GLU A 2 ? UNP Q65900 ? ? 'expression tag' 2 2 
1 7H40 GLN A 3 ? UNP Q65900 ? ? 'expression tag' 3 3 
1 7H40 THR A 4 ? UNP Q65900 ? ? 'expression tag' 4 4 
1 7H40 GLY A 5 ? UNP Q65900 ? ? 'expression tag' 5 5 
1 7H40 GLY A 6 ? UNP Q65900 ? ? 'expression tag' 6 6 
# 
_pdbx_struct_assembly.id                   1 
_pdbx_struct_assembly.details              author_and_software_defined_assembly 
_pdbx_struct_assembly.method_details       PISA 
_pdbx_struct_assembly.oligomeric_details   monomeric 
_pdbx_struct_assembly.oligomeric_count     1 
# 
loop_
_pdbx_struct_assembly_prop.biol_id 
_pdbx_struct_assembly_prop.type 
_pdbx_struct_assembly_prop.value 
_pdbx_struct_assembly_prop.details 
1 'ABSA (A^2)' 830  ? 
1 MORE         -5   ? 
1 'SSA (A^2)'  7540 ? 
# 
_pdbx_struct_assembly_gen.assembly_id       1 
_pdbx_struct_assembly_gen.oper_expression   1 
_pdbx_struct_assembly_gen.asym_id_list      A,B,C,D,E,F,G,H,I,J 
# 
_pdbx_struct_oper_list.id                   1 
_pdbx_struct_oper_list.type                 'identity operation' 
_pdbx_struct_oper_list.name                 1_555 
_pdbx_struct_oper_list.symmetry_operation   x,y,z 
_pdbx_struct_oper_list.matrix[1][1]         1.0000000000 
_pdbx_struct_oper_list.matrix[1][2]         0.0000000000 
_pdbx_struct_oper_list.matrix[1][3]         0.0000000000 
_pdbx_struct_oper_list.vector[1]            0.0000000000 
_pdbx_struct_oper_list.matrix[2][1]         0.0000000000 
_pdbx_struct_oper_list.matrix[2][2]         1.0000000000 
_pdbx_struct_oper_list.matrix[2][3]         0.0000000000 
_pdbx_struct_oper_list.vector[2]            0.0000000000 
_pdbx_struct_oper_list.matrix[3][1]         0.0000000000 
_pdbx_struct_oper_list.matrix[3][2]         0.0000000000 
_pdbx_struct_oper_list.matrix[3][3]         1.0000000000 
_pdbx_struct_oper_list.vector[3]            0.0000000000 
# 
loop_
_struct_conf.conf_type_id 
_struct_conf.id 
_struct_conf.pdbx_PDB_helix_id 
_struct_conf.beg_label_comp_id 
_struct_conf.beg_label_asym_id 
_struct_conf.beg_label_seq_id 
_struct_conf.pdbx_beg_PDB_ins_code 
_struct_conf.end_label_comp_id 
_struct_conf.end_label_asym_id 
_struct_conf.end_label_seq_id 
_struct_conf.pdbx_end_PDB_ins_code 
_struct_conf.beg_auth_comp_id 
_struct_conf.beg_auth_asym_id 
_struct_conf.beg_auth_seq_id 
_struct_conf.end_auth_comp_id 
_struct_conf.end_auth_asym_id 
_struct_conf.end_auth_seq_id 
_struct_conf.pdbx_PDB_helix_class 
_struct_conf.details 
_struct_conf.pdbx_PDB_helix_length 
HELX_P HELX_P1 AA1 HIS A 21  ? ALA A 23  ? HIS A 21  ALA A 23  5 ? 3 
HELX_P HELX_P2 AA2 THR A 24  ? ASN A 30  ? THR A 24  ASN A 30  1 ? 7 
HELX_P HELX_P3 AA3 SER A 66  ? ARG A 69  ? SER A 66  ARG A 69  5 ? 4 
HELX_P HELX_P4 AA4 GLU A 106 ? CYS A 110 ? GLU A 106 CYS A 110 5 ? 5 
HELX_P HELX_P5 AA5 LEU A 140 ? GLU A 145 ? LEU A 140 GLU A 145 5 ? 6 
# 
_struct_conf_type.id          HELX_P 
_struct_conf_type.criteria    ? 
_struct_conf_type.reference   ? 
# 
loop_
_struct_conn.id 
_struct_conn.conn_type_id 
_struct_conn.pdbx_leaving_atom_flag 
_struct_conn.pdbx_PDB_id 
_struct_conn.ptnr1_label_asym_id 
_struct_conn.ptnr1_label_comp_id 
_struct_conn.ptnr1_label_seq_id 
_struct_conn.ptnr1_label_atom_id 
_struct_conn.pdbx_ptnr1_label_alt_id 
_struct_conn.pdbx_ptnr1_PDB_ins_code 
_struct_conn.pdbx_ptnr1_standard_comp_id 
_struct_conn.ptnr1_symmetry 
_struct_conn.ptnr2_label_asym_id 
_struct_conn.ptnr2_label_comp_id 
_struct_conn.ptnr2_label_seq_id 
_struct_conn.ptnr2_label_atom_id 
_struct_conn.pdbx_ptnr2_label_alt_id 
_struct_conn.pdbx_ptnr2_PDB_ins_code 
_struct_conn.ptnr1_auth_asym_id 
_struct_conn.ptnr1_auth_comp_id 
_struct_conn.ptnr1_auth_seq_id 
_struct_conn.ptnr2_auth_asym_id 
_struct_conn.ptnr2_auth_comp_id 
_struct_conn.ptnr2_auth_seq_id 
_struct_conn.ptnr2_symmetry 
_struct_conn.pdbx_ptnr3_label_atom_id 
_struct_conn.pdbx_ptnr3_label_seq_id 
_struct_conn.pdbx_ptnr3_label_comp_id 
_struct_conn.pdbx_ptnr3_label_asym_id 
_struct_conn.pdbx_ptnr3_label_alt_id 
_struct_conn.pdbx_ptnr3_PDB_ins_code 
_struct_conn.details 
_struct_conn.pdbx_dist_value 
_struct_conn.pdbx_value_order 
_struct_conn.pdbx_role 
metalc1 metalc ? ? A CYS 56  SG  ? ? ? 1_555 C ZN . ZN ? ? A CYS 56  A ZN 202 1_555 ? ? ? ? ? ? ? 2.336 ? ? 
metalc2 metalc ? ? A CYS 58  SG  ? ? ? 1_555 C ZN . ZN ? ? A CYS 58  A ZN 202 1_555 ? ? ? ? ? ? ? 2.303 ? ? 
metalc3 metalc ? ? A CYS 116 SG  ? ? ? 1_555 C ZN . ZN ? ? A CYS 116 A ZN 202 1_555 ? ? ? ? ? ? ? 2.289 ? ? 
metalc4 metalc ? ? A HIS 118 ND1 ? ? ? 1_555 C ZN . ZN ? ? A HIS 118 A ZN 202 1_555 ? ? ? ? ? ? ? 2.073 ? ? 
# 
_struct_conn_type.id          metalc 
_struct_conn_type.criteria    ? 
_struct_conn_type.reference   ? 
# 
loop_
_pdbx_struct_conn_angle.id 
_pdbx_struct_conn_angle.ptnr1_label_atom_id 
_pdbx_struct_conn_angle.ptnr1_label_alt_id 
_pdbx_struct_conn_angle.ptnr1_label_asym_id 
_pdbx_struct_conn_angle.ptnr1_label_comp_id 
_pdbx_struct_conn_angle.ptnr1_label_seq_id 
_pdbx_struct_conn_angle.ptnr1_auth_atom_id 
_pdbx_struct_conn_angle.ptnr1_auth_asym_id 
_pdbx_struct_conn_angle.ptnr1_auth_comp_id 
_pdbx_struct_conn_angle.ptnr1_auth_seq_id 
_pdbx_struct_conn_angle.ptnr1_PDB_ins_code 
_pdbx_struct_conn_angle.ptnr1_symmetry 
_pdbx_struct_conn_angle.ptnr2_label_atom_id 
_pdbx_struct_conn_angle.ptnr2_label_alt_id 
_pdbx_struct_conn_angle.ptnr2_label_asym_id 
_pdbx_struct_conn_angle.ptnr2_label_comp_id 
_pdbx_struct_conn_angle.ptnr2_label_seq_id 
_pdbx_struct_conn_angle.ptnr2_auth_atom_id 
_pdbx_struct_conn_angle.ptnr2_auth_asym_id 
_pdbx_struct_conn_angle.ptnr2_auth_comp_id 
_pdbx_struct_conn_angle.ptnr2_auth_seq_id 
_pdbx_struct_conn_angle.ptnr2_PDB_ins_code 
_pdbx_struct_conn_angle.ptnr2_symmetry 
_pdbx_struct_conn_angle.ptnr3_label_atom_id 
_pdbx_struct_conn_angle.ptnr3_label_alt_id 
_pdbx_struct_conn_angle.ptnr3_label_asym_id 
_pdbx_struct_conn_angle.ptnr3_label_comp_id 
_pdbx_struct_conn_angle.ptnr3_label_seq_id 
_pdbx_struct_conn_angle.ptnr3_auth_atom_id 
_pdbx_struct_conn_angle.ptnr3_auth_asym_id 
_pdbx_struct_conn_angle.ptnr3_auth_comp_id 
_pdbx_struct_conn_angle.ptnr3_auth_seq_id 
_pdbx_struct_conn_angle.ptnr3_PDB_ins_code 
_pdbx_struct_conn_angle.ptnr3_symmetry 
_pdbx_struct_conn_angle.value 
_pdbx_struct_conn_angle.value_esd 
1 SG ? A CYS 56  ? A CYS 56  ? 1_555 ZN ? C ZN . ? A ZN 202 ? 1_555 SG  ? A CYS 58  ? A CYS 58  ? 1_555 109.5 ? 
2 SG ? A CYS 56  ? A CYS 56  ? 1_555 ZN ? C ZN . ? A ZN 202 ? 1_555 SG  ? A CYS 116 ? A CYS 116 ? 1_555 105.8 ? 
3 SG ? A CYS 58  ? A CYS 58  ? 1_555 ZN ? C ZN . ? A ZN 202 ? 1_555 SG  ? A CYS 116 ? A CYS 116 ? 1_555 117.9 ? 
4 SG ? A CYS 56  ? A CYS 56  ? 1_555 ZN ? C ZN . ? A ZN 202 ? 1_555 ND1 ? A HIS 118 ? A HIS 118 ? 1_555 105.4 ? 
5 SG ? A CYS 58  ? A CYS 58  ? 1_555 ZN ? C ZN . ? A ZN 202 ? 1_555 ND1 ? A HIS 118 ? A HIS 118 ? 1_555 101.1 ? 
6 SG ? A CYS 116 ? A CYS 116 ? 1_555 ZN ? C ZN . ? A ZN 202 ? 1_555 ND1 ? A HIS 118 ? A HIS 118 ? 1_555 116.5 ? 
# 
loop_
_struct_sheet.id 
_struct_sheet.type 
_struct_sheet.number_strands 
_struct_sheet.details 
AA1 ? 3 ? 
AA2 ? 7 ? 
# 
loop_
_struct_sheet_order.sheet_id 
_struct_sheet_order.range_id_1 
_struct_sheet_order.range_id_2 
_struct_sheet_order.offset 
_struct_sheet_order.sense 
AA1 1 2 ? anti-parallel 
AA1 2 3 ? anti-parallel 
AA2 1 2 ? anti-parallel 
AA2 2 3 ? anti-parallel 
AA2 3 4 ? anti-parallel 
AA2 4 5 ? anti-parallel 
AA2 5 6 ? anti-parallel 
AA2 6 7 ? anti-parallel 
# 
loop_
_struct_sheet_range.sheet_id 
_struct_sheet_range.id 
_struct_sheet_range.beg_label_comp_id 
_struct_sheet_range.beg_label_asym_id 
_struct_sheet_range.beg_label_seq_id 
_struct_sheet_range.pdbx_beg_PDB_ins_code 
_struct_sheet_range.end_label_comp_id 
_struct_sheet_range.end_label_asym_id 
_struct_sheet_range.end_label_seq_id 
_struct_sheet_range.pdbx_end_PDB_ins_code 
_struct_sheet_range.beg_auth_comp_id 
_struct_sheet_range.beg_auth_asym_id 
_struct_sheet_range.beg_auth_seq_id 
_struct_sheet_range.end_auth_comp_id 
_struct_sheet_range.end_auth_asym_id 
_struct_sheet_range.end_auth_seq_id 
AA1 1 LEU A 31  ? ASP A 35  ? LEU A 31  ASP A 35  
AA1 2 LEU A 40  ? CYS A 50  ? LEU A 40  CYS A 50  
AA1 3 ILE A 10  ? ASN A 19  ? ILE A 10  ASN A 19  
AA2 1 LYS A 70  ? SER A 75  ? LYS A 70  SER A 75  
AA2 2 THR A 60  ? CYS A 65  ? THR A 60  CYS A 65  
AA2 3 ILE A 113 ? CYS A 116 ? ILE A 113 CYS A 116 
AA2 4 GLY A 119 ? GLY A 128 ? GLY A 119 GLY A 128 
AA2 5 LEU A 131 ? ASP A 136 ? LEU A 131 ASP A 136 
AA2 6 GLN A 95  ? VAL A 102 ? GLN A 95  VAL A 102 
AA2 7 SER A 80  ? ILE A 82  ? SER A 80  ILE A 82  
# 
loop_
_pdbx_struct_sheet_hbond.sheet_id 
_pdbx_struct_sheet_hbond.range_id_1 
_pdbx_struct_sheet_hbond.range_id_2 
_pdbx_struct_sheet_hbond.range_1_label_atom_id 
_pdbx_struct_sheet_hbond.range_1_label_comp_id 
_pdbx_struct_sheet_hbond.range_1_label_asym_id 
_pdbx_struct_sheet_hbond.range_1_label_seq_id 
_pdbx_struct_sheet_hbond.range_1_PDB_ins_code 
_pdbx_struct_sheet_hbond.range_1_auth_atom_id 
_pdbx_struct_sheet_hbond.range_1_auth_comp_id 
_pdbx_struct_sheet_hbond.range_1_auth_asym_id 
_pdbx_struct_sheet_hbond.range_1_auth_seq_id 
_pdbx_struct_sheet_hbond.range_2_label_atom_id 
_pdbx_struct_sheet_hbond.range_2_label_comp_id 
_pdbx_struct_sheet_hbond.range_2_label_asym_id 
_pdbx_struct_sheet_hbond.range_2_label_seq_id 
_pdbx_struct_sheet_hbond.range_2_PDB_ins_code 
_pdbx_struct_sheet_hbond.range_2_auth_atom_id 
_pdbx_struct_sheet_hbond.range_2_auth_comp_id 
_pdbx_struct_sheet_hbond.range_2_auth_asym_id 
_pdbx_struct_sheet_hbond.range_2_auth_seq_id 
AA1 1 2 N TRP A 33  ? N TRP A 33  O VAL A 42  ? O VAL A 42  
AA1 2 3 N LEU A 41  ? N LEU A 41  O VAL A 18  ? O VAL A 18  
AA2 1 2 O LYS A 70  ? O LYS A 70  N CYS A 65  ? N CYS A 65  
AA2 2 3 N VAL A 62  ? N VAL A 62  O ARG A 115 ? O ARG A 115 
AA2 3 4 N LEU A 114 ? N LEU A 114 O VAL A 121 ? O VAL A 121 
AA2 4 5 N SER A 125 ? N SER A 125 O GLY A 133 ? O GLY A 133 
AA2 5 6 O VAL A 132 ? O VAL A 132 N ALA A 101 ? N ALA A 101 
AA2 6 7 O LEU A 98  ? O LEU A 98  N SER A 80  ? N SER A 80  
# 
_pdbx_entry_details.entry_id                   7H40 
_pdbx_entry_details.compound_details           ? 
_pdbx_entry_details.source_details             ? 
_pdbx_entry_details.nonpolymer_details         ? 
_pdbx_entry_details.sequence_details           ? 
_pdbx_entry_details.has_ligand_of_interest     ? 
_pdbx_entry_details.has_protein_modification   N 
# 
loop_
_pdbx_validate_close_contact.id 
_pdbx_validate_close_contact.PDB_model_num 
_pdbx_validate_close_contact.auth_atom_id_1 
_pdbx_validate_close_contact.auth_asym_id_1 
_pdbx_validate_close_contact.auth_comp_id_1 
_pdbx_validate_close_contact.auth_seq_id_1 
_pdbx_validate_close_contact.PDB_ins_code_1 
_pdbx_validate_close_contact.label_alt_id_1 
_pdbx_validate_close_contact.auth_atom_id_2 
_pdbx_validate_close_contact.auth_asym_id_2 
_pdbx_validate_close_contact.auth_comp_id_2 
_pdbx_validate_close_contact.auth_seq_id_2 
_pdbx_validate_close_contact.PDB_ins_code_2 
_pdbx_validate_close_contact.label_alt_id_2 
_pdbx_validate_close_contact.dist 
1  1 OH  A TYR 90  ? ? O A HOH 301 ? ? 0.75 
2  1 O   A SER 87  ? ? O A HOH 302 ? ? 1.25 
3  1 CD  A ARG 93  ? ? O A HOH 304 ? ? 1.26 
4  1 CE2 A TYR 94  ? ? O A HOH 467 ? ? 1.32 
5  1 CB  A ALA 86  ? ? O A HOH 385 ? ? 1.42 
6  1 CZ  A TYR 90  ? ? O A HOH 301 ? ? 1.49 
7  1 CD  A ARG 93  ? ? O A HOH 305 ? ? 1.59 
8  1 CG  A ARG 93  ? ? O A HOH 305 ? ? 1.63 
9  1 CD2 A TYR 94  ? ? O A HOH 467 ? ? 1.75 
10 1 O   A TYR 89  ? ? O A HOH 303 ? ? 1.83 
11 1 NE  A ARG 93  ? ? O A HOH 304 ? ? 1.87 
12 1 CE1 A TYR 90  ? ? O A HOH 301 ? ? 1.93 
13 1 NE  A ARG 93  ? ? O A HOH 305 ? ? 1.99 
14 1 O   A HOH 408 ? ? O A HOH 448 ? ? 2.00 
15 1 NH2 A ARG 93  ? ? O A HOH 304 ? ? 2.02 
16 1 CB  A ALA 86  ? ? O A HOH 452 ? ? 2.08 
17 1 O   A HOH 371 ? ? O A HOH 482 ? ? 2.11 
18 1 O   A THR 46  ? ? O A HOH 306 ? ? 2.15 
19 1 O   A HOH 463 ? ? O A HOH 489 ? ? 2.16 
20 1 O   A PRO 79  ? ? O A HOH 307 ? ? 2.16 
21 1 O   A HOH 518 ? ? O A HOH 523 ? ? 2.16 
22 1 N   A ALA 86  ? ? O A HOH 308 ? ? 2.18 
23 1 O   A HOH 456 ? ? O A HOH 485 ? ? 2.18 
24 1 CZ  A ARG 93  ? ? O A HOH 304 ? ? 2.18 
25 1 CG  A ARG 93  ? ? O A HOH 304 ? ? 2.19 
26 1 O   A HOH 308 ? ? O A HOH 452 ? ? 2.19 
# 
loop_
_pdbx_validate_symm_contact.id 
_pdbx_validate_symm_contact.PDB_model_num 
_pdbx_validate_symm_contact.auth_atom_id_1 
_pdbx_validate_symm_contact.auth_asym_id_1 
_pdbx_validate_symm_contact.auth_comp_id_1 
_pdbx_validate_symm_contact.auth_seq_id_1 
_pdbx_validate_symm_contact.PDB_ins_code_1 
_pdbx_validate_symm_contact.label_alt_id_1 
_pdbx_validate_symm_contact.site_symmetry_1 
_pdbx_validate_symm_contact.auth_atom_id_2 
_pdbx_validate_symm_contact.auth_asym_id_2 
_pdbx_validate_symm_contact.auth_comp_id_2 
_pdbx_validate_symm_contact.auth_seq_id_2 
_pdbx_validate_symm_contact.PDB_ins_code_2 
_pdbx_validate_symm_contact.label_alt_id_2 
_pdbx_validate_symm_contact.site_symmetry_2 
_pdbx_validate_symm_contact.dist 
1  1 SG A CYS 50  ? ? 1_555 CG A PRO 91  ? ? 4_546 0.27 
2  1 SG A CYS 50  ? ? 1_555 CB A PRO 91  ? ? 4_546 1.26 
3  1 O2 A SO4 208 ? ? 1_555 O4 A SO4 208 ? ? 2_556 1.27 
4  1 SG A CYS 50  ? ? 1_555 CD A PRO 91  ? ? 4_546 1.51 
5  1 CB A CYS 50  ? ? 1_555 CG A PRO 91  ? ? 4_546 1.60 
6  1 CB A CYS 50  ? ? 1_555 CD A PRO 91  ? ? 4_546 1.78 
7  1 S  A SO4 208 ? ? 1_555 O4 A SO4 208 ? ? 2_556 1.85 
8  1 O3 A SO4 208 ? ? 1_555 O3 A SO4 208 ? ? 2_556 2.00 
9  1 O4 A SO4 208 ? ? 1_555 O4 A SO4 208 ? ? 2_556 2.04 
10 1 SG A CYS 50  ? ? 1_555 CA A PRO 91  ? ? 4_546 2.18 
# 
_pdbx_validate_rmsd_bond.id                        1 
_pdbx_validate_rmsd_bond.PDB_model_num             1 
_pdbx_validate_rmsd_bond.auth_atom_id_1            CD 
_pdbx_validate_rmsd_bond.auth_asym_id_1            A 
_pdbx_validate_rmsd_bond.auth_comp_id_1            GLU 
_pdbx_validate_rmsd_bond.auth_seq_id_1             85 
_pdbx_validate_rmsd_bond.PDB_ins_code_1            ? 
_pdbx_validate_rmsd_bond.label_alt_id_1            ? 
_pdbx_validate_rmsd_bond.auth_atom_id_2            OE2 
_pdbx_validate_rmsd_bond.auth_asym_id_2            A 
_pdbx_validate_rmsd_bond.auth_comp_id_2            GLU 
_pdbx_validate_rmsd_bond.auth_seq_id_2             85 
_pdbx_validate_rmsd_bond.PDB_ins_code_2            ? 
_pdbx_validate_rmsd_bond.label_alt_id_2            ? 
_pdbx_validate_rmsd_bond.bond_value                1.151 
_pdbx_validate_rmsd_bond.bond_target_value         1.252 
_pdbx_validate_rmsd_bond.bond_deviation            -0.101 
_pdbx_validate_rmsd_bond.bond_standard_deviation   0.011 
_pdbx_validate_rmsd_bond.linker_flag               N 
# 
loop_
_pdbx_validate_rmsd_angle.id 
_pdbx_validate_rmsd_angle.PDB_model_num 
_pdbx_validate_rmsd_angle.auth_atom_id_1 
_pdbx_validate_rmsd_angle.auth_asym_id_1 
_pdbx_validate_rmsd_angle.auth_comp_id_1 
_pdbx_validate_rmsd_angle.auth_seq_id_1 
_pdbx_validate_rmsd_angle.PDB_ins_code_1 
_pdbx_validate_rmsd_angle.label_alt_id_1 
_pdbx_validate_rmsd_angle.auth_atom_id_2 
_pdbx_validate_rmsd_angle.auth_asym_id_2 
_pdbx_validate_rmsd_angle.auth_comp_id_2 
_pdbx_validate_rmsd_angle.auth_seq_id_2 
_pdbx_validate_rmsd_angle.PDB_ins_code_2 
_pdbx_validate_rmsd_angle.label_alt_id_2 
_pdbx_validate_rmsd_angle.auth_atom_id_3 
_pdbx_validate_rmsd_angle.auth_asym_id_3 
_pdbx_validate_rmsd_angle.auth_comp_id_3 
_pdbx_validate_rmsd_angle.auth_seq_id_3 
_pdbx_validate_rmsd_angle.PDB_ins_code_3 
_pdbx_validate_rmsd_angle.label_alt_id_3 
_pdbx_validate_rmsd_angle.angle_value 
_pdbx_validate_rmsd_angle.angle_target_value 
_pdbx_validate_rmsd_angle.angle_deviation 
_pdbx_validate_rmsd_angle.angle_standard_deviation 
_pdbx_validate_rmsd_angle.linker_flag 
1  1 NE  A ARG 20  ? ? CZ A ARG 20  ? ? NH1 A ARG 20  ? ? 123.47 120.30 3.17   0.50 N 
2  1 O   A PRO 79  ? ? C  A PRO 79  ? ? N   A SER 80  ? ? 137.72 122.70 15.02  1.60 Y 
3  1 N   A SER 87  ? ? CA A SER 87  ? ? CB  A SER 87  ? ? 122.98 110.50 12.48  1.50 N 
4  1 CB  A TYR 90  ? ? CA A TYR 90  ? ? C   A TYR 90  ? ? 87.16  110.40 -23.24 2.00 N 
5  1 CB  A TYR 90  ? ? CG A TYR 90  ? ? CD1 A TYR 90  ? ? 114.27 121.00 -6.73  0.60 N 
6  1 OH  A TYR 90  ? ? CZ A TYR 90  ? ? CE2 A TYR 90  ? ? 137.86 120.10 17.76  2.70 N 
7  1 CE1 A TYR 90  ? ? CZ A TYR 90  ? ? OH  A TYR 90  ? ? 96.75  120.10 -23.35 2.70 N 
8  1 C   A TYR 90  ? ? N  A PRO 91  ? ? CA  A PRO 91  ? ? 128.69 119.30 9.39   1.50 Y 
9  1 CG  A ARG 93  ? ? CD A ARG 93  ? ? NE  A ARG 93  ? ? 126.22 111.80 14.42  2.10 N 
10 1 NE  A ARG 93  ? ? CZ A ARG 93  ? ? NH1 A ARG 93  ? ? 116.67 120.30 -3.63  0.50 N 
11 1 NE  A ARG 115 ? ? CZ A ARG 115 ? ? NH1 A ARG 115 ? ? 123.36 120.30 3.06   0.50 N 
# 
loop_
_pdbx_validate_torsion.id 
_pdbx_validate_torsion.PDB_model_num 
_pdbx_validate_torsion.auth_comp_id 
_pdbx_validate_torsion.auth_asym_id 
_pdbx_validate_torsion.auth_seq_id 
_pdbx_validate_torsion.PDB_ins_code 
_pdbx_validate_torsion.label_alt_id 
_pdbx_validate_torsion.phi 
_pdbx_validate_torsion.psi 
1 1 ALA A 86 ? ? 23.74   63.82  
2 1 TYR A 90 ? ? 157.75  160.35 
3 1 PRO A 91 ? ? -33.65  -10.77 
4 1 ARG A 93 ? ? -170.27 119.04 
5 1 TYR A 94 ? ? 62.41   63.77  
# 
loop_
_pdbx_distant_solvent_atoms.id 
_pdbx_distant_solvent_atoms.PDB_model_num 
_pdbx_distant_solvent_atoms.auth_atom_id 
_pdbx_distant_solvent_atoms.label_alt_id 
_pdbx_distant_solvent_atoms.auth_asym_id 
_pdbx_distant_solvent_atoms.auth_comp_id 
_pdbx_distant_solvent_atoms.auth_seq_id 
_pdbx_distant_solvent_atoms.PDB_ins_code 
_pdbx_distant_solvent_atoms.neighbor_macromolecule_distance 
_pdbx_distant_solvent_atoms.neighbor_ligand_distance 
1 1 O ? A HOH 527 ? 6.34 . 
2 1 O ? A HOH 528 ? 6.58 . 
# 
loop_
_pdbx_unobs_or_zero_occ_residues.id 
_pdbx_unobs_or_zero_occ_residues.PDB_model_num 
_pdbx_unobs_or_zero_occ_residues.polymer_flag 
_pdbx_unobs_or_zero_occ_residues.occupancy_flag 
_pdbx_unobs_or_zero_occ_residues.auth_asym_id 
_pdbx_unobs_or_zero_occ_residues.auth_comp_id 
_pdbx_unobs_or_zero_occ_residues.auth_seq_id 
_pdbx_unobs_or_zero_occ_residues.PDB_ins_code 
_pdbx_unobs_or_zero_occ_residues.label_asym_id 
_pdbx_unobs_or_zero_occ_residues.label_comp_id 
_pdbx_unobs_or_zero_occ_residues.label_seq_id 
1  1 Y 1 A GLN 1   ? A GLN 1   
2  1 Y 1 A GLU 2   ? A GLU 2   
3  1 Y 1 A GLN 3   ? A GLN 3   
4  1 Y 1 A THR 4   ? A THR 4   
5  1 Y 1 A GLY 5   ? A GLY 5   
6  1 Y 1 A GLY 6   ? A GLY 6   
7  1 Y 1 A ALA 147 ? A ALA 147 
8  1 Y 1 A MET 148 ? A MET 148 
9  1 Y 1 A GLU 149 ? A GLU 149 
10 1 Y 1 A GLN 150 ? A GLN 150 
# 
loop_
_chem_comp_atom.comp_id 
_chem_comp_atom.atom_id 
_chem_comp_atom.type_symbol 
_chem_comp_atom.pdbx_aromatic_flag 
_chem_comp_atom.pdbx_stereo_config 
_chem_comp_atom.pdbx_ordinal 
ALA N    N  N N 1   
ALA CA   C  N S 2   
ALA C    C  N N 3   
ALA O    O  N N 4   
ALA CB   C  N N 5   
ALA OXT  O  N N 6   
ALA H    H  N N 7   
ALA H2   H  N N 8   
ALA HA   H  N N 9   
ALA HB1  H  N N 10  
ALA HB2  H  N N 11  
ALA HB3  H  N N 12  
ALA HXT  H  N N 13  
ARG N    N  N N 14  
ARG CA   C  N S 15  
ARG C    C  N N 16  
ARG O    O  N N 17  
ARG CB   C  N N 18  
ARG CG   C  N N 19  
ARG CD   C  N N 20  
ARG NE   N  N N 21  
ARG CZ   C  N N 22  
ARG NH1  N  N N 23  
ARG NH2  N  N N 24  
ARG OXT  O  N N 25  
ARG H    H  N N 26  
ARG H2   H  N N 27  
ARG HA   H  N N 28  
ARG HB2  H  N N 29  
ARG HB3  H  N N 30  
ARG HG2  H  N N 31  
ARG HG3  H  N N 32  
ARG HD2  H  N N 33  
ARG HD3  H  N N 34  
ARG HE   H  N N 35  
ARG HH11 H  N N 36  
ARG HH12 H  N N 37  
ARG HH21 H  N N 38  
ARG HH22 H  N N 39  
ARG HXT  H  N N 40  
ASN N    N  N N 41  
ASN CA   C  N S 42  
ASN C    C  N N 43  
ASN O    O  N N 44  
ASN CB   C  N N 45  
ASN CG   C  N N 46  
ASN OD1  O  N N 47  
ASN ND2  N  N N 48  
ASN OXT  O  N N 49  
ASN H    H  N N 50  
ASN H2   H  N N 51  
ASN HA   H  N N 52  
ASN HB2  H  N N 53  
ASN HB3  H  N N 54  
ASN HD21 H  N N 55  
ASN HD22 H  N N 56  
ASN HXT  H  N N 57  
ASP N    N  N N 58  
ASP CA   C  N S 59  
ASP C    C  N N 60  
ASP O    O  N N 61  
ASP CB   C  N N 62  
ASP CG   C  N N 63  
ASP OD1  O  N N 64  
ASP OD2  O  N N 65  
ASP OXT  O  N N 66  
ASP H    H  N N 67  
ASP H2   H  N N 68  
ASP HA   H  N N 69  
ASP HB2  H  N N 70  
ASP HB3  H  N N 71  
ASP HD2  H  N N 72  
ASP HXT  H  N N 73  
CYS N    N  N N 74  
CYS CA   C  N R 75  
CYS C    C  N N 76  
CYS O    O  N N 77  
CYS CB   C  N N 78  
CYS SG   S  N N 79  
CYS OXT  O  N N 80  
CYS H    H  N N 81  
CYS H2   H  N N 82  
CYS HA   H  N N 83  
CYS HB2  H  N N 84  
CYS HB3  H  N N 85  
CYS HG   H  N N 86  
CYS HXT  H  N N 87  
DMS S    S  N N 88  
DMS O    O  N N 89  
DMS C1   C  N N 90  
DMS C2   C  N N 91  
DMS H11  H  N N 92  
DMS H12  H  N N 93  
DMS H13  H  N N 94  
DMS H21  H  N N 95  
DMS H22  H  N N 96  
DMS H23  H  N N 97  
GLN N    N  N N 98  
GLN CA   C  N S 99  
GLN C    C  N N 100 
GLN O    O  N N 101 
GLN CB   C  N N 102 
GLN CG   C  N N 103 
GLN CD   C  N N 104 
GLN OE1  O  N N 105 
GLN NE2  N  N N 106 
GLN OXT  O  N N 107 
GLN H    H  N N 108 
GLN H2   H  N N 109 
GLN HA   H  N N 110 
GLN HB2  H  N N 111 
GLN HB3  H  N N 112 
GLN HG2  H  N N 113 
GLN HG3  H  N N 114 
GLN HE21 H  N N 115 
GLN HE22 H  N N 116 
GLN HXT  H  N N 117 
GLU N    N  N N 118 
GLU CA   C  N S 119 
GLU C    C  N N 120 
GLU O    O  N N 121 
GLU CB   C  N N 122 
GLU CG   C  N N 123 
GLU CD   C  N N 124 
GLU OE1  O  N N 125 
GLU OE2  O  N N 126 
GLU OXT  O  N N 127 
GLU H    H  N N 128 
GLU H2   H  N N 129 
GLU HA   H  N N 130 
GLU HB2  H  N N 131 
GLU HB3  H  N N 132 
GLU HG2  H  N N 133 
GLU HG3  H  N N 134 
GLU HE2  H  N N 135 
GLU HXT  H  N N 136 
GLY N    N  N N 137 
GLY CA   C  N N 138 
GLY C    C  N N 139 
GLY O    O  N N 140 
GLY OXT  O  N N 141 
GLY H    H  N N 142 
GLY H2   H  N N 143 
GLY HA2  H  N N 144 
GLY HA3  H  N N 145 
GLY HXT  H  N N 146 
HIS N    N  N N 147 
HIS CA   C  N S 148 
HIS C    C  N N 149 
HIS O    O  N N 150 
HIS CB   C  N N 151 
HIS CG   C  Y N 152 
HIS ND1  N  Y N 153 
HIS CD2  C  Y N 154 
HIS CE1  C  Y N 155 
HIS NE2  N  Y N 156 
HIS OXT  O  N N 157 
HIS H    H  N N 158 
HIS H2   H  N N 159 
HIS HA   H  N N 160 
HIS HB2  H  N N 161 
HIS HB3  H  N N 162 
HIS HD1  H  N N 163 
HIS HD2  H  N N 164 
HIS HE1  H  N N 165 
HIS HE2  H  N N 166 
HIS HXT  H  N N 167 
HOH O    O  N N 168 
HOH H1   H  N N 169 
HOH H2   H  N N 170 
ILE N    N  N N 171 
ILE CA   C  N S 172 
ILE C    C  N N 173 
ILE O    O  N N 174 
ILE CB   C  N S 175 
ILE CG1  C  N N 176 
ILE CG2  C  N N 177 
ILE CD1  C  N N 178 
ILE OXT  O  N N 179 
ILE H    H  N N 180 
ILE H2   H  N N 181 
ILE HA   H  N N 182 
ILE HB   H  N N 183 
ILE HG12 H  N N 184 
ILE HG13 H  N N 185 
ILE HG21 H  N N 186 
ILE HG22 H  N N 187 
ILE HG23 H  N N 188 
ILE HD11 H  N N 189 
ILE HD12 H  N N 190 
ILE HD13 H  N N 191 
ILE HXT  H  N N 192 
LEU N    N  N N 193 
LEU CA   C  N S 194 
LEU C    C  N N 195 
LEU O    O  N N 196 
LEU CB   C  N N 197 
LEU CG   C  N N 198 
LEU CD1  C  N N 199 
LEU CD2  C  N N 200 
LEU OXT  O  N N 201 
LEU H    H  N N 202 
LEU H2   H  N N 203 
LEU HA   H  N N 204 
LEU HB2  H  N N 205 
LEU HB3  H  N N 206 
LEU HG   H  N N 207 
LEU HD11 H  N N 208 
LEU HD12 H  N N 209 
LEU HD13 H  N N 210 
LEU HD21 H  N N 211 
LEU HD22 H  N N 212 
LEU HD23 H  N N 213 
LEU HXT  H  N N 214 
LYS N    N  N N 215 
LYS CA   C  N S 216 
LYS C    C  N N 217 
LYS O    O  N N 218 
LYS CB   C  N N 219 
LYS CG   C  N N 220 
LYS CD   C  N N 221 
LYS CE   C  N N 222 
LYS NZ   N  N N 223 
LYS OXT  O  N N 224 
LYS H    H  N N 225 
LYS H2   H  N N 226 
LYS HA   H  N N 227 
LYS HB2  H  N N 228 
LYS HB3  H  N N 229 
LYS HG2  H  N N 230 
LYS HG3  H  N N 231 
LYS HD2  H  N N 232 
LYS HD3  H  N N 233 
LYS HE2  H  N N 234 
LYS HE3  H  N N 235 
LYS HZ1  H  N N 236 
LYS HZ2  H  N N 237 
LYS HZ3  H  N N 238 
LYS HXT  H  N N 239 
MET N    N  N N 240 
MET CA   C  N S 241 
MET C    C  N N 242 
MET O    O  N N 243 
MET CB   C  N N 244 
MET CG   C  N N 245 
MET SD   S  N N 246 
MET CE   C  N N 247 
MET OXT  O  N N 248 
MET H    H  N N 249 
MET H2   H  N N 250 
MET HA   H  N N 251 
MET HB2  H  N N 252 
MET HB3  H  N N 253 
MET HG2  H  N N 254 
MET HG3  H  N N 255 
MET HE1  H  N N 256 
MET HE2  H  N N 257 
MET HE3  H  N N 258 
MET HXT  H  N N 259 
PHE N    N  N N 260 
PHE CA   C  N S 261 
PHE C    C  N N 262 
PHE O    O  N N 263 
PHE CB   C  N N 264 
PHE CG   C  Y N 265 
PHE CD1  C  Y N 266 
PHE CD2  C  Y N 267 
PHE CE1  C  Y N 268 
PHE CE2  C  Y N 269 
PHE CZ   C  Y N 270 
PHE OXT  O  N N 271 
PHE H    H  N N 272 
PHE H2   H  N N 273 
PHE HA   H  N N 274 
PHE HB2  H  N N 275 
PHE HB3  H  N N 276 
PHE HD1  H  N N 277 
PHE HD2  H  N N 278 
PHE HE1  H  N N 279 
PHE HE2  H  N N 280 
PHE HZ   H  N N 281 
PHE HXT  H  N N 282 
PRO N    N  N N 283 
PRO CA   C  N S 284 
PRO C    C  N N 285 
PRO O    O  N N 286 
PRO CB   C  N N 287 
PRO CG   C  N N 288 
PRO CD   C  N N 289 
PRO OXT  O  N N 290 
PRO H    H  N N 291 
PRO HA   H  N N 292 
PRO HB2  H  N N 293 
PRO HB3  H  N N 294 
PRO HG2  H  N N 295 
PRO HG3  H  N N 296 
PRO HD2  H  N N 297 
PRO HD3  H  N N 298 
PRO HXT  H  N N 299 
SER N    N  N N 300 
SER CA   C  N S 301 
SER C    C  N N 302 
SER O    O  N N 303 
SER CB   C  N N 304 
SER OG   O  N N 305 
SER OXT  O  N N 306 
SER H    H  N N 307 
SER H2   H  N N 308 
SER HA   H  N N 309 
SER HB2  H  N N 310 
SER HB3  H  N N 311 
SER HG   H  N N 312 
SER HXT  H  N N 313 
SO4 S    S  N N 314 
SO4 O1   O  N N 315 
SO4 O2   O  N N 316 
SO4 O3   O  N N 317 
SO4 O4   O  N N 318 
THR N    N  N N 319 
THR CA   C  N S 320 
THR C    C  N N 321 
THR O    O  N N 322 
THR CB   C  N R 323 
THR OG1  O  N N 324 
THR CG2  C  N N 325 
THR OXT  O  N N 326 
THR H    H  N N 327 
THR H2   H  N N 328 
THR HA   H  N N 329 
THR HB   H  N N 330 
THR HG1  H  N N 331 
THR HG21 H  N N 332 
THR HG22 H  N N 333 
THR HG23 H  N N 334 
THR HXT  H  N N 335 
TRP N    N  N N 336 
TRP CA   C  N S 337 
TRP C    C  N N 338 
TRP O    O  N N 339 
TRP CB   C  N N 340 
TRP CG   C  Y N 341 
TRP CD1  C  Y N 342 
TRP CD2  C  Y N 343 
TRP NE1  N  Y N 344 
TRP CE2  C  Y N 345 
TRP CE3  C  Y N 346 
TRP CZ2  C  Y N 347 
TRP CZ3  C  Y N 348 
TRP CH2  C  Y N 349 
TRP OXT  O  N N 350 
TRP H    H  N N 351 
TRP H2   H  N N 352 
TRP HA   H  N N 353 
TRP HB2  H  N N 354 
TRP HB3  H  N N 355 
TRP HD1  H  N N 356 
TRP HE1  H  N N 357 
TRP HE3  H  N N 358 
TRP HZ2  H  N N 359 
TRP HZ3  H  N N 360 
TRP HH2  H  N N 361 
TRP HXT  H  N N 362 
TYR N    N  N N 363 
TYR CA   C  N S 364 
TYR C    C  N N 365 
TYR O    O  N N 366 
TYR CB   C  N N 367 
TYR CG   C  Y N 368 
TYR CD1  C  Y N 369 
TYR CD2  C  Y N 370 
TYR CE1  C  Y N 371 
TYR CE2  C  Y N 372 
TYR CZ   C  Y N 373 
TYR OH   O  N N 374 
TYR OXT  O  N N 375 
TYR H    H  N N 376 
TYR H2   H  N N 377 
TYR HA   H  N N 378 
TYR HB2  H  N N 379 
TYR HB3  H  N N 380 
TYR HD1  H  N N 381 
TYR HD2  H  N N 382 
TYR HE1  H  N N 383 
TYR HE2  H  N N 384 
TYR HH   H  N N 385 
TYR HXT  H  N N 386 
VAL N    N  N N 387 
VAL CA   C  N S 388 
VAL C    C  N N 389 
VAL O    O  N N 390 
VAL CB   C  N N 391 
VAL CG1  C  N N 392 
VAL CG2  C  N N 393 
VAL OXT  O  N N 394 
VAL H    H  N N 395 
VAL H2   H  N N 396 
VAL HA   H  N N 397 
VAL HB   H  N N 398 
VAL HG11 H  N N 399 
VAL HG12 H  N N 400 
VAL HG13 H  N N 401 
VAL HG21 H  N N 402 
VAL HG22 H  N N 403 
VAL HG23 H  N N 404 
VAL HXT  H  N N 405 
YZK C10  C  Y N 406 
YZK C01  C  N N 407 
YZK C02  C  Y N 408 
YZK N03  N  Y N 409 
YZK C04  C  Y N 410 
YZK C05  C  Y N 411 
YZK N06  N  Y N 412 
YZK C07  C  Y N 413 
YZK C08  C  Y N 414 
YZK C09  C  Y N 415 
YZK N11  N  Y N 416 
YZK C12  C  Y N 417 
YZK H1   H  N N 418 
YZK H2   H  N N 419 
YZK H3   H  N N 420 
YZK H4   H  N N 421 
YZK H5   H  N N 422 
YZK H6   H  N N 423 
YZK H7   H  N N 424 
YZK H8   H  N N 425 
YZK H9   H  N N 426 
ZN  ZN   ZN N N 427 
# 
loop_
_chem_comp_bond.comp_id 
_chem_comp_bond.atom_id_1 
_chem_comp_bond.atom_id_2 
_chem_comp_bond.value_order 
_chem_comp_bond.pdbx_aromatic_flag 
_chem_comp_bond.pdbx_stereo_config 
_chem_comp_bond.pdbx_ordinal 
ALA N   CA   sing N N 1   
ALA N   H    sing N N 2   
ALA N   H2   sing N N 3   
ALA CA  C    sing N N 4   
ALA CA  CB   sing N N 5   
ALA CA  HA   sing N N 6   
ALA C   O    doub N N 7   
ALA C   OXT  sing N N 8   
ALA CB  HB1  sing N N 9   
ALA CB  HB2  sing N N 10  
ALA CB  HB3  sing N N 11  
ALA OXT HXT  sing N N 12  
ARG N   CA   sing N N 13  
ARG N   H    sing N N 14  
ARG N   H2   sing N N 15  
ARG CA  C    sing N N 16  
ARG CA  CB   sing N N 17  
ARG CA  HA   sing N N 18  
ARG C   O    doub N N 19  
ARG C   OXT  sing N N 20  
ARG CB  CG   sing N N 21  
ARG CB  HB2  sing N N 22  
ARG CB  HB3  sing N N 23  
ARG CG  CD   sing N N 24  
ARG CG  HG2  sing N N 25  
ARG CG  HG3  sing N N 26  
ARG CD  NE   sing N N 27  
ARG CD  HD2  sing N N 28  
ARG CD  HD3  sing N N 29  
ARG NE  CZ   sing N N 30  
ARG NE  HE   sing N N 31  
ARG CZ  NH1  sing N N 32  
ARG CZ  NH2  doub N N 33  
ARG NH1 HH11 sing N N 34  
ARG NH1 HH12 sing N N 35  
ARG NH2 HH21 sing N N 36  
ARG NH2 HH22 sing N N 37  
ARG OXT HXT  sing N N 38  
ASN N   CA   sing N N 39  
ASN N   H    sing N N 40  
ASN N   H2   sing N N 41  
ASN CA  C    sing N N 42  
ASN CA  CB   sing N N 43  
ASN CA  HA   sing N N 44  
ASN C   O    doub N N 45  
ASN C   OXT  sing N N 46  
ASN CB  CG   sing N N 47  
ASN CB  HB2  sing N N 48  
ASN CB  HB3  sing N N 49  
ASN CG  OD1  doub N N 50  
ASN CG  ND2  sing N N 51  
ASN ND2 HD21 sing N N 52  
ASN ND2 HD22 sing N N 53  
ASN OXT HXT  sing N N 54  
ASP N   CA   sing N N 55  
ASP N   H    sing N N 56  
ASP N   H2   sing N N 57  
ASP CA  C    sing N N 58  
ASP CA  CB   sing N N 59  
ASP CA  HA   sing N N 60  
ASP C   O    doub N N 61  
ASP C   OXT  sing N N 62  
ASP CB  CG   sing N N 63  
ASP CB  HB2  sing N N 64  
ASP CB  HB3  sing N N 65  
ASP CG  OD1  doub N N 66  
ASP CG  OD2  sing N N 67  
ASP OD2 HD2  sing N N 68  
ASP OXT HXT  sing N N 69  
CYS N   CA   sing N N 70  
CYS N   H    sing N N 71  
CYS N   H2   sing N N 72  
CYS CA  C    sing N N 73  
CYS CA  CB   sing N N 74  
CYS CA  HA   sing N N 75  
CYS C   O    doub N N 76  
CYS C   OXT  sing N N 77  
CYS CB  SG   sing N N 78  
CYS CB  HB2  sing N N 79  
CYS CB  HB3  sing N N 80  
CYS SG  HG   sing N N 81  
CYS OXT HXT  sing N N 82  
DMS S   O    doub N N 83  
DMS S   C1   sing N N 84  
DMS S   C2   sing N N 85  
DMS C1  H11  sing N N 86  
DMS C1  H12  sing N N 87  
DMS C1  H13  sing N N 88  
DMS C2  H21  sing N N 89  
DMS C2  H22  sing N N 90  
DMS C2  H23  sing N N 91  
GLN N   CA   sing N N 92  
GLN N   H    sing N N 93  
GLN N   H2   sing N N 94  
GLN CA  C    sing N N 95  
GLN CA  CB   sing N N 96  
GLN CA  HA   sing N N 97  
GLN C   O    doub N N 98  
GLN C   OXT  sing N N 99  
GLN CB  CG   sing N N 100 
GLN CB  HB2  sing N N 101 
GLN CB  HB3  sing N N 102 
GLN CG  CD   sing N N 103 
GLN CG  HG2  sing N N 104 
GLN CG  HG3  sing N N 105 
GLN CD  OE1  doub N N 106 
GLN CD  NE2  sing N N 107 
GLN NE2 HE21 sing N N 108 
GLN NE2 HE22 sing N N 109 
GLN OXT HXT  sing N N 110 
GLU N   CA   sing N N 111 
GLU N   H    sing N N 112 
GLU N   H2   sing N N 113 
GLU CA  C    sing N N 114 
GLU CA  CB   sing N N 115 
GLU CA  HA   sing N N 116 
GLU C   O    doub N N 117 
GLU C   OXT  sing N N 118 
GLU CB  CG   sing N N 119 
GLU CB  HB2  sing N N 120 
GLU CB  HB3  sing N N 121 
GLU CG  CD   sing N N 122 
GLU CG  HG2  sing N N 123 
GLU CG  HG3  sing N N 124 
GLU CD  OE1  doub N N 125 
GLU CD  OE2  sing N N 126 
GLU OE2 HE2  sing N N 127 
GLU OXT HXT  sing N N 128 
GLY N   CA   sing N N 129 
GLY N   H    sing N N 130 
GLY N   H2   sing N N 131 
GLY CA  C    sing N N 132 
GLY CA  HA2  sing N N 133 
GLY CA  HA3  sing N N 134 
GLY C   O    doub N N 135 
GLY C   OXT  sing N N 136 
GLY OXT HXT  sing N N 137 
HIS N   CA   sing N N 138 
HIS N   H    sing N N 139 
HIS N   H2   sing N N 140 
HIS CA  C    sing N N 141 
HIS CA  CB   sing N N 142 
HIS CA  HA   sing N N 143 
HIS C   O    doub N N 144 
HIS C   OXT  sing N N 145 
HIS CB  CG   sing N N 146 
HIS CB  HB2  sing N N 147 
HIS CB  HB3  sing N N 148 
HIS CG  ND1  sing Y N 149 
HIS CG  CD2  doub Y N 150 
HIS ND1 CE1  doub Y N 151 
HIS ND1 HD1  sing N N 152 
HIS CD2 NE2  sing Y N 153 
HIS CD2 HD2  sing N N 154 
HIS CE1 NE2  sing Y N 155 
HIS CE1 HE1  sing N N 156 
HIS NE2 HE2  sing N N 157 
HIS OXT HXT  sing N N 158 
HOH O   H1   sing N N 159 
HOH O   H2   sing N N 160 
ILE N   CA   sing N N 161 
ILE N   H    sing N N 162 
ILE N   H2   sing N N 163 
ILE CA  C    sing N N 164 
ILE CA  CB   sing N N 165 
ILE CA  HA   sing N N 166 
ILE C   O    doub N N 167 
ILE C   OXT  sing N N 168 
ILE CB  CG1  sing N N 169 
ILE CB  CG2  sing N N 170 
ILE CB  HB   sing N N 171 
ILE CG1 CD1  sing N N 172 
ILE CG1 HG12 sing N N 173 
ILE CG1 HG13 sing N N 174 
ILE CG2 HG21 sing N N 175 
ILE CG2 HG22 sing N N 176 
ILE CG2 HG23 sing N N 177 
ILE CD1 HD11 sing N N 178 
ILE CD1 HD12 sing N N 179 
ILE CD1 HD13 sing N N 180 
ILE OXT HXT  sing N N 181 
LEU N   CA   sing N N 182 
LEU N   H    sing N N 183 
LEU N   H2   sing N N 184 
LEU CA  C    sing N N 185 
LEU CA  CB   sing N N 186 
LEU CA  HA   sing N N 187 
LEU C   O    doub N N 188 
LEU C   OXT  sing N N 189 
LEU CB  CG   sing N N 190 
LEU CB  HB2  sing N N 191 
LEU CB  HB3  sing N N 192 
LEU CG  CD1  sing N N 193 
LEU CG  CD2  sing N N 194 
LEU CG  HG   sing N N 195 
LEU CD1 HD11 sing N N 196 
LEU CD1 HD12 sing N N 197 
LEU CD1 HD13 sing N N 198 
LEU CD2 HD21 sing N N 199 
LEU CD2 HD22 sing N N 200 
LEU CD2 HD23 sing N N 201 
LEU OXT HXT  sing N N 202 
LYS N   CA   sing N N 203 
LYS N   H    sing N N 204 
LYS N   H2   sing N N 205 
LYS CA  C    sing N N 206 
LYS CA  CB   sing N N 207 
LYS CA  HA   sing N N 208 
LYS C   O    doub N N 209 
LYS C   OXT  sing N N 210 
LYS CB  CG   sing N N 211 
LYS CB  HB2  sing N N 212 
LYS CB  HB3  sing N N 213 
LYS CG  CD   sing N N 214 
LYS CG  HG2  sing N N 215 
LYS CG  HG3  sing N N 216 
LYS CD  CE   sing N N 217 
LYS CD  HD2  sing N N 218 
LYS CD  HD3  sing N N 219 
LYS CE  NZ   sing N N 220 
LYS CE  HE2  sing N N 221 
LYS CE  HE3  sing N N 222 
LYS NZ  HZ1  sing N N 223 
LYS NZ  HZ2  sing N N 224 
LYS NZ  HZ3  sing N N 225 
LYS OXT HXT  sing N N 226 
MET N   CA   sing N N 227 
MET N   H    sing N N 228 
MET N   H2   sing N N 229 
MET CA  C    sing N N 230 
MET CA  CB   sing N N 231 
MET CA  HA   sing N N 232 
MET C   O    doub N N 233 
MET C   OXT  sing N N 234 
MET CB  CG   sing N N 235 
MET CB  HB2  sing N N 236 
MET CB  HB3  sing N N 237 
MET CG  SD   sing N N 238 
MET CG  HG2  sing N N 239 
MET CG  HG3  sing N N 240 
MET SD  CE   sing N N 241 
MET CE  HE1  sing N N 242 
MET CE  HE2  sing N N 243 
MET CE  HE3  sing N N 244 
MET OXT HXT  sing N N 245 
PHE N   CA   sing N N 246 
PHE N   H    sing N N 247 
PHE N   H2   sing N N 248 
PHE CA  C    sing N N 249 
PHE CA  CB   sing N N 250 
PHE CA  HA   sing N N 251 
PHE C   O    doub N N 252 
PHE C   OXT  sing N N 253 
PHE CB  CG   sing N N 254 
PHE CB  HB2  sing N N 255 
PHE CB  HB3  sing N N 256 
PHE CG  CD1  doub Y N 257 
PHE CG  CD2  sing Y N 258 
PHE CD1 CE1  sing Y N 259 
PHE CD1 HD1  sing N N 260 
PHE CD2 CE2  doub Y N 261 
PHE CD2 HD2  sing N N 262 
PHE CE1 CZ   doub Y N 263 
PHE CE1 HE1  sing N N 264 
PHE CE2 CZ   sing Y N 265 
PHE CE2 HE2  sing N N 266 
PHE CZ  HZ   sing N N 267 
PHE OXT HXT  sing N N 268 
PRO N   CA   sing N N 269 
PRO N   CD   sing N N 270 
PRO N   H    sing N N 271 
PRO CA  C    sing N N 272 
PRO CA  CB   sing N N 273 
PRO CA  HA   sing N N 274 
PRO C   O    doub N N 275 
PRO C   OXT  sing N N 276 
PRO CB  CG   sing N N 277 
PRO CB  HB2  sing N N 278 
PRO CB  HB3  sing N N 279 
PRO CG  CD   sing N N 280 
PRO CG  HG2  sing N N 281 
PRO CG  HG3  sing N N 282 
PRO CD  HD2  sing N N 283 
PRO CD  HD3  sing N N 284 
PRO OXT HXT  sing N N 285 
SER N   CA   sing N N 286 
SER N   H    sing N N 287 
SER N   H2   sing N N 288 
SER CA  C    sing N N 289 
SER CA  CB   sing N N 290 
SER CA  HA   sing N N 291 
SER C   O    doub N N 292 
SER C   OXT  sing N N 293 
SER CB  OG   sing N N 294 
SER CB  HB2  sing N N 295 
SER CB  HB3  sing N N 296 
SER OG  HG   sing N N 297 
SER OXT HXT  sing N N 298 
SO4 S   O1   doub N N 299 
SO4 S   O2   doub N N 300 
SO4 S   O3   sing N N 301 
SO4 S   O4   sing N N 302 
THR N   CA   sing N N 303 
THR N   H    sing N N 304 
THR N   H2   sing N N 305 
THR CA  C    sing N N 306 
THR CA  CB   sing N N 307 
THR CA  HA   sing N N 308 
THR C   O    doub N N 309 
THR C   OXT  sing N N 310 
THR CB  OG1  sing N N 311 
THR CB  CG2  sing N N 312 
THR CB  HB   sing N N 313 
THR OG1 HG1  sing N N 314 
THR CG2 HG21 sing N N 315 
THR CG2 HG22 sing N N 316 
THR CG2 HG23 sing N N 317 
THR OXT HXT  sing N N 318 
TRP N   CA   sing N N 319 
TRP N   H    sing N N 320 
TRP N   H2   sing N N 321 
TRP CA  C    sing N N 322 
TRP CA  CB   sing N N 323 
TRP CA  HA   sing N N 324 
TRP C   O    doub N N 325 
TRP C   OXT  sing N N 326 
TRP CB  CG   sing N N 327 
TRP CB  HB2  sing N N 328 
TRP CB  HB3  sing N N 329 
TRP CG  CD1  doub Y N 330 
TRP CG  CD2  sing Y N 331 
TRP CD1 NE1  sing Y N 332 
TRP CD1 HD1  sing N N 333 
TRP CD2 CE2  doub Y N 334 
TRP CD2 CE3  sing Y N 335 
TRP NE1 CE2  sing Y N 336 
TRP NE1 HE1  sing N N 337 
TRP CE2 CZ2  sing Y N 338 
TRP CE3 CZ3  doub Y N 339 
TRP CE3 HE3  sing N N 340 
TRP CZ2 CH2  doub Y N 341 
TRP CZ2 HZ2  sing N N 342 
TRP CZ3 CH2  sing Y N 343 
TRP CZ3 HZ3  sing N N 344 
TRP CH2 HH2  sing N N 345 
TRP OXT HXT  sing N N 346 
TYR N   CA   sing N N 347 
TYR N   H    sing N N 348 
TYR N   H2   sing N N 349 
TYR CA  C    sing N N 350 
TYR CA  CB   sing N N 351 
TYR CA  HA   sing N N 352 
TYR C   O    doub N N 353 
TYR C   OXT  sing N N 354 
TYR CB  CG   sing N N 355 
TYR CB  HB2  sing N N 356 
TYR CB  HB3  sing N N 357 
TYR CG  CD1  doub Y N 358 
TYR CG  CD2  sing Y N 359 
TYR CD1 CE1  sing Y N 360 
TYR CD1 HD1  sing N N 361 
TYR CD2 CE2  doub Y N 362 
TYR CD2 HD2  sing N N 363 
TYR CE1 CZ   doub Y N 364 
TYR CE1 HE1  sing N N 365 
TYR CE2 CZ   sing Y N 366 
TYR CE2 HE2  sing N N 367 
TYR CZ  OH   sing N N 368 
TYR OH  HH   sing N N 369 
TYR OXT HXT  sing N N 370 
VAL N   CA   sing N N 371 
VAL N   H    sing N N 372 
VAL N   H2   sing N N 373 
VAL CA  C    sing N N 374 
VAL CA  CB   sing N N 375 
VAL CA  HA   sing N N 376 
VAL C   O    doub N N 377 
VAL C   OXT  sing N N 378 
VAL CB  CG1  sing N N 379 
VAL CB  CG2  sing N N 380 
VAL CB  HB   sing N N 381 
VAL CG1 HG11 sing N N 382 
VAL CG1 HG12 sing N N 383 
VAL CG1 HG13 sing N N 384 
VAL CG2 HG21 sing N N 385 
VAL CG2 HG22 sing N N 386 
VAL CG2 HG23 sing N N 387 
VAL OXT HXT  sing N N 388 
YZK C04 N03  sing Y N 389 
YZK C04 C05  doub Y N 390 
YZK N03 C02  doub Y N 391 
YZK C05 N06  sing Y N 392 
YZK C02 N06  sing Y N 393 
YZK C02 C01  sing N N 394 
YZK N06 C07  sing N N 395 
YZK C08 C07  doub Y N 396 
YZK C08 C09  sing Y N 397 
YZK C07 C12  sing Y N 398 
YZK C09 C10  doub Y N 399 
YZK C12 N11  doub Y N 400 
YZK C10 N11  sing Y N 401 
YZK C10 H1   sing N N 402 
YZK C01 H2   sing N N 403 
YZK C01 H3   sing N N 404 
YZK C01 H4   sing N N 405 
YZK C04 H5   sing N N 406 
YZK C05 H6   sing N N 407 
YZK C08 H7   sing N N 408 
YZK C09 H8   sing N N 409 
YZK C12 H9   sing N N 410 
# 
_pdbx_audit_support.funding_organization   
'National Institutes of Health/National Institute Of Allergy and Infectious Diseases (NIH/NIAID)' 
_pdbx_audit_support.country                'United States' 
_pdbx_audit_support.grant_number           U19AI171399 
_pdbx_audit_support.ordinal                1 
# 
_pdbx_deposit_group.group_id            G_1002288 
_pdbx_deposit_group.group_description   'Crystallographic fragment screening of Coxsackievirus A16 (G-10) 2A protease' 
_pdbx_deposit_group.group_title         
'Group deposition for crystallographic fragment screening of Coxsackievirus A16 (G-10) 2A protease' 
_pdbx_deposit_group.group_type          'changed state' 
# 
_atom_sites.entry_id                    7H40 
_atom_sites.fract_transf_matrix[1][1]   0.00876493 
_atom_sites.fract_transf_matrix[1][2]   0.00227392 
_atom_sites.fract_transf_matrix[1][3]   -0.00730501 
_atom_sites.fract_transf_matrix[2][1]   0.00952414 
_atom_sites.fract_transf_matrix[2][2]   -0.01297295 
_atom_sites.fract_transf_matrix[2][3]   0.00738932 
_atom_sites.fract_transf_matrix[3][1]   -0.00976759 
_atom_sites.fract_transf_matrix[3][2]   -0.01963805 
_atom_sites.fract_transf_matrix[3][3]   -0.02188774 
_atom_sites.fract_transf_vector[1]      0.185772 
_atom_sites.fract_transf_vector[2]      0.124564 
_atom_sites.fract_transf_vector[3]      0.449405 
# 
loop_
_atom_type.symbol 
C  
N  
O  
S  
ZN 
# 
loop_
_atom_site.group_PDB 
_atom_site.id 
_atom_site.type_symbol 
_atom_site.label_atom_id 
_atom_site.label_alt_id 
_atom_site.label_comp_id 
_atom_site.label_asym_id 
_atom_site.label_entity_id 
_atom_site.label_seq_id 
_atom_site.pdbx_PDB_ins_code 
_atom_site.Cartn_x 
_atom_site.Cartn_y 
_atom_site.Cartn_z 
_atom_site.occupancy 
_atom_site.B_iso_or_equiv 
_atom_site.pdbx_formal_charge 
_atom_site.auth_seq_id 
_atom_site.auth_comp_id 
_atom_site.auth_asym_id 
_atom_site.auth_atom_id 
_atom_site.pdbx_PDB_model_num 
ATOM   1    N  N   . SER A 1 7   ? -0.729  -5.299  -9.331  1.00 19.78 ? 7   SER A N   1 
ATOM   2    C  CA  . SER A 1 7   ? 0.492   -4.548  -9.371  1.00 19.59 ? 7   SER A CA  1 
ATOM   3    C  C   . SER A 1 7   ? 0.204   -3.069  -9.179  1.00 18.81 ? 7   SER A C   1 
ATOM   4    O  O   . SER A 1 7   ? -0.979  -2.638  -9.255  1.00 20.67 ? 7   SER A O   1 
ATOM   5    C  CB  . SER A 1 7   ? 1.209   -4.776  -10.679 1.00 23.85 ? 7   SER A CB  1 
ATOM   6    O  OG  . SER A 1 7   ? 0.330   -4.447  -11.722 1.00 25.31 ? 7   SER A OG  1 
ATOM   7    N  N   . GLY A 1 8   ? 1.254   -2.325  -8.897  1.00 17.38 ? 8   GLY A N   1 
ATOM   8    C  CA  . GLY A 1 8   ? 1.157   -0.892  -8.675  1.00 17.24 ? 8   GLY A CA  1 
ATOM   9    C  C   . GLY A 1 8   ? 2.196   -0.399  -7.732  1.00 15.08 ? 8   GLY A C   1 
ATOM   10   O  O   . GLY A 1 8   ? 2.621   -1.116  -6.841  1.00 17.01 ? 8   GLY A O   1 
ATOM   11   N  N   . ALA A 1 9   ? 2.557   0.854   -7.893  1.00 14.49 ? 9   ALA A N   1 
ATOM   12   C  CA  . ALA A 1 9   ? 3.491   1.536   -7.004  1.00 14.54 ? 9   ALA A CA  1 
ATOM   13   C  C   . ALA A 1 9   ? 3.062   2.960   -6.699  1.00 14.62 ? 9   ALA A C   1 
ATOM   14   O  O   . ALA A 1 9   ? 2.258   3.556   -7.473  1.00 15.40 ? 9   ALA A O   1 
ATOM   15   C  CB  . ALA A 1 9   ? 4.859   1.536   -7.616  1.00 16.26 ? 9   ALA A CB  1 
ATOM   16   N  N   . ILE A 1 10  ? 3.693   3.511   -5.690  1.00 14.42 ? 10  ILE A N   1 
ATOM   17   C  CA  . ILE A 1 10  ? 3.655   4.963   -5.391  1.00 16.49 ? 10  ILE A CA  1 
ATOM   18   C  C   . ILE A 1 10  ? 4.989   5.512   -5.843  1.00 17.52 ? 10  ILE A C   1 
ATOM   19   O  O   . ILE A 1 10  ? 6.038   4.958   -5.459  1.00 19.68 ? 10  ILE A O   1 
ATOM   20   C  CB  . ILE A 1 10  ? 3.420   5.279   -3.896  1.00 14.99 ? 10  ILE A CB  1 
ATOM   21   C  CG1 . ILE A 1 10  ? 2.251   4.457   -3.316  1.00 15.47 ? 10  ILE A CG1 1 
ATOM   22   C  CG2 . ILE A 1 10  ? 3.182   6.784   -3.673  1.00 15.31 ? 10  ILE A CG2 1 
ATOM   23   C  CD1 . ILE A 1 10  ? 2.150   4.489   -1.816  1.00 15.49 ? 10  ILE A CD1 1 
ATOM   24   N  N   . TYR A 1 11  ? 4.951   6.633   -6.557  1.00 19.65 ? 11  TYR A N   1 
ATOM   25   C  CA  . TYR A 1 11  ? 6.147   7.358   -7.031  1.00 21.76 ? 11  TYR A CA  1 
ATOM   26   C  C   . TYR A 1 11  ? 6.126   8.749   -6.431  1.00 22.22 ? 11  TYR A C   1 
ATOM   27   O  O   . TYR A 1 11  ? 5.373   9.604   -6.965  1.00 22.46 ? 11  TYR A O   1 
ATOM   28   C  CB  . TYR A 1 11  ? 6.166   7.397   -8.548  1.00 20.55 ? 11  TYR A CB  1 
ATOM   29   C  CG  . TYR A 1 11  ? 6.336   6.032   -9.150  1.00 20.19 ? 11  TYR A CG  1 
ATOM   30   C  CD1 . TYR A 1 11  ? 7.588   5.444   -9.192  1.00 22.38 ? 11  TYR A CD1 1 
ATOM   31   C  CD2 . TYR A 1 11  ? 5.271   5.320   -9.653  1.00 21.93 ? 11  TYR A CD2 1 
ATOM   32   C  CE1 . TYR A 1 11  ? 7.761   4.181   -9.726  1.00 17.70 ? 11  TYR A CE1 1 
ATOM   33   C  CE2 . TYR A 1 11  ? 5.421   4.051   -10.204 1.00 21.65 ? 11  TYR A CE2 1 
ATOM   34   C  CZ  . TYR A 1 11  ? 6.680   3.466   -10.207 1.00 19.76 ? 11  TYR A CZ  1 
ATOM   35   O  OH  . TYR A 1 11  ? 6.833   2.237   -10.787 1.00 21.87 ? 11  TYR A OH  1 
ATOM   36   N  N   . VAL A 1 12  ? 6.873   8.891   -5.357  1.00 20.65 ? 12  VAL A N   1 
ATOM   37   C  CA  . VAL A 1 12  ? 6.983   10.141  -4.540  1.00 23.84 ? 12  VAL A CA  1 
ATOM   38   C  C   . VAL A 1 12  ? 8.452   10.537  -4.502  1.00 24.83 ? 12  VAL A C   1 
ATOM   39   O  O   . VAL A 1 12  ? 9.286   9.764   -4.033  1.00 25.12 ? 12  VAL A O   1 
ATOM   40   C  CB  . VAL A 1 12  ? 6.391   10.007  -3.119  1.00 23.91 ? 12  VAL A CB  1 
ATOM   41   C  CG1 . VAL A 1 12  ? 6.959   8.894   -2.273  1.00 23.27 ? 12  VAL A CG1 1 
ATOM   42   C  CG2 . VAL A 1 12  ? 6.505   11.315  -2.360  1.00 25.07 ? 12  VAL A CG2 1 
ATOM   43   N  N   . GLY A 1 13  ? 8.762   11.744  -4.980  1.00 26.41 ? 13  GLY A N   1 
ATOM   44   C  CA  . GLY A 1 13  ? 10.164  12.168  -5.063  1.00 25.84 ? 13  GLY A CA  1 
ATOM   45   C  C   . GLY A 1 13  ? 10.972  11.139  -5.838  1.00 21.93 ? 13  GLY A C   1 
ATOM   46   O  O   . GLY A 1 13  ? 10.533  10.808  -6.953  1.00 25.42 ? 13  GLY A O   1 
ATOM   47   N  N   . ASN A 1 14  ? 12.097  10.730  -5.255  1.00 27.99 ? 14  ASN A N   1 
ATOM   48   C  CA  . ASN A 1 14  ? 13.034  9.749   -5.857  1.00 27.81 ? 14  ASN A CA  1 
ATOM   49   C  C   . ASN A 1 14  ? 12.817  8.401   -5.169  1.00 31.49 ? 14  ASN A C   1 
ATOM   50   O  O   . ASN A 1 14  ? 13.804  7.628   -4.991  1.00 27.74 ? 14  ASN A O   1 
ATOM   51   C  CB  . ASN A 1 14  ? 14.464  10.297  -5.894  1.00 31.55 ? 14  ASN A CB  1 
ATOM   52   C  CG  . ASN A 1 14  ? 14.586  11.351  -6.981  1.00 33.74 ? 14  ASN A CG  1 
ATOM   53   O  OD1 . ASN A 1 14  ? 14.837  11.056  -8.149  1.00 34.39 ? 14  ASN A OD1 1 
ATOM   54   N  ND2 . ASN A 1 14  ? 14.263  12.576  -6.631  1.00 29.29 ? 14  ASN A ND2 1 
ATOM   55   N  N   . TYR A 1 15  ? 11.554  8.112   -4.812  1.00 26.48 ? 15  TYR A N   1 
ATOM   56   C  CA  . TYR A 1 15  ? 11.187  6.822   -4.165  1.00 22.24 ? 15  TYR A CA  1 
ATOM   57   C  C   . TYR A 1 15  ? 10.083  6.134   -4.949  1.00 20.61 ? 15  TYR A C   1 
ATOM   58   O  O   . TYR A 1 15  ? 9.171   6.711   -5.577  1.00 22.00 ? 15  TYR A O   1 
ATOM   59   C  CB  . TYR A 1 15  ? 10.752  6.992   -2.710  1.00 23.78 ? 15  TYR A CB  1 
ATOM   60   C  CG  . TYR A 1 15  ? 11.739  7.667   -1.802  1.00 24.82 ? 15  TYR A CG  1 
ATOM   61   C  CD1 . TYR A 1 15  ? 12.957  7.062   -1.504  1.00 28.01 ? 15  TYR A CD1 1 
ATOM   62   C  CD2 . TYR A 1 15  ? 11.461  8.890   -1.202  1.00 27.85 ? 15  TYR A CD2 1 
ATOM   63   C  CE1 . TYR A 1 15  ? 13.880  7.645   -0.657  1.00 29.73 ? 15  TYR A CE1 1 
ATOM   64   C  CE2 . TYR A 1 15  ? 12.367  9.472   -0.324  1.00 28.42 ? 15  TYR A CE2 1 
ATOM   65   C  CZ  . TYR A 1 15  ? 13.583  8.857   -0.055  1.00 30.83 ? 15  TYR A CZ  1 
ATOM   66   O  OH  . TYR A 1 15  ? 14.482  9.442   0.793   1.00 37.14 ? 15  TYR A OH  1 
ATOM   67   N  N   . ARG A 1 16  ? 10.187  4.801   -4.920  1.00 20.08 ? 16  ARG A N   1 
ATOM   68   C  CA  . ARG A 1 16  ? 9.198   3.883   -5.482  1.00 18.27 ? 16  ARG A CA  1 
ATOM   69   C  C   . ARG A 1 16  ? 8.752   2.996   -4.330  1.00 17.09 ? 16  ARG A C   1 
ATOM   70   O  O   . ARG A 1 16  ? 9.600   2.320   -3.713  1.00 17.31 ? 16  ARG A O   1 
ATOM   71   C  CB  . ARG A 1 16  ? 9.800   3.070   -6.624  1.00 18.19 ? 16  ARG A CB  1 
ATOM   72   C  CG  . ARG A 1 16  ? 8.973   1.868   -7.024  1.00 18.79 ? 16  ARG A CG  1 
ATOM   73   C  CD  . ARG A 1 16  ? 9.540   1.225   -8.280  1.00 19.43 ? 16  ARG A CD  1 
ATOM   74   N  NE  . ARG A 1 16  ? 9.450   -0.223  -8.308  1.00 17.73 ? 16  ARG A NE  1 
ATOM   75   C  CZ  . ARG A 1 16  ? 8.492   -0.932  -8.824  1.00 18.25 ? 16  ARG A CZ  1 
ATOM   76   N  NH1 . ARG A 1 16  ? 7.432   -0.364  -9.394  1.00 21.03 ? 16  ARG A NH1 1 
ATOM   77   N  NH2 . ARG A 1 16  ? 8.544   -2.240  -8.729  1.00 17.90 ? 16  ARG A NH2 1 
ATOM   78   N  N   . VAL A 1 17  ? 7.453   3.046   -3.993  1.00 14.73 ? 17  VAL A N   1 
ATOM   79   C  CA  . VAL A 1 17  ? 6.896   2.282   -2.861  1.00 13.32 ? 17  VAL A CA  1 
ATOM   80   C  C   . VAL A 1 17  ? 6.068   1.154   -3.465  1.00 13.91 ? 17  VAL A C   1 
ATOM   81   O  O   . VAL A 1 17  ? 5.131   1.418   -4.243  1.00 13.82 ? 17  VAL A O   1 
ATOM   82   C  CB  . VAL A 1 17  ? 6.002   3.151   -1.970  1.00 13.39 ? 17  VAL A CB  1 
ATOM   83   C  CG1 . VAL A 1 17  ? 5.597   2.303   -0.790  1.00 14.13 ? 17  VAL A CG1 1 
ATOM   84   C  CG2 . VAL A 1 17  ? 6.714   4.421   -1.603  1.00 14.50 ? 17  VAL A CG2 1 
ATOM   85   N  N   . VAL A 1 18  ? 6.432   -0.079  -3.154  1.00 13.57 ? 18  VAL A N   1 
ATOM   86   C  CA  . VAL A 1 18  ? 5.755   -1.263  -3.706  1.00 13.08 ? 18  VAL A CA  1 
ATOM   87   C  C   . VAL A 1 18  ? 5.422   -2.217  -2.582  1.00 11.99 ? 18  VAL A C   1 
ATOM   88   O  O   . VAL A 1 18  ? 6.008   -2.146  -1.478  1.00 13.67 ? 18  VAL A O   1 
ATOM   89   C  CB  . VAL A 1 18  ? 6.584   -2.000  -4.776  1.00 14.01 ? 18  VAL A CB  1 
ATOM   90   C  CG1 . VAL A 1 18  ? 6.640   -1.160  -6.033  1.00 15.11 ? 18  VAL A CG1 1 
ATOM   91   C  CG2 . VAL A 1 18  ? 7.995   -2.415  -4.284  1.00 14.73 ? 18  VAL A CG2 1 
ATOM   92   N  N   . ASN A 1 19  ? 4.555   -3.155  -2.899  1.00 11.95 ? 19  ASN A N   1 
ATOM   93   C  CA  . ASN A 1 19  ? 4.337   -4.294  -1.986  1.00 12.35 ? 19  ASN A CA  1 
ATOM   94   C  C   . ASN A 1 19  ? 5.658   -5.086  -1.936  1.00 12.34 ? 19  ASN A C   1 
ATOM   95   O  O   . ASN A 1 19  ? 6.222   -5.446  -2.981  1.00 13.38 ? 19  ASN A O   1 
ATOM   96   C  CB  . ASN A 1 19  ? 3.250   -5.242  -2.493  1.00 12.74 ? 19  ASN A CB  1 
ATOM   97   C  CG  . ASN A 1 19  ? 1.908   -4.545  -2.588  1.00 12.69 ? 19  ASN A CG  1 
ATOM   98   O  OD1 . ASN A 1 19  ? 1.549   -4.027  -3.631  1.00 14.23 ? 19  ASN A OD1 1 
ATOM   99   N  ND2 . ASN A 1 19  ? 1.154   -4.586  -1.520  1.00 13.62 ? 19  ASN A ND2 1 
ATOM   100  N  N   . ARG A 1 20  ? 6.130   -5.361  -0.731  1.00 12.87 ? 20  ARG A N   1 
ATOM   101  C  CA  . ARG A 1 20  ? 7.412   -6.105  -0.569  1.00 13.01 ? 20  ARG A CA  1 
ATOM   102  C  C   . ARG A 1 20  ? 7.345   -7.396  -1.379  1.00 14.19 ? 20  ARG A C   1 
ATOM   103  O  O   . ARG A 1 20  ? 8.357   -7.755  -2.055  1.00 14.69 ? 20  ARG A O   1 
ATOM   104  C  CB  . ARG A 1 20  ? 7.686   -6.407  0.889   1.00 14.23 ? 20  ARG A CB  1 
ATOM   105  C  CG  . ARG A 1 20  ? 9.108   -6.916  1.163   1.00 14.25 ? 20  ARG A CG  1 
ATOM   106  C  CD  . ARG A 1 20  ? 9.292   -7.240  2.628   1.00 16.55 ? 20  ARG A CD  1 
ATOM   107  N  NE  . ARG A 1 20  ? 10.590  -7.829  2.982   1.00 17.23 ? 20  ARG A NE  1 
ATOM   108  C  CZ  . ARG A 1 20  ? 10.930  -9.108  2.844   1.00 18.11 ? 20  ARG A CZ  1 
ATOM   109  N  NH1 . ARG A 1 20  ? 10.152  -10.008 2.293   1.00 19.39 ? 20  ARG A NH1 1 
ATOM   110  N  NH2 . ARG A 1 20  ? 12.118  -9.500  3.298   1.00 21.47 ? 20  ARG A NH2 1 
ATOM   111  N  N   . HIS A 1 21  ? 6.194   -8.083  -1.400  1.00 14.97 ? 21  HIS A N   1 
ATOM   112  C  CA  . HIS A 1 21  ? 6.133   -9.409  -2.066  1.00 14.59 ? 21  HIS A CA  1 
ATOM   113  C  C   . HIS A 1 21  ? 6.190   -9.281  -3.583  1.00 15.07 ? 21  HIS A C   1 
ATOM   114  O  O   . HIS A 1 21  ? 6.360   -10.308 -4.245  1.00 16.87 ? 21  HIS A O   1 
ATOM   115  C  CB  . HIS A 1 21  ? 4.911   -10.232 -1.624  1.00 16.04 ? 21  HIS A CB  1 
ATOM   116  C  CG  . HIS A 1 21  ? 3.599   -9.739  -2.139  1.00 15.63 ? 21  HIS A CG  1 
ATOM   117  N  ND1 . HIS A 1 21  ? 2.850   -8.800  -1.455  1.00 16.88 ? 21  HIS A ND1 1 
ATOM   118  C  CD2 . HIS A 1 21  ? 2.871   -10.080 -3.245  1.00 17.23 ? 21  HIS A CD2 1 
ATOM   119  C  CE1 . HIS A 1 21  ? 1.727   -8.594  -2.111  1.00 16.84 ? 21  HIS A CE1 1 
ATOM   120  N  NE2 . HIS A 1 21  ? 1.698   -9.343  -3.187  1.00 18.49 ? 21  HIS A NE2 1 
ATOM   121  N  N   . LEU A 1 22  ? 6.040   -8.105  -4.156  1.00 12.04 ? 22  LEU A N   1 
ATOM   122  C  CA  . LEU A 1 22  ? 6.091   -7.820  -5.607  1.00 13.49 ? 22  LEU A CA  1 
ATOM   123  C  C   . LEU A 1 22  ? 7.389   -7.106  -5.968  1.00 13.46 ? 22  LEU A C   1 
ATOM   124  O  O   . LEU A 1 22  ? 7.556   -6.767  -7.164  1.00 15.84 ? 22  LEU A O   1 
ATOM   125  C  CB  . LEU A 1 22  ? 4.843   -7.015  -6.003  1.00 14.12 ? 22  LEU A CB  1 
ATOM   126  C  CG  . LEU A 1 22  ? 3.541   -7.766  -5.796  1.00 15.80 ? 22  LEU A CG  1 
ATOM   127  C  CD1 . LEU A 1 22  ? 2.328   -6.920  -6.225  1.00 17.09 ? 22  LEU A CD1 1 
ATOM   128  C  CD2 . LEU A 1 22  ? 3.573   -9.102  -6.590  1.00 16.90 ? 22  LEU A CD2 1 
ATOM   129  N  N   . ALA A 1 23  ? 8.256   -6.800  -5.006  1.00 13.68 ? 23  ALA A N   1 
ATOM   130  C  CA  . ALA A 1 23  ? 9.498   -6.064  -5.304  1.00 14.05 ? 23  ALA A CA  1 
ATOM   131  C  C   . ALA A 1 23  ? 10.354  -6.877  -6.295  1.00 14.87 ? 23  ALA A C   1 
ATOM   132  O  O   . ALA A 1 23  ? 10.374  -8.127  -6.198  1.00 15.68 ? 23  ALA A O   1 
ATOM   133  C  CB  . ALA A 1 23  ? 10.264  -5.754  -4.045  1.00 14.06 ? 23  ALA A CB  1 
ATOM   134  N  N   . THR A 1 24  ? 10.954  -6.173  -7.223  1.00 14.42 ? 24  THR A N   1 
ATOM   135  C  CA  . THR A 1 24  ? 11.814  -6.780  -8.269  1.00 15.87 ? 24  THR A CA  1 
ATOM   136  C  C   . THR A 1 24  ? 13.249  -6.904  -7.806  1.00 16.32 ? 24  THR A C   1 
ATOM   137  O  O   . THR A 1 24  ? 13.622  -6.353  -6.757  1.00 15.04 ? 24  THR A O   1 
ATOM   138  C  CB  . THR A 1 24  ? 11.734  -5.946  -9.552  1.00 15.89 ? 24  THR A CB  1 
ATOM   139  O  OG1 . THR A 1 24  ? 12.344  -4.699  -9.259  1.00 17.65 ? 24  THR A OG1 1 
ATOM   140  C  CG2 . THR A 1 24  ? 10.317  -5.775  -10.068 1.00 17.96 ? 24  THR A CG2 1 
ATOM   141  N  N   . HIS A 1 25  ? 14.073  -7.619  -8.583  1.00 16.83 ? 25  HIS A N   1 
ATOM   142  C  CA  . HIS A 1 25  ? 15.524  -7.594  -8.299  1.00 18.24 ? 25  HIS A CA  1 
ATOM   143  C  C   . HIS A 1 25  ? 16.023  -6.145  -8.293  1.00 16.50 ? 25  HIS A C   1 
ATOM   144  O  O   . HIS A 1 25  ? 16.809  -5.797  -7.407  1.00 15.73 ? 25  HIS A O   1 
ATOM   145  C  CB  . HIS A 1 25  ? 16.321  -8.475  -9.263  1.00 19.01 ? 25  HIS A CB  1 
ATOM   146  C  CG  . HIS A 1 25  ? 17.782  -8.126  -9.230  1.00 20.79 ? 25  HIS A CG  1 
ATOM   147  N  ND1 . HIS A 1 25  ? 18.643  -8.655  -8.294  1.00 21.28 ? 25  HIS A ND1 1 
ATOM   148  C  CD2 . HIS A 1 25  ? 18.523  -7.226  -9.947  1.00 22.92 ? 25  HIS A CD2 1 
ATOM   149  C  CE1 . HIS A 1 25  ? 19.853  -8.175  -8.467  1.00 21.61 ? 25  HIS A CE1 1 
ATOM   150  N  NE2 . HIS A 1 25  ? 19.815  -7.256  -9.467  1.00 23.36 ? 25  HIS A NE2 1 
ATOM   151  N  N   . ASN A 1 26  ? 15.620  -5.320  -9.282  1.00 16.64 ? 26  ASN A N   1 
ATOM   152  C  CA  . ASN A 1 26  ? 16.105  -3.928  -9.350  1.00 19.05 ? 26  ASN A CA  1 
ATOM   153  C  C   . ASN A 1 26  ? 15.677  -3.170  -8.082  1.00 16.38 ? 26  ASN A C   1 
ATOM   154  O  O   . ASN A 1 26  ? 16.436  -2.370  -7.534  1.00 17.69 ? 26  ASN A O   1 
ATOM   155  C  CB  . ASN A 1 26  ? 15.582  -3.177  -10.572 1.00 21.53 ? 26  ASN A CB  1 
ATOM   156  C  CG  . ASN A 1 26  ? 16.126  -1.761  -10.619 1.00 28.72 ? 26  ASN A CG  1 
ATOM   157  O  OD1 . ASN A 1 26  ? 17.311  -1.539  -10.888 1.00 31.23 ? 26  ASN A OD1 1 
ATOM   158  N  ND2 . ASN A 1 26  ? 15.303  -0.790  -10.255 1.00 27.87 ? 26  ASN A ND2 1 
ATOM   159  N  N   . ASP A 1 27  ? 14.469  -3.437  -7.577  1.00 16.15 ? 27  ASP A N   1 
ATOM   160  C  CA  . ASP A 1 27  ? 14.054  -2.808  -6.306  1.00 15.51 ? 27  ASP A CA  1 
ATOM   161  C  C   . ASP A 1 27  ? 15.037  -3.148  -5.182  1.00 14.32 ? 27  ASP A C   1 
ATOM   162  O  O   . ASP A 1 27  ? 15.467  -2.247  -4.428  1.00 15.37 ? 27  ASP A O   1 
ATOM   163  C  CB  . ASP A 1 27  ? 12.645  -3.207  -5.878  1.00 15.48 ? 27  ASP A CB  1 
ATOM   164  C  CG  . ASP A 1 27  ? 11.545  -2.573  -6.695  1.00 17.18 ? 27  ASP A CG  1 
ATOM   165  O  OD1 . ASP A 1 27  ? 11.733  -1.404  -7.105  1.00 17.75 ? 27  ASP A OD1 1 
ATOM   166  O  OD2 . ASP A 1 27  ? 10.580  -3.266  -7.009  1.00 16.14 ? 27  ASP A OD2 1 
ATOM   167  N  N   . TRP A 1 28  ? 15.361  -4.445  -5.018  1.00 14.69 ? 28  TRP A N   1 
ATOM   168  C  CA  . TRP A 1 28  ? 16.241  -4.926  -3.929  1.00 15.06 ? 28  TRP A CA  1 
ATOM   169  C  C   . TRP A 1 28  ? 17.683  -4.428  -4.135  1.00 14.18 ? 28  TRP A C   1 
ATOM   170  O  O   . TRP A 1 28  ? 18.343  -4.163  -3.147  1.00 15.97 ? 28  TRP A O   1 
ATOM   171  C  CB  . TRP A 1 28  ? 16.220  -6.456  -3.910  1.00 14.77 ? 28  TRP A CB  1 
ATOM   172  C  CG  . TRP A 1 28  ? 15.037  -7.043  -3.193  1.00 14.09 ? 28  TRP A CG  1 
ATOM   173  C  CD1 . TRP A 1 28  ? 13.917  -7.604  -3.742  1.00 15.37 ? 28  TRP A CD1 1 
ATOM   174  C  CD2 . TRP A 1 28  ? 14.862  -7.091  -1.770  1.00 14.47 ? 28  TRP A CD2 1 
ATOM   175  N  NE1 . TRP A 1 28  ? 13.093  -8.067  -2.739  1.00 14.27 ? 28  TRP A NE1 1 
ATOM   176  C  CE2 . TRP A 1 28  ? 13.625  -7.724  -1.525  1.00 13.71 ? 28  TRP A CE2 1 
ATOM   177  C  CE3 . TRP A 1 28  ? 15.624  -6.684  -0.670  1.00 14.94 ? 28  TRP A CE3 1 
ATOM   178  C  CZ2 . TRP A 1 28  ? 13.171  -7.988  -0.228  1.00 14.99 ? 28  TRP A CZ2 1 
ATOM   179  C  CZ3 . TRP A 1 28  ? 15.142  -6.898  0.599   1.00 16.39 ? 28  TRP A CZ3 1 
ATOM   180  C  CH2 . TRP A 1 28  ? 13.920  -7.533  0.822   1.00 14.70 ? 28  TRP A CH2 1 
ATOM   181  N  N   . ALA A 1 29  ? 18.085  -4.224  -5.389  1.00 15.21 ? 29  ALA A N   1 
ATOM   182  C  CA  . ALA A 1 29  ? 19.438  -3.741  -5.741  1.00 16.30 ? 29  ALA A CA  1 
ATOM   183  C  C   . ALA A 1 29  ? 19.535  -2.236  -5.503  1.00 19.33 ? 29  ALA A C   1 
ATOM   184  O  O   . ALA A 1 29  ? 20.651  -1.670  -5.535  1.00 20.88 ? 29  ALA A O   1 
ATOM   185  C  CB  . ALA A 1 29  ? 19.727  -4.118  -7.155  1.00 15.81 ? 29  ALA A CB  1 
ATOM   186  N  N   . ASN A 1 30  ? 18.373  -1.585  -5.306  1.00 19.95 ? 30  ASN A N   1 
ATOM   187  C  CA  . ASN A 1 30  ? 18.325  -0.114  -5.088  1.00 21.90 ? 30  ASN A CA  1 
ATOM   188  C  C   . ASN A 1 30  ? 17.534  0.149   -3.803  1.00 20.43 ? 30  ASN A C   1 
ATOM   189  O  O   . ASN A 1 30  ? 16.805  1.177   -3.713  1.00 23.22 ? 30  ASN A O   1 
ATOM   190  C  CB  . ASN A 1 30  ? 17.784  0.577   -6.334  1.00 21.32 ? 30  ASN A CB  1 
ATOM   191  C  CG  . ASN A 1 30  ? 18.739  0.521   -7.512  1.00 24.92 ? 30  ASN A CG  1 
ATOM   192  O  OD1 . ASN A 1 30  ? 19.670  1.312   -7.600  1.00 27.25 ? 30  ASN A OD1 1 
ATOM   193  N  ND2 . ASN A 1 30  ? 18.503  -0.397  -8.422  1.00 25.66 ? 30  ASN A ND2 1 
ATOM   194  N  N   . LEU A 1 31  ? 17.663  -0.705  -2.803  1.00 20.39 ? 31  LEU A N   1 
ATOM   195  C  CA  . LEU A 1 31  ? 16.792  -0.720  -1.609  1.00 20.79 ? 31  LEU A CA  1 
ATOM   196  C  C   . LEU A 1 31  ? 17.019  0.552   -0.790  1.00 20.65 ? 31  LEU A C   1 
ATOM   197  O  O   . LEU A 1 31  ? 18.181  0.942   -0.542  1.00 22.03 ? 31  LEU A O   1 
ATOM   198  C  CB  . LEU A 1 31  ? 17.116  -1.948  -0.770  1.00 20.02 ? 31  LEU A CB  1 
ATOM   199  C  CG  . LEU A 1 31  ? 16.250  -2.107  0.470   1.00 19.21 ? 31  LEU A CG  1 
ATOM   200  C  CD1 . LEU A 1 31  ? 14.777  -2.219  0.086   1.00 19.55 ? 31  LEU A CD1 1 
ATOM   201  C  CD2 . LEU A 1 31  ? 16.676  -3.295  1.271   1.00 20.54 ? 31  LEU A CD2 1 
ATOM   202  N  N   . VAL A 1 32  ? 15.928  1.216   -0.399  1.00 19.85 ? 32  VAL A N   1 
ATOM   203  C  CA  . VAL A 1 32  ? 15.970  2.276   0.639   1.00 20.87 ? 32  VAL A CA  1 
ATOM   204  C  C   . VAL A 1 32  ? 15.524  1.699   1.982   1.00 20.48 ? 32  VAL A C   1 
ATOM   205  O  O   . VAL A 1 32  ? 16.173  1.909   3.013   1.00 22.51 ? 32  VAL A O   1 
ATOM   206  C  CB  . VAL A 1 32  ? 15.115  3.438   0.129   1.00 21.96 ? 32  VAL A CB  1 
ATOM   207  C  CG1 . VAL A 1 32  ? 14.928  4.489   1.198   1.00 22.50 ? 32  VAL A CG1 1 
ATOM   208  C  CG2 . VAL A 1 32  ? 15.668  3.993   -1.168  1.00 23.71 ? 32  VAL A CG2 1 
ATOM   209  N  N   . TRP A 1 33  ? 14.416  0.949   2.016   1.00 18.78 ? 33  TRP A N   1 
ATOM   210  C  CA  . TRP A 1 33  ? 13.825  0.480   3.288   1.00 19.38 ? 33  TRP A CA  1 
ATOM   211  C  C   . TRP A 1 33  ? 12.839  -0.635  2.963   1.00 16.01 ? 33  TRP A C   1 
ATOM   212  O  O   . TRP A 1 33  ? 12.199  -0.545  1.884   1.00 17.18 ? 33  TRP A O   1 
ATOM   213  C  CB  . TRP A 1 33  ? 13.167  1.650   4.047   1.00 20.15 ? 33  TRP A CB  1 
ATOM   214  C  CG  . TRP A 1 33  ? 12.274  1.258   5.181   1.00 20.90 ? 33  TRP A CG  1 
ATOM   215  C  CD1 . TRP A 1 33  ? 12.629  1.025   6.473   1.00 23.84 ? 33  TRP A CD1 1 
ATOM   216  C  CD2 . TRP A 1 33  ? 10.837  1.094   5.142   1.00 19.98 ? 33  TRP A CD2 1 
ATOM   217  N  NE1 . TRP A 1 33  ? 11.528  0.701   7.234   1.00 25.05 ? 33  TRP A NE1 1 
ATOM   218  C  CE2 . TRP A 1 33  ? 10.412  0.732   6.438   1.00 22.79 ? 33  TRP A CE2 1 
ATOM   219  C  CE3 . TRP A 1 33  ? 9.887   1.187   4.130   1.00 21.04 ? 33  TRP A CE3 1 
ATOM   220  C  CZ2 . TRP A 1 33  ? 9.073   0.525   6.769   1.00 22.02 ? 33  TRP A CZ2 1 
ATOM   221  C  CZ3 . TRP A 1 33  ? 8.553   0.983   4.460   1.00 21.23 ? 33  TRP A CZ3 1 
ATOM   222  C  CH2 . TRP A 1 33  ? 8.162   0.633   5.745   1.00 20.98 ? 33  TRP A CH2 1 
ATOM   223  N  N   . GLU A 1 34  ? 12.723  -1.632  3.809   1.00 17.18 ? 34  GLU A N   1 
ATOM   224  C  CA  . GLU A 1 34  ? 11.746  -2.724  3.593   1.00 18.04 ? 34  GLU A CA  1 
ATOM   225  C  C   . GLU A 1 34  ? 11.295  -3.249  4.945   1.00 18.99 ? 34  GLU A C   1 
ATOM   226  O  O   . GLU A 1 34  ? 12.092  -3.178  5.951   1.00 20.26 ? 34  GLU A O   1 
ATOM   227  C  CB  . GLU A 1 34  ? 12.261  -3.840  2.693   1.00 18.10 ? 34  GLU A CB  1 
ATOM   228  C  CG  . GLU A 1 34  ? 13.554  -4.471  3.220   1.00 18.32 ? 34  GLU A CG  1 
ATOM   229  C  CD  . GLU A 1 34  ? 13.429  -5.560  4.266   1.00 18.18 ? 34  GLU A CD  1 
ATOM   230  O  OE1 . GLU A 1 34  ? 14.451  -5.814  4.925   1.00 21.24 ? 34  GLU A OE1 1 
ATOM   231  O  OE2 . GLU A 1 34  ? 12.362  -6.153  4.427   1.00 19.67 ? 34  GLU A OE2 1 
ATOM   232  N  N   . ASP A 1 35  ? 10.043  -3.700  5.032   1.00 18.15 ? 35  ASP A N   1 
ATOM   233  C  CA  . ASP A 1 35  ? 9.474   -4.241  6.291   1.00 17.75 ? 35  ASP A CA  1 
ATOM   234  C  C   . ASP A 1 35  ? 8.490   -5.341  5.940   1.00 19.61 ? 35  ASP A C   1 
ATOM   235  O  O   . ASP A 1 35  ? 7.433   -5.035  5.340   1.00 18.40 ? 35  ASP A O   1 
ATOM   236  C  CB  . ASP A 1 35  ? 8.891   -3.068  7.079   1.00 19.39 ? 35  ASP A CB  1 
ATOM   237  C  CG  . ASP A 1 35  ? 8.282   -3.438  8.406   1.00 20.35 ? 35  ASP A CG  1 
ATOM   238  O  OD1 . ASP A 1 35  ? 7.650   -4.513  8.516   1.00 22.53 ? 35  ASP A OD1 1 
ATOM   239  O  OD2 . ASP A 1 35  ? 8.378   -2.559  9.298   1.00 26.86 ? 35  ASP A OD2 1 
ATOM   240  N  N   A SER A 1 36  ? 8.821   -6.595  6.207   0.13 18.88 ? 36  SER A N   1 
ATOM   241  N  N   B SER A 1 36  ? 8.821   -6.595  6.207   0.13 18.88 ? 36  SER A N   1 
ATOM   242  C  CA  A SER A 1 36  ? 7.955   -7.753  5.875   0.13 19.23 ? 36  SER A CA  1 
ATOM   243  C  CA  B SER A 1 36  ? 7.960   -7.756  5.884   0.13 20.26 ? 36  SER A CA  1 
ATOM   244  C  C   A SER A 1 36  ? 6.636   -7.666  6.644   0.13 19.86 ? 36  SER A C   1 
ATOM   245  C  C   B SER A 1 36  ? 6.636   -7.666  6.644   0.13 19.86 ? 36  SER A C   1 
ATOM   246  O  O   A SER A 1 36  ? 5.615   -8.021  6.055   0.13 20.60 ? 36  SER A O   1 
ATOM   247  O  O   B SER A 1 36  ? 5.615   -8.021  6.055   0.13 20.60 ? 36  SER A O   1 
ATOM   248  C  CB  A SER A 1 36  ? 8.638   -9.074  6.146   0.13 18.63 ? 36  SER A CB  1 
ATOM   249  C  CB  B SER A 1 36  ? 8.652   -9.062  6.184   0.13 20.90 ? 36  SER A CB  1 
ATOM   250  O  OG  A SER A 1 36  ? 7.750   -10.170 5.981   0.13 20.33 ? 36  SER A OG  1 
ATOM   251  O  OG  B SER A 1 36  ? 9.400   -8.969  7.392   0.13 25.59 ? 36  SER A OG  1 
ATOM   252  N  N   . SER A 1 37  ? 6.689   -7.203  7.901   1.00 20.34 ? 37  SER A N   1 
ATOM   253  C  CA  . SER A 1 37  ? 5.478   -7.147  8.758   1.00 21.50 ? 37  SER A CA  1 
ATOM   254  C  C   . SER A 1 37  ? 4.460   -6.207  8.115   1.00 23.22 ? 37  SER A C   1 
ATOM   255  O  O   . SER A 1 37  ? 3.268   -6.493  8.244   1.00 23.87 ? 37  SER A O   1 
ATOM   256  C  CB  . SER A 1 37  ? 5.788   -6.728  10.169  1.00 22.44 ? 37  SER A CB  1 
ATOM   257  O  OG  . SER A 1 37  ? 6.226   -5.386  10.244  1.00 27.31 ? 37  SER A OG  1 
ATOM   258  N  N   . ARG A 1 38  ? 4.911   -5.221  7.339   1.00 20.01 ? 38  ARG A N   1 
ATOM   259  C  CA  . ARG A 1 38  ? 3.993   -4.219  6.697   1.00 18.62 ? 38  ARG A CA  1 
ATOM   260  C  C   . ARG A 1 38  ? 3.747   -4.556  5.222   1.00 18.86 ? 38  ARG A C   1 
ATOM   261  O  O   . ARG A 1 38  ? 2.972   -3.834  4.561   1.00 19.22 ? 38  ARG A O   1 
ATOM   262  C  CB  . ARG A 1 38  ? 4.653   -2.852  6.800   1.00 18.66 ? 38  ARG A CB  1 
ATOM   263  C  CG  . ARG A 1 38  ? 4.839   -2.351  8.223   1.00 19.30 ? 38  ARG A CG  1 
ATOM   264  C  CD  . ARG A 1 38  ? 5.397   -0.966  8.175   1.00 19.54 ? 38  ARG A CD  1 
ATOM   265  N  NE  . ARG A 1 38  ? 4.527   0.058   7.575   1.00 18.91 ? 38  ARG A NE  1 
ATOM   266  C  CZ  . ARG A 1 38  ? 4.510   1.345   7.961   1.00 19.45 ? 38  ARG A CZ  1 
ATOM   267  N  NH1 . ARG A 1 38  ? 5.341   1.772   8.906   1.00 20.53 ? 38  ARG A NH1 1 
ATOM   268  N  NH2 . ARG A 1 38  ? 3.688   2.244   7.416   1.00 20.68 ? 38  ARG A NH2 1 
ATOM   269  N  N   . ASP A 1 39  ? 4.465   -5.539  4.687   1.00 17.81 ? 39  ASP A N   1 
ATOM   270  C  CA  . ASP A 1 39  ? 4.394   -5.847  3.235   1.00 15.78 ? 39  ASP A CA  1 
ATOM   271  C  C   . ASP A 1 39  ? 4.852   -4.643  2.423   1.00 14.21 ? 39  ASP A C   1 
ATOM   272  O  O   . ASP A 1 39  ? 4.243   -4.418  1.368   1.00 15.31 ? 39  ASP A O   1 
ATOM   273  C  CB  . ASP A 1 39  ? 2.996   -6.294  2.771   1.00 16.89 ? 39  ASP A CB  1 
ATOM   274  C  CG  . ASP A 1 39  ? 2.954   -6.756  1.328   1.00 17.67 ? 39  ASP A CG  1 
ATOM   275  O  OD1 . ASP A 1 39  ? 3.987   -7.297  0.837   1.00 17.96 ? 39  ASP A OD1 1 
ATOM   276  O  OD2 . ASP A 1 39  ? 1.941   -6.479  0.630   1.00 17.88 ? 39  ASP A OD2 1 
ATOM   277  N  N   . LEU A 1 40  ? 5.865   -3.851  2.837   1.00 13.54 ? 40  LEU A N   1 
ATOM   278  C  CA  . LEU A 1 40  ? 6.293   -2.663  2.078   1.00 13.43 ? 40  LEU A CA  1 
ATOM   279  C  C   . LEU A 1 40  ? 7.779   -2.759  1.743   1.00 12.65 ? 40  LEU A C   1 
ATOM   280  O  O   . LEU A 1 40  ? 8.560   -3.244  2.607   1.00 14.74 ? 40  LEU A O   1 
ATOM   281  C  CB  . LEU A 1 40  ? 6.041   -1.369  2.846   1.00 14.74 ? 40  LEU A CB  1 
ATOM   282  C  CG  . LEU A 1 40  ? 4.596   -0.920  2.960   1.00 14.66 ? 40  LEU A CG  1 
ATOM   283  C  CD1 . LEU A 1 40  ? 4.541   0.393   3.735   1.00 15.24 ? 40  LEU A CD1 1 
ATOM   284  C  CD2 . LEU A 1 40  ? 3.981   -0.720  1.577   1.00 14.45 ? 40  LEU A CD2 1 
ATOM   285  N  N   . LEU A 1 41  ? 8.115   -2.196  0.608   1.00 12.80 ? 41  LEU A N   1 
ATOM   286  C  CA  . LEU A 1 41  ? 9.512   -2.008  0.202   1.00 13.31 ? 41  LEU A CA  1 
ATOM   287  C  C   . LEU A 1 41  ? 9.584   -0.707  -0.574  1.00 13.41 ? 41  LEU A C   1 
ATOM   288  O  O   . LEU A 1 41  ? 8.680   -0.415  -1.367  1.00 14.88 ? 41  LEU A O   1 
ATOM   289  C  CB  . LEU A 1 41  ? 9.978   -3.216  -0.619  1.00 14.22 ? 41  LEU A CB  1 
ATOM   290  C  CG  . LEU A 1 41  ? 11.453  -3.159  -1.043  1.00 13.60 ? 41  LEU A CG  1 
ATOM   291  C  CD1 . LEU A 1 41  ? 12.095  -4.530  -1.108  1.00 13.60 ? 41  LEU A CD1 1 
ATOM   292  C  CD2 . LEU A 1 41  ? 11.631  -2.463  -2.372  1.00 14.13 ? 41  LEU A CD2 1 
ATOM   293  N  N   . VAL A 1 42  ? 10.617  0.051   -0.291  1.00 14.49 ? 42  VAL A N   1 
ATOM   294  C  CA  . VAL A 1 42  ? 10.892  1.307   -1.001  1.00 15.24 ? 42  VAL A CA  1 
ATOM   295  C  C   . VAL A 1 42  ? 12.279  1.191   -1.621  1.00 16.27 ? 42  VAL A C   1 
ATOM   296  O  O   . VAL A 1 42  ? 13.203  0.862   -0.889  1.00 17.42 ? 42  VAL A O   1 
ATOM   297  C  CB  . VAL A 1 42  ? 10.797  2.502   -0.050  1.00 17.06 ? 42  VAL A CB  1 
ATOM   298  C  CG1 . VAL A 1 42  ? 11.104  3.776   -0.805  1.00 17.81 ? 42  VAL A CG1 1 
ATOM   299  C  CG2 . VAL A 1 42  ? 9.448   2.579   0.665   1.00 15.83 ? 42  VAL A CG2 1 
ATOM   300  N  N   . SER A 1 43  ? 12.351  1.554   -2.886  1.00 16.06 ? 43  SER A N   1 
ATOM   301  C  CA  . SER A 1 43  ? 13.576  1.593   -3.738  1.00 18.74 ? 43  SER A CA  1 
ATOM   302  C  C   . SER A 1 43  ? 13.765  3.016   -4.311  1.00 21.76 ? 43  SER A C   1 
ATOM   303  O  O   . SER A 1 43  ? 12.805  3.849   -4.287  1.00 20.31 ? 43  SER A O   1 
ATOM   304  C  CB  . SER A 1 43  ? 13.497  0.541   -4.823  1.00 17.84 ? 43  SER A CB  1 
ATOM   305  O  OG  . SER A 1 43  ? 12.473  0.789   -5.778  1.00 19.25 ? 43  SER A OG  1 
ATOM   306  N  N   . SER A 1 44  ? 14.975  3.335   -4.760  1.00 22.21 ? 44  SER A N   1 
ATOM   307  C  CA  . SER A 1 44  ? 15.344  4.650   -5.363  1.00 24.66 ? 44  SER A CA  1 
ATOM   308  C  C   . SER A 1 44  ? 14.980  4.702   -6.837  1.00 27.12 ? 44  SER A C   1 
ATOM   309  O  O   . SER A 1 44  ? 15.047  3.651   -7.510  1.00 27.14 ? 44  SER A O   1 
ATOM   310  C  CB  . SER A 1 44  ? 16.792  4.917   -5.186  1.00 26.94 ? 44  SER A CB  1 
ATOM   311  O  OG  . SER A 1 44  ? 17.523  3.888   -5.826  1.00 28.93 ? 44  SER A OG  1 
ATOM   312  N  N   . THR A 1 45  ? 14.656  5.895   -7.345  1.00 25.34 ? 45  THR A N   1 
ATOM   313  C  CA  . THR A 1 45  ? 14.327  6.131   -8.764  1.00 29.83 ? 45  THR A CA  1 
ATOM   314  C  C   . THR A 1 45  ? 15.283  7.186   -9.335  1.00 31.94 ? 45  THR A C   1 
ATOM   315  O  O   . THR A 1 45  ? 15.786  8.019   -8.595  1.00 32.45 ? 45  THR A O   1 
ATOM   316  C  CB  . THR A 1 45  ? 12.872  6.577   -8.940  1.00 30.52 ? 45  THR A CB  1 
ATOM   317  O  OG1 . THR A 1 45  ? 12.767  7.868   -8.351  1.00 31.85 ? 45  THR A OG1 1 
ATOM   318  C  CG2 . THR A 1 45  ? 11.882  5.635   -8.292  1.00 32.03 ? 45  THR A CG2 1 
ATOM   319  N  N   . THR A 1 46  ? 15.468  7.182   -10.642 1.00 36.91 ? 46  THR A N   1 
ATOM   320  C  CA  . THR A 1 46  ? 16.288  8.234   -11.290 1.00 38.18 ? 46  THR A CA  1 
ATOM   321  C  C   . THR A 1 46  ? 15.371  9.447   -11.518 1.00 37.16 ? 46  THR A C   1 
ATOM   322  O  O   . THR A 1 46  ? 15.773  10.540  -11.140 1.00 40.92 ? 46  THR A O   1 
ATOM   323  C  CB  . THR A 1 46  ? 17.076  7.610   -12.447 1.00 36.08 ? 46  THR A CB  1 
ATOM   324  O  OG1 . THR A 1 46  ? 16.190  6.956   -13.347 1.00 40.93 ? 46  THR A OG1 1 
ATOM   325  C  CG2 . THR A 1 46  ? 18.066  6.583   -11.948 1.00 38.81 ? 46  THR A CG2 1 
ATOM   326  N  N   . ALA A 1 47  ? 14.160  9.256   -12.050 1.00 37.00 ? 47  ALA A N   1 
ATOM   327  C  CA  . ALA A 1 47  ? 13.197  10.349  -12.333 1.00 35.97 ? 47  ALA A CA  1 
ATOM   328  C  C   . ALA A 1 47  ? 12.326  10.609  -11.097 1.00 36.26 ? 47  ALA A C   1 
ATOM   329  O  O   . ALA A 1 47  ? 12.027  9.638   -10.357 1.00 32.57 ? 47  ALA A O   1 
ATOM   330  C  CB  . ALA A 1 47  ? 12.361  9.996   -13.533 1.00 36.44 ? 47  ALA A CB  1 
ATOM   331  N  N   . GLN A 1 48  ? 11.938  11.870  -10.882 1.00 31.67 ? 48  GLN A N   1 
ATOM   332  C  CA  . GLN A 1 48  ? 10.999  12.274  -9.803  1.00 30.41 ? 48  GLN A CA  1 
ATOM   333  C  C   . GLN A 1 48  ? 9.576   11.825  -10.132 1.00 28.50 ? 48  GLN A C   1 
ATOM   334  O  O   . GLN A 1 48  ? 9.223   11.754  -11.324 1.00 31.09 ? 48  GLN A O   1 
ATOM   335  C  CB  . GLN A 1 48  ? 11.064  13.783  -9.577  1.00 33.80 ? 48  GLN A CB  1 
ATOM   336  C  CG  . GLN A 1 48  ? 12.293  14.187  -8.782  1.00 37.54 ? 48  GLN A CG  1 
ATOM   337  C  CD  . GLN A 1 48  ? 12.132  15.541  -8.139  1.00 48.50 ? 48  GLN A CD  1 
ATOM   338  O  OE1 . GLN A 1 48  ? 12.296  16.572  -8.786  1.00 57.11 ? 48  GLN A OE1 1 
ATOM   339  N  NE2 . GLN A 1 48  ? 11.797  15.549  -6.859  1.00 54.44 ? 48  GLN A NE2 1 
ATOM   340  N  N   . GLY A 1 49  ? 8.790   11.497  -9.092  1.00 27.58 ? 49  GLY A N   1 
ATOM   341  C  CA  . GLY A 1 49  ? 7.450   10.904  -9.276  1.00 27.94 ? 49  GLY A CA  1 
ATOM   342  C  C   . GLY A 1 49  ? 6.328   11.918  -9.119  1.00 27.93 ? 49  GLY A C   1 
ATOM   343  O  O   . GLY A 1 49  ? 6.595   12.958  -8.507  1.00 29.48 ? 49  GLY A O   1 
ATOM   344  N  N   . CYS A 1 50  ? 5.122   11.558  -9.583  1.00 26.49 ? 50  CYS A N   1 
ATOM   345  C  CA  . CYS A 1 50  ? 3.940   12.456  -9.685  1.00 27.54 ? 50  CYS A CA  1 
ATOM   346  C  C   . CYS A 1 50  ? 3.083   12.408  -8.410  1.00 28.55 ? 50  CYS A C   1 
ATOM   347  O  O   . CYS A 1 50  ? 2.153   13.216  -8.346  1.00 28.32 ? 50  CYS A O   1 
ATOM   348  C  CB  . CYS A 1 50  ? 3.049   12.125  -10.888 1.00 29.22 ? 50  CYS A CB  1 
ATOM   349  S  SG  . CYS A 1 50  ? 3.760   12.515  -12.520 1.00 34.78 ? 50  CYS A SG  1 
ATOM   350  N  N   . ASP A 1 51  ? 3.346   11.529  -7.441  1.00 25.42 ? 51  ASP A N   1 
ATOM   351  C  CA  . ASP A 1 51  ? 2.416   11.344  -6.284  1.00 23.70 ? 51  ASP A CA  1 
ATOM   352  C  C   . ASP A 1 51  ? 2.834   12.160  -5.056  1.00 23.56 ? 51  ASP A C   1 
ATOM   353  O  O   . ASP A 1 51  ? 4.022   12.363  -4.795  1.00 24.27 ? 51  ASP A O   1 
ATOM   354  C  CB  . ASP A 1 51  ? 2.254   9.863   -5.915  1.00 22.30 ? 51  ASP A CB  1 
ATOM   355  C  CG  . ASP A 1 51  ? 1.797   8.976   -7.039  1.00 23.61 ? 51  ASP A CG  1 
ATOM   356  O  OD1 . ASP A 1 51  ? 0.789   9.296   -7.707  1.00 28.11 ? 51  ASP A OD1 1 
ATOM   357  O  OD2 . ASP A 1 51  ? 2.428   7.911   -7.202  1.00 24.72 ? 51  ASP A OD2 1 
ATOM   358  N  N   . THR A 1 52  ? 1.827   12.596  -4.293  1.00 20.51 ? 52  THR A N   1 
ATOM   359  C  CA  . THR A 1 52  ? 1.901   13.274  -2.990  1.00 21.31 ? 52  THR A CA  1 
ATOM   360  C  C   . THR A 1 52  ? 1.355   12.315  -1.933  1.00 17.66 ? 52  THR A C   1 
ATOM   361  O  O   . THR A 1 52  ? 0.284   11.702  -2.155  1.00 18.36 ? 52  THR A O   1 
ATOM   362  C  CB  . THR A 1 52  ? 1.078   14.575  -2.978  1.00 23.20 ? 52  THR A CB  1 
ATOM   363  O  OG1 . THR A 1 52  ? 1.579   15.429  -4.018  1.00 26.44 ? 52  THR A OG1 1 
ATOM   364  C  CG2 . THR A 1 52  ? 1.099   15.291  -1.640  1.00 25.52 ? 52  THR A CG2 1 
ATOM   365  N  N   . ILE A 1 53  ? 2.042   12.209  -0.828  1.00 16.19 ? 53  ILE A N   1 
ATOM   366  C  CA  . ILE A 1 53  ? 1.592   11.339  0.278   1.00 16.29 ? 53  ILE A CA  1 
ATOM   367  C  C   . ILE A 1 53  ? 0.672   12.166  1.170   1.00 17.94 ? 53  ILE A C   1 
ATOM   368  O  O   . ILE A 1 53  ? 1.029   13.305  1.564   1.00 17.55 ? 53  ILE A O   1 
ATOM   369  C  CB  . ILE A 1 53  ? 2.759   10.749  1.068   1.00 17.19 ? 53  ILE A CB  1 
ATOM   370  C  CG1 . ILE A 1 53  ? 3.785   10.066  0.138   1.00 16.33 ? 53  ILE A CG1 1 
ATOM   371  C  CG2 . ILE A 1 53  ? 2.266   9.796   2.129   1.00 16.22 ? 53  ILE A CG2 1 
ATOM   372  C  CD1 . ILE A 1 53  ? 3.219   8.913   -0.635  1.00 17.02 ? 53  ILE A CD1 1 
ATOM   373  N  N   . ALA A 1 54  ? -0.447  11.581  1.560   1.00 16.19 ? 54  ALA A N   1 
ATOM   374  C  CA  . ALA A 1 54  ? -1.377  12.170  2.528   1.00 17.04 ? 54  ALA A CA  1 
ATOM   375  C  C   . ALA A 1 54  ? -0.680  12.232  3.887   1.00 14.29 ? 54  ALA A C   1 
ATOM   376  O  O   . ALA A 1 54  ? -0.026  11.222  4.278   1.00 15.40 ? 54  ALA A O   1 
ATOM   377  C  CB  . ALA A 1 54  ? -2.589  11.295  2.605   1.00 15.60 ? 54  ALA A CB  1 
ATOM   378  N  N   . ARG A 1 55  ? -0.891  13.323  4.656   1.00 14.68 ? 55  ARG A N   1 
ATOM   379  C  CA  . ARG A 1 55  ? -0.450  13.406  6.067   1.00 15.68 ? 55  ARG A CA  1 
ATOM   380  C  C   . ARG A 1 55  ? -1.690  13.792  6.855   1.00 14.50 ? 55  ARG A C   1 
ATOM   381  O  O   . ARG A 1 55  ? -2.032  14.975  6.867   1.00 18.70 ? 55  ARG A O   1 
ATOM   382  C  CB  . ARG A 1 55  ? 0.737   14.360  6.239   1.00 18.55 ? 55  ARG A CB  1 
ATOM   383  C  CG  . ARG A 1 55  ? 1.912   14.068  5.297   1.00 18.96 ? 55  ARG A CG  1 
ATOM   384  C  CD  . ARG A 1 55  ? 2.630   12.779  5.679   1.00 19.46 ? 55  ARG A CD  1 
ATOM   385  N  NE  . ARG A 1 55  ? 3.717   12.500  4.726   1.00 21.37 ? 55  ARG A NE  1 
ATOM   386  C  CZ  . ARG A 1 55  ? 4.305   11.308  4.559   1.00 20.30 ? 55  ARG A CZ  1 
ATOM   387  N  NH1 . ARG A 1 55  ? 3.940   10.288  5.278   1.00 19.36 ? 55  ARG A NH1 1 
ATOM   388  N  NH2 . ARG A 1 55  ? 5.271   11.158  3.667   1.00 24.41 ? 55  ARG A NH2 1 
ATOM   389  N  N   . CYS A 1 56  ? -2.331  12.814  7.474   1.00 14.45 ? 56  CYS A N   1 
ATOM   390  C  CA  . CYS A 1 56  ? -3.732  12.948  7.953   1.00 14.59 ? 56  CYS A CA  1 
ATOM   391  C  C   . CYS A 1 56  ? -4.175  11.687  8.680   1.00 15.36 ? 56  CYS A C   1 
ATOM   392  O  O   . CYS A 1 56  ? -3.449  10.666  8.661   1.00 17.16 ? 56  CYS A O   1 
ATOM   393  C  CB  . CYS A 1 56  ? -4.653  13.208  6.771   1.00 13.79 ? 56  CYS A CB  1 
ATOM   394  S  SG  . CYS A 1 56  ? -4.884  11.729  5.739   1.00 14.70 ? 56  CYS A SG  1 
ATOM   395  N  N   A ASP A 1 57  ? -5.345  11.717  9.330   0.25 16.89 ? 57  ASP A N   1 
ATOM   396  N  N   B ASP A 1 57  ? -5.402  11.803  9.193   0.25 17.29 ? 57  ASP A N   1 
ATOM   397  C  CA  A ASP A 1 57  ? -6.006  10.505  9.880   0.25 16.14 ? 57  ASP A CA  1 
ATOM   398  C  CA  B ASP A 1 57  ? -6.152  10.823  10.005  0.25 16.24 ? 57  ASP A CA  1 
ATOM   399  C  C   A ASP A 1 57  ? -7.376  10.318  9.210   0.25 16.21 ? 57  ASP A C   1 
ATOM   400  C  C   B ASP A 1 57  ? -7.389  10.335  9.221   0.25 16.24 ? 57  ASP A C   1 
ATOM   401  O  O   A ASP A 1 57  ? -8.294  9.821   9.860   0.25 17.15 ? 57  ASP A O   1 
ATOM   402  O  O   B ASP A 1 57  ? -8.228  9.641   9.811   0.25 16.59 ? 57  ASP A O   1 
ATOM   403  C  CB  A ASP A 1 57  ? -6.125  10.526  11.406  0.25 17.06 ? 57  ASP A CB  1 
ATOM   404  C  CB  B ASP A 1 57  ? -6.571  11.492  11.319  0.25 18.25 ? 57  ASP A CB  1 
ATOM   405  C  CG  A ASP A 1 57  ? -7.070  11.584  11.942  0.25 18.00 ? 57  ASP A CG  1 
ATOM   406  C  CG  B ASP A 1 57  ? -6.803  10.524  12.457  0.25 19.68 ? 57  ASP A CG  1 
ATOM   407  O  OD1 A ASP A 1 57  ? -7.558  12.385  11.150  0.25 16.67 ? 57  ASP A OD1 1 
ATOM   408  O  OD1 B ASP A 1 57  ? -6.124  9.497   12.478  0.25 21.89 ? 57  ASP A OD1 1 
ATOM   409  O  OD2 A ASP A 1 57  ? -7.226  11.638  13.171  0.25 20.51 ? 57  ASP A OD2 1 
ATOM   410  O  OD2 B ASP A 1 57  ? -7.665  10.814  13.305  0.25 21.00 ? 57  ASP A OD2 1 
ATOM   411  N  N   . CYS A 1 58  ? -7.475  10.614  7.924   1.00 15.43 ? 58  CYS A N   1 
ATOM   412  C  CA  . CYS A 1 58  ? -8.693  10.282  7.154   1.00 15.05 ? 58  CYS A CA  1 
ATOM   413  C  C   . CYS A 1 58  ? -9.005  8.792   7.268   1.00 14.01 ? 58  CYS A C   1 
ATOM   414  O  O   . CYS A 1 58  ? -8.075  7.930   7.281   1.00 13.45 ? 58  CYS A O   1 
ATOM   415  C  CB  . CYS A 1 58  ? -8.574  10.574  5.678   1.00 16.25 ? 58  CYS A CB  1 
ATOM   416  S  SG  . CYS A 1 58  ? -8.595  12.337  5.282   1.00 15.24 ? 58  CYS A SG  1 
ATOM   417  N  N   . GLN A 1 59  ? -10.311 8.527   7.266   1.00 14.28 ? 59  GLN A N   1 
ATOM   418  C  CA  . GLN A 1 59  ? -10.886 7.179   7.208   1.00 14.56 ? 59  GLN A CA  1 
ATOM   419  C  C   . GLN A 1 59  ? -11.854 7.084   6.037   1.00 12.37 ? 59  GLN A C   1 
ATOM   420  O  O   . GLN A 1 59  ? -12.576 6.105   5.992   1.00 13.90 ? 59  GLN A O   1 
ATOM   421  C  CB  . GLN A 1 59  ? -11.590 6.758   8.489   1.00 15.78 ? 59  GLN A CB  1 
ATOM   422  C  CG  . GLN A 1 59  ? -10.602 6.436   9.583   1.00 18.16 ? 59  GLN A CG  1 
ATOM   423  C  CD  . GLN A 1 59  ? -11.275 5.887   10.814  1.00 17.29 ? 59  GLN A CD  1 
ATOM   424  O  OE1 . GLN A 1 59  ? -11.417 6.619   11.795  1.00 18.88 ? 59  GLN A OE1 1 
ATOM   425  N  NE2 . GLN A 1 59  ? -11.794 4.663   10.746  1.00 18.82 ? 59  GLN A NE2 1 
ATOM   426  N  N   . THR A 1 60  ? -11.819 8.021   5.101   1.00 13.01 ? 60  THR A N   1 
ATOM   427  C  CA  . THR A 1 60  ? -12.587 7.873   3.852   1.00 14.33 ? 60  THR A CA  1 
ATOM   428  C  C   . THR A 1 60  ? -11.690 8.208   2.678   1.00 13.32 ? 60  THR A C   1 
ATOM   429  O  O   . THR A 1 60  ? -10.817 9.084   2.792   1.00 13.92 ? 60  THR A O   1 
ATOM   430  C  CB  . THR A 1 60  ? -13.874 8.685   3.847   1.00 16.40 ? 60  THR A CB  1 
ATOM   431  O  OG1 . THR A 1 60  ? -13.431 10.017  3.881   1.00 21.72 ? 60  THR A OG1 1 
ATOM   432  C  CG2 . THR A 1 60  ? -14.819 8.335   4.965   1.00 16.74 ? 60  THR A CG2 1 
ATOM   433  N  N   . GLY A 1 61  ? -11.846 7.471   1.605   1.00 11.45 ? 61  GLY A N   1 
ATOM   434  C  CA  . GLY A 1 61  ? -11.030 7.710   0.415   1.00 10.96 ? 61  GLY A CA  1 
ATOM   435  C  C   . GLY A 1 61  ? -11.548 6.887   -0.735  1.00 10.15 ? 61  GLY A C   1 
ATOM   436  O  O   . GLY A 1 61  ? -12.702 6.462   -0.697  1.00 11.35 ? 61  GLY A O   1 
ATOM   437  N  N   . VAL A 1 62  ? -10.695 6.716   -1.719  1.00 9.49  ? 62  VAL A N   1 
ATOM   438  C  CA  . VAL A 1 62  ? -11.065 6.008   -2.962  1.00 10.51 ? 62  VAL A CA  1 
ATOM   439  C  C   . VAL A 1 62  ? -9.892  5.102   -3.307  1.00 10.76 ? 62  VAL A C   1 
ATOM   440  O  O   . VAL A 1 62  ? -8.742  5.562   -3.276  1.00 11.64 ? 62  VAL A O   1 
ATOM   441  C  CB  . VAL A 1 62  ? -11.358 6.984   -4.116  1.00 11.09 ? 62  VAL A CB  1 
ATOM   442  C  CG1 . VAL A 1 62  ? -11.524 6.262   -5.423  1.00 12.85 ? 62  VAL A CG1 1 
ATOM   443  C  CG2 . VAL A 1 62  ? -12.546 7.856   -3.790  1.00 10.77 ? 62  VAL A CG2 1 
ATOM   444  N  N   . TYR A 1 63  ? -10.144 3.864   -3.660  1.00 10.73 ? 63  TYR A N   1 
ATOM   445  C  CA  . TYR A 1 63  ? -9.059  2.940   -4.077  1.00 9.57  ? 63  TYR A CA  1 
ATOM   446  C  C   . TYR A 1 63  ? -9.300  2.390   -5.470  1.00 11.21 ? 63  TYR A C   1 
ATOM   447  O  O   . TYR A 1 63  ? -10.441 2.261   -5.926  1.00 12.50 ? 63  TYR A O   1 
ATOM   448  C  CB  . TYR A 1 63  ? -8.826  1.805   -3.065  1.00 11.16 ? 63  TYR A CB  1 
ATOM   449  C  CG  . TYR A 1 63  ? -9.724  0.606   -3.215  1.00 11.20 ? 63  TYR A CG  1 
ATOM   450  C  CD1 . TYR A 1 63  ? -11.044 0.650   -2.800  1.00 12.18 ? 63  TYR A CD1 1 
ATOM   451  C  CD2 . TYR A 1 63  ? -9.251  -0.568  -3.766  1.00 11.47 ? 63  TYR A CD2 1 
ATOM   452  C  CE1 . TYR A 1 63  ? -11.866 -0.455  -2.897  1.00 12.88 ? 63  TYR A CE1 1 
ATOM   453  C  CE2 . TYR A 1 63  ? -10.065 -1.677  -3.894  1.00 13.05 ? 63  TYR A CE2 1 
ATOM   454  C  CZ  . TYR A 1 63  ? -11.377 -1.614  -3.466  1.00 13.25 ? 63  TYR A CZ  1 
ATOM   455  O  OH  . TYR A 1 63  ? -12.202 -2.698  -3.576  1.00 14.96 ? 63  TYR A OH  1 
ATOM   456  N  N   . TYR A 1 64  ? -8.217  2.038   -6.088  1.00 10.71 ? 64  TYR A N   1 
ATOM   457  C  CA  . TYR A 1 64  ? -8.250  1.423   -7.416  1.00 11.12 ? 64  TYR A CA  1 
ATOM   458  C  C   . TYR A 1 64  ? -8.194  -0.087  -7.278  1.00 13.03 ? 64  TYR A C   1 
ATOM   459  O  O   . TYR A 1 64  ? -7.308  -0.678  -6.667  1.00 12.15 ? 64  TYR A O   1 
ATOM   460  C  CB  . TYR A 1 64  ? -7.096  1.873   -8.312  1.00 12.51 ? 64  TYR A CB  1 
ATOM   461  C  CG  . TYR A 1 64  ? -7.187  1.240   -9.667  1.00 14.06 ? 64  TYR A CG  1 
ATOM   462  C  CD1 . TYR A 1 64  ? -8.305  1.488   -10.454 1.00 16.02 ? 64  TYR A CD1 1 
ATOM   463  C  CD2 . TYR A 1 64  ? -6.192  0.402   -10.142 1.00 15.41 ? 64  TYR A CD2 1 
ATOM   464  C  CE1 . TYR A 1 64  ? -8.435  0.893   -11.703 1.00 18.09 ? 64  TYR A CE1 1 
ATOM   465  C  CE2 . TYR A 1 64  ? -6.312  -0.200  -11.390 1.00 18.14 ? 64  TYR A CE2 1 
ATOM   466  C  CZ  . TYR A 1 64  ? -7.431  0.061   -12.163 1.00 18.75 ? 64  TYR A CZ  1 
ATOM   467  O  OH  . TYR A 1 64  ? -7.598  -0.537  -13.384 1.00 20.91 ? 64  TYR A OH  1 
ATOM   468  N  N   . CYS A 1 65  ? -9.167  -0.722  -7.907  1.00 12.01 ? 65  CYS A N   1 
ATOM   469  C  CA  . CYS A 1 65  ? -9.352  -2.175  -7.964  1.00 12.49 ? 65  CYS A CA  1 
ATOM   470  C  C   . CYS A 1 65  ? -9.120  -2.684  -9.395  1.00 12.91 ? 65  CYS A C   1 
ATOM   471  O  O   . CYS A 1 65  ? -10.069 -2.625  -10.242 1.00 14.38 ? 65  CYS A O   1 
ATOM   472  C  CB  . CYS A 1 65  ? -10.717 -2.542  -7.435  1.00 12.71 ? 65  CYS A CB  1 
ATOM   473  S  SG  . CYS A 1 65  ? -11.078 -4.301  -7.576  1.00 14.74 ? 65  CYS A SG  1 
ATOM   474  N  N   . SER A 1 66  ? -7.919  -3.205  -9.684  1.00 13.73 ? 66  SER A N   1 
ATOM   475  C  CA  . SER A 1 66  ? -7.564  -3.640  -11.056 1.00 15.13 ? 66  SER A CA  1 
ATOM   476  C  C   . SER A 1 66  ? -8.459  -4.781  -11.513 1.00 13.97 ? 66  SER A C   1 
ATOM   477  O  O   . SER A 1 66  ? -8.767  -4.750  -12.729 1.00 17.48 ? 66  SER A O   1 
ATOM   478  C  CB  . SER A 1 66  ? -6.109  -3.999  -11.209 1.00 16.95 ? 66  SER A CB  1 
ATOM   479  O  OG  . SER A 1 66  ? -5.793  -5.184  -10.503 1.00 20.90 ? 66  SER A OG  1 
ATOM   480  N  N   . SER A 1 67  ? -8.918  -5.652  -10.639 1.00 13.69 ? 67  SER A N   1 
ATOM   481  C  CA  . SER A 1 67  ? -9.748  -6.821  -11.028 1.00 15.26 ? 67  SER A CA  1 
ATOM   482  C  C   . SER A 1 67  ? -11.177 -6.375  -11.365 1.00 17.07 ? 67  SER A C   1 
ATOM   483  O  O   . SER A 1 67  ? -11.982 -7.258  -11.802 1.00 16.40 ? 67  SER A O   1 
ATOM   484  C  CB  . SER A 1 67  ? -9.735  -7.876  -9.990  1.00 16.00 ? 67  SER A CB  1 
ATOM   485  O  OG  . SER A 1 67  ? -10.339 -7.474  -8.754  1.00 15.84 ? 67  SER A OG  1 
ATOM   486  N  N   . ARG A 1 68  ? -11.492 -5.076  -11.266 1.00 15.38 ? 68  ARG A N   1 
ATOM   487  C  CA  . ARG A 1 68  ? -12.797 -4.487  -11.709 1.00 14.57 ? 68  ARG A CA  1 
ATOM   488  C  C   . ARG A 1 68  ? -12.577 -3.361  -12.694 1.00 15.78 ? 68  ARG A C   1 
ATOM   489  O  O   . ARG A 1 68  ? -13.583 -2.802  -13.141 1.00 17.75 ? 68  ARG A O   1 
ATOM   490  C  CB  . ARG A 1 68  ? -13.603 -4.023  -10.493 1.00 14.51 ? 68  ARG A CB  1 
ATOM   491  C  CG  . ARG A 1 68  ? -13.974 -5.131  -9.544  1.00 13.51 ? 68  ARG A CG  1 
ATOM   492  C  CD  . ARG A 1 68  ? -15.125 -5.979  -10.143 1.00 14.62 ? 68  ARG A CD  1 
ATOM   493  N  NE  . ARG A 1 68  ? -15.524 -7.028  -9.287  1.00 17.10 ? 68  ARG A NE  1 
ATOM   494  C  CZ  . ARG A 1 68  ? -15.022 -8.255  -9.271  1.00 16.07 ? 68  ARG A CZ  1 
ATOM   495  N  NH1 . ARG A 1 68  ? -14.053 -8.589  -10.114 1.00 17.22 ? 68  ARG A NH1 1 
ATOM   496  N  NH2 . ARG A 1 68  ? -15.474 -9.126  -8.400  1.00 16.62 ? 68  ARG A NH2 1 
ATOM   497  N  N   . ARG A 1 69  ? -11.340 -2.948  -12.959 1.00 15.15 ? 69  ARG A N   1 
ATOM   498  C  CA  . ARG A 1 69  ? -11.032 -1.710  -13.690 1.00 15.30 ? 69  ARG A CA  1 
ATOM   499  C  C   . ARG A 1 69  ? -11.879 -0.565  -13.134 1.00 17.35 ? 69  ARG A C   1 
ATOM   500  O  O   . ARG A 1 69  ? -12.439 0.215   -13.924 1.00 19.42 ? 69  ARG A O   1 
ATOM   501  C  CB  . ARG A 1 69  ? -11.290 -1.905  -15.185 1.00 16.80 ? 69  ARG A CB  1 
ATOM   502  C  CG  . ARG A 1 69  ? -10.376 -2.943  -15.816 1.00 19.35 ? 69  ARG A CG  1 
ATOM   503  C  CD  . ARG A 1 69  ? -10.581 -3.010  -17.309 1.00 21.48 ? 69  ARG A CD  1 
ATOM   504  N  NE  . ARG A 1 69  ? -9.690  -3.973  -17.991 1.00 24.75 ? 69  ARG A NE  1 
ATOM   505  C  CZ  . ARG A 1 69  ? -10.104 -5.053  -18.695 1.00 25.82 ? 69  ARG A CZ  1 
ATOM   506  N  NH1 . ARG A 1 69  ? -11.387 -5.400  -18.721 1.00 26.12 ? 69  ARG A NH1 1 
ATOM   507  N  NH2 . ARG A 1 69  ? -9.213  -5.861  -19.277 1.00 26.12 ? 69  ARG A NH2 1 
ATOM   508  N  N   . LYS A 1 70  ? -11.908 -0.412  -11.811 1.00 17.28 ? 70  LYS A N   1 
ATOM   509  C  CA  . LYS A 1 70  ? -12.801 0.609   -11.180 1.00 17.12 ? 70  LYS A CA  1 
ATOM   510  C  C   . LYS A 1 70  ? -12.101 1.181   -9.958  1.00 16.13 ? 70  LYS A C   1 
ATOM   511  O  O   . LYS A 1 70  ? -11.405 0.423   -9.253  1.00 15.91 ? 70  LYS A O   1 
ATOM   512  C  CB  . LYS A 1 70  ? -14.148 0.010   -10.744 1.00 19.59 ? 70  LYS A CB  1 
ATOM   513  C  CG  . LYS A 1 70  ? -15.109 -0.285  -11.894 1.00 24.66 ? 70  LYS A CG  1 
ATOM   514  C  CD  . LYS A 1 70  ? -16.547 -0.362  -11.456 1.00 31.05 ? 70  LYS A CD  1 
ATOM   515  C  CE  . LYS A 1 70  ? -17.506 -0.533  -12.614 1.00 38.43 ? 70  LYS A CE  1 
ATOM   516  N  NZ  . LYS A 1 70  ? -17.069 -1.610  -13.537 1.00 46.34 ? 70  LYS A NZ  1 
ATOM   517  N  N   . HIS A 1 71  ? -12.415 2.432   -9.693  1.00 14.69 ? 71  HIS A N   1 
ATOM   518  C  CA  . HIS A 1 71  ? -12.097 3.127   -8.430  1.00 14.31 ? 71  HIS A CA  1 
ATOM   519  C  C   . HIS A 1 71  ? -13.343 3.091   -7.576  1.00 15.47 ? 71  HIS A C   1 
ATOM   520  O  O   . HIS A 1 71  ? -14.430 3.436   -8.084  1.00 17.83 ? 71  HIS A O   1 
ATOM   521  C  CB  . HIS A 1 71  ? -11.633 4.538   -8.676  1.00 14.45 ? 71  HIS A CB  1 
ATOM   522  C  CG  . HIS A 1 71  ? -10.356 4.644   -9.432  1.00 15.02 ? 71  HIS A CG  1 
ATOM   523  N  ND1 . HIS A 1 71  ? -9.149  4.937   -8.823  1.00 16.24 ? 71  HIS A ND1 1 
ATOM   524  C  CD2 . HIS A 1 71  ? -10.097 4.462   -10.743 1.00 17.36 ? 71  HIS A CD2 1 
ATOM   525  C  CE1 . HIS A 1 71  ? -8.205  4.952   -9.717  1.00 13.29 ? 71  HIS A CE1 1 
ATOM   526  N  NE2 . HIS A 1 71  ? -8.759  4.728   -10.928 1.00 19.39 ? 71  HIS A NE2 1 
ATOM   527  N  N   . TYR A 1 72  ? -13.215 2.707   -6.313  1.00 12.74 ? 72  TYR A N   1 
ATOM   528  C  CA  . TYR A 1 72  ? -14.358 2.615   -5.381  1.00 12.66 ? 72  TYR A CA  1 
ATOM   529  C  C   . TYR A 1 72  ? -14.126 3.541   -4.194  1.00 12.58 ? 72  TYR A C   1 
ATOM   530  O  O   . TYR A 1 72  ? -13.068 3.492   -3.578  1.00 12.71 ? 72  TYR A O   1 
ATOM   531  C  CB  . TYR A 1 72  ? -14.525 1.215   -4.789  1.00 14.33 ? 72  TYR A CB  1 
ATOM   532  C  CG  . TYR A 1 72  ? -14.922 0.165   -5.796  1.00 15.79 ? 72  TYR A CG  1 
ATOM   533  C  CD1 . TYR A 1 72  ? -16.245 0.062   -6.223  1.00 18.27 ? 72  TYR A CD1 1 
ATOM   534  C  CD2 . TYR A 1 72  ? -13.991 -0.704  -6.324  1.00 16.93 ? 72  TYR A CD2 1 
ATOM   535  C  CE1 . TYR A 1 72  ? -16.624 -0.916  -7.140  1.00 16.59 ? 72  TYR A CE1 1 
ATOM   536  C  CE2 . TYR A 1 72  ? -14.347 -1.696  -7.239  1.00 17.12 ? 72  TYR A CE2 1 
ATOM   537  C  CZ  . TYR A 1 72  ? -15.667 -1.786  -7.629  1.00 18.78 ? 72  TYR A CZ  1 
ATOM   538  O  OH  . TYR A 1 72  ? -16.032 -2.780  -8.493  1.00 19.78 ? 72  TYR A OH  1 
ATOM   539  N  N   . PRO A 1 73  ? -15.158 4.288   -3.777  1.00 12.21 ? 73  PRO A N   1 
ATOM   540  C  CA  . PRO A 1 73  ? -15.083 5.060   -2.546  1.00 11.53 ? 73  PRO A CA  1 
ATOM   541  C  C   . PRO A 1 73  ? -15.306 4.114   -1.376  1.00 13.00 ? 73  PRO A C   1 
ATOM   542  O  O   . PRO A 1 73  ? -16.228 3.283   -1.403  1.00 15.20 ? 73  PRO A O   1 
ATOM   543  C  CB  . PRO A 1 73  ? -16.255 6.099   -2.660  1.00 12.16 ? 73  PRO A CB  1 
ATOM   544  C  CG  . PRO A 1 73  ? -17.206 5.463   -3.635  1.00 14.93 ? 73  PRO A CG  1 
ATOM   545  C  CD  . PRO A 1 73  ? -16.418 4.504   -4.517  1.00 14.08 ? 73  PRO A CD  1 
ATOM   546  N  N   . VAL A 1 74  ? -14.491 4.268   -0.340  1.00 12.19 ? 74  VAL A N   1 
ATOM   547  C  CA  . VAL A 1 74  ? -14.548 3.381   0.843   1.00 12.35 ? 74  VAL A CA  1 
ATOM   548  C  C   . VAL A 1 74  ? -14.311 4.160   2.117   1.00 12.83 ? 74  VAL A C   1 
ATOM   549  O  O   . VAL A 1 74  ? -13.607 5.177   2.113   1.00 12.70 ? 74  VAL A O   1 
ATOM   550  C  CB  . VAL A 1 74  ? -13.526 2.246   0.762   1.00 14.35 ? 74  VAL A CB  1 
ATOM   551  C  CG1 . VAL A 1 74  ? -13.888 1.218   -0.283  1.00 15.70 ? 74  VAL A CG1 1 
ATOM   552  C  CG2 . VAL A 1 74  ? -12.131 2.761   0.555   1.00 14.80 ? 74  VAL A CG2 1 
ATOM   553  N  N   . SER A 1 75  ? -14.867 3.628   3.186   1.00 12.34 ? 75  SER A N   1 
ATOM   554  C  CA  . SER A 1 75  ? -14.488 3.925   4.584   1.00 12.78 ? 75  SER A CA  1 
ATOM   555  C  C   . SER A 1 75  ? -13.491 2.853   5.020   1.00 13.05 ? 75  SER A C   1 
ATOM   556  O  O   . SER A 1 75  ? -13.646 1.698   4.633   1.00 13.41 ? 75  SER A O   1 
ATOM   557  C  CB  . SER A 1 75  ? -15.664 3.898   5.487   1.00 16.14 ? 75  SER A CB  1 
ATOM   558  O  OG  . SER A 1 75  ? -16.614 4.861   5.108   1.00 20.84 ? 75  SER A OG  1 
ATOM   559  N  N   . PHE A 1 76  ? -12.455 3.236   5.753   1.00 12.38 ? 76  PHE A N   1 
ATOM   560  C  CA  . PHE A 1 76  ? -11.409 2.262   6.143   1.00 12.90 ? 76  PHE A CA  1 
ATOM   561  C  C   . PHE A 1 76  ? -10.993 2.526   7.571   1.00 13.38 ? 76  PHE A C   1 
ATOM   562  O  O   . PHE A 1 76  ? -11.123 3.650   8.087   1.00 15.45 ? 76  PHE A O   1 
ATOM   563  C  CB  . PHE A 1 76  ? -10.217 2.258   5.176   1.00 12.78 ? 76  PHE A CB  1 
ATOM   564  C  CG  . PHE A 1 76  ? -9.592  3.609   4.931   1.00 11.49 ? 76  PHE A CG  1 
ATOM   565  C  CD1 . PHE A 1 76  ? -10.056 4.461   3.960   1.00 11.94 ? 76  PHE A CD1 1 
ATOM   566  C  CD2 . PHE A 1 76  ? -8.535  4.041   5.722   1.00 12.09 ? 76  PHE A CD2 1 
ATOM   567  C  CE1 . PHE A 1 76  ? -9.469  5.695   3.732   1.00 11.94 ? 76  PHE A CE1 1 
ATOM   568  C  CE2 . PHE A 1 76  ? -7.961  5.276   5.503   1.00 11.56 ? 76  PHE A CE2 1 
ATOM   569  C  CZ  . PHE A 1 76  ? -8.402  6.095   4.485   1.00 12.26 ? 76  PHE A CZ  1 
ATOM   570  N  N   . SER A 1 77  ? -10.579 1.436   8.215   1.00 13.82 ? 77  SER A N   1 
ATOM   571  C  CA  . SER A 1 77  ? -10.111 1.456   9.631   1.00 15.10 ? 77  SER A CA  1 
ATOM   572  C  C   . SER A 1 77  ? -8.750  2.157   9.744   1.00 17.49 ? 77  SER A C   1 
ATOM   573  O  O   . SER A 1 77  ? -8.064  2.270   8.778   1.00 16.21 ? 77  SER A O   1 
ATOM   574  C  CB  . SER A 1 77  ? -10.084 0.067   10.160  1.00 15.43 ? 77  SER A CB  1 
ATOM   575  O  OG  . SER A 1 77  ? -9.134  -0.749  9.493   1.00 16.63 ? 77  SER A OG  1 
ATOM   576  N  N   . LYS A 1 78  ? -8.358  2.632   10.936  1.00 18.42 ? 78  LYS A N   1 
ATOM   577  C  CA  . LYS A 1 78  ? -7.006  3.242   11.146  1.00 18.85 ? 78  LYS A CA  1 
ATOM   578  C  C   . LYS A 1 78  ? -5.970  2.110   11.146  1.00 18.16 ? 78  LYS A C   1 
ATOM   579  O  O   . LYS A 1 78  ? -6.270  0.957   11.397  1.00 19.19 ? 78  LYS A O   1 
ATOM   580  C  CB  . LYS A 1 78  ? -6.963  4.083   12.428  1.00 21.85 ? 78  LYS A CB  1 
ATOM   581  C  CG  . LYS A 1 78  ? -7.924  5.265   12.426  1.00 22.62 ? 78  LYS A CG  1 
ATOM   582  C  CD  . LYS A 1 78  ? -7.895  6.117   13.703  1.00 25.58 ? 78  LYS A CD  1 
ATOM   583  C  CE  . LYS A 1 78  ? -8.659  7.416   13.544  1.00 28.84 ? 78  LYS A CE  1 
ATOM   584  N  NZ  . LYS A 1 78  ? -8.413  8.352   14.672  1.00 33.20 ? 78  LYS A NZ  1 
ATOM   585  N  N   . PRO A 1 79  ? -4.722  2.461   10.792  0.26 18.78 ? 79  PRO A N   1 
ATOM   586  C  CA  . PRO A 1 79  ? -3.643  1.480   10.737  0.26 19.58 ? 79  PRO A CA  1 
ATOM   587  C  C   . PRO A 1 79  ? -3.457  0.741   12.078  0.26 20.57 ? 79  PRO A C   1 
ATOM   588  O  O   . PRO A 1 79  ? -3.179  1.495   12.962  0.26 24.10 ? 79  PRO A O   1 
ATOM   589  C  CB  . PRO A 1 79  ? -2.403  2.321   10.461  0.26 20.34 ? 79  PRO A CB  1 
ATOM   590  C  CG  . PRO A 1 79  ? -2.854  3.578   9.845   0.26 21.90 ? 79  PRO A CG  1 
ATOM   591  C  CD  . PRO A 1 79  ? -4.317  3.734   10.222  0.26 18.98 ? 79  PRO A CD  1 
ATOM   592  N  N   . SER A 1 80  ? -3.433  -0.691  11.842  0.26 21.23 ? 80  SER A N   1 
ATOM   593  C  CA  . SER A 1 80  ? -3.333  -1.566  13.041  0.26 23.60 ? 80  SER A CA  1 
ATOM   594  C  C   . SER A 1 80  ? -2.673  -2.911  12.727  0.26 25.17 ? 80  SER A C   1 
ATOM   595  O  O   . SER A 1 80  ? -2.322  -3.167  11.564  0.26 23.33 ? 80  SER A O   1 
ATOM   596  C  CB  . SER A 1 80  ? -4.700  -1.754  13.614  0.26 25.09 ? 80  SER A CB  1 
ATOM   597  O  OG  . SER A 1 80  ? -5.236  -0.473  13.891  0.26 28.32 ? 80  SER A OG  1 
ATOM   598  N  N   . LEU A 1 81  ? -2.715  -3.938  13.649  0.26 23.77 ? 81  LEU A N   1 
ATOM   599  C  CA  . LEU A 1 81  ? -2.177  -5.343  13.519  0.26 25.26 ? 81  LEU A CA  1 
ATOM   600  C  C   . LEU A 1 81  ? -3.227  -6.443  13.262  0.26 27.01 ? 81  LEU A C   1 
ATOM   601  O  O   . LEU A 1 81  ? -3.911  -6.800  14.176  0.26 29.24 ? 81  LEU A O   1 
ATOM   602  C  CB  . LEU A 1 81  ? -1.415  -5.762  14.792  0.26 28.23 ? 81  LEU A CB  1 
ATOM   603  C  CG  . LEU A 1 81  ? -0.234  -4.905  15.203  0.26 32.77 ? 81  LEU A CG  1 
ATOM   604  C  CD1 . LEU A 1 81  ? 0.063   -5.191  16.692  0.26 33.76 ? 81  LEU A CD1 1 
ATOM   605  C  CD2 . LEU A 1 81  ? 0.980   -5.335  14.376  0.26 35.97 ? 81  LEU A CD2 1 
ATOM   606  N  N   . ILE A 1 82  ? -3.185  -7.149  12.150  0.26 25.48 ? 82  ILE A N   1 
ATOM   607  C  CA  . ILE A 1 82  ? -4.290  -8.088  11.864  0.26 27.21 ? 82  ILE A CA  1 
ATOM   608  C  C   . ILE A 1 82  ? -3.769  -9.430  11.362  0.26 27.41 ? 82  ILE A C   1 
ATOM   609  O  O   . ILE A 1 82  ? -2.796  -9.414  10.664  0.26 27.35 ? 82  ILE A O   1 
ATOM   610  C  CB  . ILE A 1 82  ? -5.151  -7.403  10.768  0.26 29.43 ? 82  ILE A CB  1 
ATOM   611  C  CG1 . ILE A 1 82  ? -6.004  -6.270  11.326  0.26 33.53 ? 82  ILE A CG1 1 
ATOM   612  C  CG2 . ILE A 1 82  ? -6.009  -8.395  10.041  0.26 31.37 ? 82  ILE A CG2 1 
ATOM   613  C  CD1 . ILE A 1 82  ? -5.421  -4.863  11.279  0.26 39.44 ? 82  ILE A CD1 1 
ATOM   614  N  N   . PHE A 1 83  ? -4.360  -10.537 11.779  0.26 25.08 ? 83  PHE A N   1 
ATOM   615  C  CA  . PHE A 1 83  ? -4.016  -11.870 11.254  0.26 26.63 ? 83  PHE A CA  1 
ATOM   616  C  C   . PHE A 1 83  ? -4.637  -12.067 9.847   0.26 29.68 ? 83  PHE A C   1 
ATOM   617  O  O   . PHE A 1 83  ? -5.891  -12.065 9.700   0.26 29.49 ? 83  PHE A O   1 
ATOM   618  C  CB  . PHE A 1 83  ? -4.472  -12.906 12.291  0.26 28.97 ? 83  PHE A CB  1 
ATOM   619  C  CG  . PHE A 1 83  ? -4.065  -14.304 11.979  0.26 26.81 ? 83  PHE A CG  1 
ATOM   620  C  CD1 . PHE A 1 83  ? -2.794  -14.760 12.278  0.26 31.15 ? 83  PHE A CD1 1 
ATOM   621  C  CD2 . PHE A 1 83  ? -4.922  -15.120 11.287  0.26 30.01 ? 83  PHE A CD2 1 
ATOM   622  C  CE1 . PHE A 1 83  ? -2.407  -16.016 11.880  0.26 29.23 ? 83  PHE A CE1 1 
ATOM   623  C  CE2 . PHE A 1 83  ? -4.550  -16.400 10.957  0.26 29.27 ? 83  PHE A CE2 1 
ATOM   624  C  CZ  . PHE A 1 83  ? -3.285  -16.834 11.210  0.26 29.52 ? 83  PHE A CZ  1 
ATOM   625  N  N   . VAL A 1 84  ? -3.823  -12.204 8.814   0.26 25.63 ? 84  VAL A N   1 
ATOM   626  C  CA  . VAL A 1 84  ? -4.390  -12.485 7.482   0.26 24.62 ? 84  VAL A CA  1 
ATOM   627  C  C   . VAL A 1 84  ? -4.511  -13.985 7.236   0.26 22.63 ? 84  VAL A C   1 
ATOM   628  O  O   . VAL A 1 84  ? -3.546  -14.691 7.172   0.26 28.33 ? 84  VAL A O   1 
ATOM   629  C  CB  . VAL A 1 84  ? -3.566  -11.813 6.370   0.26 25.01 ? 84  VAL A CB  1 
ATOM   630  C  CG1 . VAL A 1 84  ? -4.363  -11.641 5.089   0.26 25.40 ? 84  VAL A CG1 1 
ATOM   631  C  CG2 . VAL A 1 84  ? -3.063  -10.486 6.816   0.26 26.63 ? 84  VAL A CG2 1 
ATOM   632  N  N   . GLU A 1 85  ? -5.683  -14.428 6.883   0.26 23.90 ? 85  GLU A N   1 
ATOM   633  C  CA  . GLU A 1 85  ? -5.838  -15.857 6.594   0.26 26.57 ? 85  GLU A CA  1 
ATOM   634  C  C   . GLU A 1 85  ? -5.302  -16.203 5.212   0.26 29.42 ? 85  GLU A C   1 
ATOM   635  O  O   . GLU A 1 85  ? -5.208  -15.320 4.358   0.26 29.77 ? 85  GLU A O   1 
ATOM   636  C  CB  . GLU A 1 85  ? -7.281  -16.264 6.791   0.26 31.71 ? 85  GLU A CB  1 
ATOM   637  C  CG  . GLU A 1 85  ? -7.693  -15.786 8.143   0.26 33.34 ? 85  GLU A CG  1 
ATOM   638  C  CD  . GLU A 1 85  ? -7.377  -16.849 9.171   0.26 36.70 ? 85  GLU A CD  1 
ATOM   639  O  OE1 . GLU A 1 85  ? -6.757  -17.857 8.819   0.26 34.59 ? 85  GLU A OE1 1 
ATOM   640  O  OE2 . GLU A 1 85  ? -7.681  -16.616 10.257  0.26 34.00 ? 85  GLU A OE2 1 
ATOM   641  N  N   . ALA A 1 86  ? -4.911  -17.478 5.113   0.26 31.90 ? 86  ALA A N   1 
ATOM   642  C  CA  . ALA A 1 86  ? -4.397  -18.176 3.928   0.26 31.47 ? 86  ALA A CA  1 
ATOM   643  C  C   . ALA A 1 86  ? -3.790  -17.204 2.913   0.26 33.52 ? 86  ALA A C   1 
ATOM   644  O  O   . ALA A 1 86  ? -4.536  -17.017 1.848   0.26 30.70 ? 86  ALA A O   1 
ATOM   645  C  CB  . ALA A 1 86  ? -5.590  -18.893 3.352   0.26 35.80 ? 86  ALA A CB  1 
ATOM   646  N  N   . SER A 1 87  ? -2.698  -16.501 3.291   0.26 35.07 ? 87  SER A N   1 
ATOM   647  C  CA  . SER A 1 87  ? -1.920  -15.619 2.368   0.26 32.22 ? 87  SER A CA  1 
ATOM   648  C  C   . SER A 1 87  ? -1.074  -16.504 1.448   0.26 36.05 ? 87  SER A C   1 
ATOM   649  O  O   . SER A 1 87  ? -0.405  -17.501 1.860   0.26 36.62 ? 87  SER A O   1 
ATOM   650  C  CB  . SER A 1 87  ? -1.058  -14.417 2.866   0.26 32.16 ? 87  SER A CB  1 
ATOM   651  O  OG  . SER A 1 87  ? -1.633  -13.551 3.820   0.26 30.93 ? 87  SER A OG  1 
ATOM   652  N  N   . GLU A 1 88  ? -0.937  -16.011 0.234   0.26 34.37 ? 88  GLU A N   1 
ATOM   653  C  CA  . GLU A 1 88  ? -0.339  -16.943 -0.708  0.26 36.17 ? 88  GLU A CA  1 
ATOM   654  C  C   . GLU A 1 88  ? 0.663   -16.255 -1.621  0.26 33.65 ? 88  GLU A C   1 
ATOM   655  O  O   . GLU A 1 88  ? 0.867   -16.820 -2.745  0.26 29.60 ? 88  GLU A O   1 
ATOM   656  C  CB  . GLU A 1 88  ? -1.520  -17.538 -1.474  0.26 36.28 ? 88  GLU A CB  1 
ATOM   657  C  CG  . GLU A 1 88  ? -2.423  -16.465 -2.113  0.26 41.58 ? 88  GLU A CG  1 
ATOM   658  C  CD  . GLU A 1 88  ? -2.414  -16.459 -3.644  0.26 47.68 ? 88  GLU A CD  1 
ATOM   659  O  OE1 . GLU A 1 88  ? -1.554  -15.818 -4.206  0.26 47.34 ? 88  GLU A OE1 1 
ATOM   660  O  OE2 . GLU A 1 88  ? -3.284  -17.080 -4.276  0.26 47.83 ? 88  GLU A OE2 1 
ATOM   661  N  N   . TYR A 1 89  ? 1.197   -15.115 -1.126  0.26 28.89 ? 89  TYR A N   1 
ATOM   662  C  CA  . TYR A 1 89  ? 2.283   -14.299 -1.718  0.26 28.50 ? 89  TYR A CA  1 
ATOM   663  C  C   . TYR A 1 89  ? 3.262   -13.797 -0.635  0.26 29.42 ? 89  TYR A C   1 
ATOM   664  O  O   . TYR A 1 89  ? 4.063   -12.951 -0.836  0.26 29.24 ? 89  TYR A O   1 
ATOM   665  C  CB  . TYR A 1 89  ? 1.680   -13.253 -2.635  0.26 26.01 ? 89  TYR A CB  1 
ATOM   666  C  CG  . TYR A 1 89  ? 0.519   -12.447 -2.124  0.26 24.63 ? 89  TYR A CG  1 
ATOM   667  C  CD1 . TYR A 1 89  ? -0.714  -12.546 -2.739  0.26 25.23 ? 89  TYR A CD1 1 
ATOM   668  C  CD2 . TYR A 1 89  ? 0.657   -11.530 -1.092  0.26 25.33 ? 89  TYR A CD2 1 
ATOM   669  C  CE1 . TYR A 1 89  ? -1.775  -11.756 -2.338  0.26 24.47 ? 89  TYR A CE1 1 
ATOM   670  C  CE2 . TYR A 1 89  ? -0.409  -10.745 -0.676  0.26 24.93 ? 89  TYR A CE2 1 
ATOM   671  C  CZ  . TYR A 1 89  ? -1.619  -10.827 -1.330  0.26 25.01 ? 89  TYR A CZ  1 
ATOM   672  O  OH  . TYR A 1 89  ? -2.716  -10.108 -0.994  0.26 23.27 ? 89  TYR A OH  1 
ATOM   673  N  N   . TYR A 1 90  ? 3.251   -14.522 0.437   0.26 29.39 ? 90  TYR A N   1 
ATOM   674  C  CA  . TYR A 1 90  ? 3.942   -14.133 1.667   0.26 26.76 ? 90  TYR A CA  1 
ATOM   675  C  C   . TYR A 1 90  ? 3.284   -14.870 2.775   0.26 30.01 ? 90  TYR A C   1 
ATOM   676  O  O   . TYR A 1 90  ? 2.060   -15.093 2.685   0.26 29.13 ? 90  TYR A O   1 
ATOM   677  C  CB  . TYR A 1 90  ? 3.372   -12.849 2.283   0.26 27.84 ? 90  TYR A CB  1 
ATOM   678  C  CG  . TYR A 1 90  ? 4.422   -11.803 2.259   0.26 28.60 ? 90  TYR A CG  1 
ATOM   679  C  CD1 . TYR A 1 90  ? 5.690   -12.283 2.075   0.26 28.57 ? 90  TYR A CD1 1 
ATOM   680  C  CD2 . TYR A 1 90  ? 4.162   -10.425 2.188   0.26 26.03 ? 90  TYR A CD2 1 
ATOM   681  C  CE1 . TYR A 1 90  ? 6.738   -11.428 1.973   0.26 29.04 ? 90  TYR A CE1 1 
ATOM   682  C  CE2 . TYR A 1 90  ? 5.203   -9.521  2.023   0.26 26.93 ? 90  TYR A CE2 1 
ATOM   683  C  CZ  . TYR A 1 90  ? 6.464   -10.095 1.859   0.26 27.84 ? 90  TYR A CZ  1 
ATOM   684  O  OH  . TYR A 1 90  ? 7.695   -9.697  1.721   0.26 26.09 ? 90  TYR A OH  1 
ATOM   685  N  N   . PRO A 1 91  ? 4.044   -14.949 3.875   0.26 30.00 ? 91  PRO A N   1 
ATOM   686  C  CA  . PRO A 1 91  ? 3.850   -15.760 5.040   0.26 31.40 ? 91  PRO A CA  1 
ATOM   687  C  C   . PRO A 1 91  ? 2.513   -16.155 5.647   0.26 34.61 ? 91  PRO A C   1 
ATOM   688  O  O   . PRO A 1 91  ? 2.625   -16.940 6.551   0.26 29.74 ? 91  PRO A O   1 
ATOM   689  C  CB  . PRO A 1 91  ? 4.590   -14.975 6.134   0.26 29.88 ? 91  PRO A CB  1 
ATOM   690  C  CG  . PRO A 1 91  ? 5.802   -14.457 5.423   0.26 30.83 ? 91  PRO A CG  1 
ATOM   691  C  CD  . PRO A 1 91  ? 5.295   -14.189 4.023   0.26 30.02 ? 91  PRO A CD  1 
ATOM   692  N  N   . ALA A 1 92  ? 1.383   -15.566 5.221   0.26 33.34 ? 92  ALA A N   1 
ATOM   693  C  CA  . ALA A 1 92  ? 0.010   -15.906 5.683   0.26 31.68 ? 92  ALA A CA  1 
ATOM   694  C  C   . ALA A 1 92  ? -0.289  -15.678 7.183   0.26 32.02 ? 92  ALA A C   1 
ATOM   695  O  O   . ALA A 1 92  ? -1.093  -16.509 7.563   0.26 35.47 ? 92  ALA A O   1 
ATOM   696  C  CB  . ALA A 1 92  ? -0.277  -17.340 5.223   0.26 29.80 ? 92  ALA A CB  1 
ATOM   697  N  N   . ARG A 1 93  ? 0.246   -14.658 7.963   0.26 28.20 ? 93  ARG A N   1 
ATOM   698  C  CA  . ARG A 1 93  ? -0.018  -14.491 9.451   0.26 31.28 ? 93  ARG A CA  1 
ATOM   699  C  C   . ARG A 1 93  ? 0.477   -13.157 10.114  0.26 34.36 ? 93  ARG A C   1 
ATOM   700  O  O   . ARG A 1 93  ? 1.657   -12.898 10.085  0.26 31.62 ? 93  ARG A O   1 
ATOM   701  C  CB  . ARG A 1 93  ? 0.599   -15.730 10.136  0.26 32.94 ? 93  ARG A CB  1 
ATOM   702  C  CG  . ARG A 1 93  ? 1.295   -15.569 11.488  0.26 34.48 ? 93  ARG A CG  1 
ATOM   703  C  CD  . ARG A 1 93  ? 2.657   -14.852 11.527  0.26 36.09 ? 93  ARG A CD  1 
ATOM   704  N  NE  . ARG A 1 93  ? 3.702   -15.055 12.507  0.26 34.38 ? 93  ARG A NE  1 
ATOM   705  C  CZ  . ARG A 1 93  ? 3.981   -14.255 13.542  0.26 36.84 ? 93  ARG A CZ  1 
ATOM   706  N  NH1 . ARG A 1 93  ? 4.994   -14.596 14.290  0.26 32.87 ? 93  ARG A NH1 1 
ATOM   707  N  NH2 . ARG A 1 93  ? 3.269   -13.170 13.838  0.26 31.35 ? 93  ARG A NH2 1 
ATOM   708  N  N   . TYR A 1 94  ? -0.399  -12.303 10.699  0.26 30.86 ? 94  TYR A N   1 
ATOM   709  C  CA  . TYR A 1 94  ? -0.174  -11.049 11.487  0.26 32.06 ? 94  TYR A CA  1 
ATOM   710  C  C   . TYR A 1 94  ? 0.514   -9.814  10.822  0.26 31.82 ? 94  TYR A C   1 
ATOM   711  O  O   . TYR A 1 94  ? 1.547   -9.355  11.370  0.26 30.42 ? 94  TYR A O   1 
ATOM   712  C  CB  . TYR A 1 94  ? 0.338   -11.314 12.918  0.26 33.56 ? 94  TYR A CB  1 
ATOM   713  C  CG  . TYR A 1 94  ? -0.616  -11.176 14.115  0.26 36.10 ? 94  TYR A CG  1 
ATOM   714  C  CD1 . TYR A 1 94  ? -2.003  -11.064 13.991  0.26 35.09 ? 94  TYR A CD1 1 
ATOM   715  C  CD2 . TYR A 1 94  ? -0.139  -11.291 15.417  0.26 40.19 ? 94  TYR A CD2 1 
ATOM   716  C  CE1 . TYR A 1 94  ? -2.840  -11.009 15.101  0.26 37.69 ? 94  TYR A CE1 1 
ATOM   717  C  CE2 . TYR A 1 94  ? -0.957  -11.246 16.539  0.26 40.38 ? 94  TYR A CE2 1 
ATOM   718  C  CZ  . TYR A 1 94  ? -2.329  -11.133 16.390  0.26 42.00 ? 94  TYR A CZ  1 
ATOM   719  O  OH  . TYR A 1 94  ? -3.132  -11.122 17.504  0.26 41.53 ? 94  TYR A OH  1 
ATOM   720  N  N   . GLN A 1 95  ? -0.067  -9.170  9.787   0.26 24.69 ? 95  GLN A N   1 
ATOM   721  C  CA  . GLN A 1 95  ? 0.561   -7.966  9.143   0.26 22.19 ? 95  GLN A CA  1 
ATOM   722  C  C   . GLN A 1 95  ? 0.230   -6.678  9.894   0.26 20.05 ? 95  GLN A C   1 
ATOM   723  O  O   . GLN A 1 95  ? -0.946  -6.576  10.205  0.26 24.25 ? 95  GLN A O   1 
ATOM   724  C  CB  . GLN A 1 95  ? -0.136  -7.778  7.814   0.26 21.40 ? 95  GLN A CB  1 
ATOM   725  C  CG  . GLN A 1 95  ? 0.489   -6.733  6.935   0.26 21.53 ? 95  GLN A CG  1 
ATOM   726  C  CD  . GLN A 1 95  ? 0.958   -7.645  5.841   0.26 19.18 ? 95  GLN A CD  1 
ATOM   727  O  OE1 . GLN A 1 95  ? 2.034   -8.252  5.983   0.26 20.79 ? 95  GLN A OE1 1 
ATOM   728  N  NE2 . GLN A 1 95  ? 0.107   -7.918  4.885   0.26 19.37 ? 95  GLN A NE2 1 
ATOM   729  N  N   . SER A 1 96  ? 1.139   -5.698  10.011  0.26 19.89 ? 96  SER A N   1 
ATOM   730  C  CA  . SER A 1 96  ? 0.989   -4.375  10.691  0.26 20.91 ? 96  SER A CA  1 
ATOM   731  C  C   . SER A 1 96  ? 0.759   -3.149  9.777   0.26 20.53 ? 96  SER A C   1 
ATOM   732  O  O   . SER A 1 96  ? 1.019   -3.216  8.592   0.26 18.96 ? 96  SER A O   1 
ATOM   733  C  CB  . SER A 1 96  ? 2.167   -4.029  11.474  0.26 23.21 ? 96  SER A CB  1 
ATOM   734  O  OG  . SER A 1 96  ? 3.275   -4.196  10.652  0.26 24.59 ? 96  SER A OG  1 
ATOM   735  N  N   . HIS A 1 97  ? 0.407   -2.013  10.401  0.26 18.59 ? 97  HIS A N   1 
ATOM   736  C  CA  . HIS A 1 97  ? 0.072   -0.774  9.642   0.26 19.06 ? 97  HIS A CA  1 
ATOM   737  C  C   . HIS A 1 97  ? -0.953  -1.065  8.535   0.26 16.71 ? 97  HIS A C   1 
ATOM   738  O  O   . HIS A 1 97  ? -0.889  -0.453  7.511   0.26 16.78 ? 97  HIS A O   1 
ATOM   739  C  CB  . HIS A 1 97  ? 1.353   -0.160  9.119   0.26 20.49 ? 97  HIS A CB  1 
ATOM   740  C  CG  . HIS A 1 97  ? 2.265   0.213   10.231  0.26 21.53 ? 97  HIS A CG  1 
ATOM   741  N  ND1 . HIS A 1 97  ? 2.451   1.491   10.599  0.26 20.03 ? 97  HIS A ND1 1 
ATOM   742  C  CD2 . HIS A 1 97  ? 3.088   -0.548  10.989  0.26 21.99 ? 97  HIS A CD2 1 
ATOM   743  C  CE1 . HIS A 1 97  ? 3.365   1.539   11.548  0.26 20.82 ? 97  HIS A CE1 1 
ATOM   744  N  NE2 . HIS A 1 97  ? 3.733   0.322   11.806  0.26 24.53 ? 97  HIS A NE2 1 
ATOM   745  N  N   . LEU A 1 98  ? -1.841  -1.981  8.822   0.26 16.01 ? 98  LEU A N   1 
ATOM   746  C  CA  . LEU A 1 98  ? -2.878  -2.412  7.872   0.26 16.09 ? 98  LEU A CA  1 
ATOM   747  C  C   . LEU A 1 98  ? -4.209  -1.716  8.167   0.26 17.41 ? 98  LEU A C   1 
ATOM   748  O  O   . LEU A 1 98  ? -4.544  -1.556  9.323   0.26 18.99 ? 98  LEU A O   1 
ATOM   749  C  CB  . LEU A 1 98  ? -3.008  -3.928  7.912   0.26 18.04 ? 98  LEU A CB  1 
ATOM   750  C  CG  . LEU A 1 98  ? -3.839  -4.555  6.807   0.26 18.51 ? 98  LEU A CG  1 
ATOM   751  C  CD1 . LEU A 1 98  ? -3.334  -4.230  5.425   0.26 17.04 ? 98  LEU A CD1 1 
ATOM   752  C  CD2 . LEU A 1 98  ? -4.087  -6.024  6.995   0.26 18.72 ? 98  LEU A CD2 1 
ATOM   753  N  N   . MET A 1 99  ? -4.901  -1.387  7.075   0.26 14.74 ? 99  MET A N   1 
ATOM   754  C  CA  . MET A 1 99  ? -6.243  -0.731  7.149   0.26 14.69 ? 99  MET A CA  1 
ATOM   755  C  C   . MET A 1 99  ? -7.240  -1.578  6.359   0.26 15.59 ? 99  MET A C   1 
ATOM   756  O  O   . MET A 1 99  ? -6.902  -2.017  5.315   0.26 16.08 ? 99  MET A O   1 
ATOM   757  C  CB  . MET A 1 99  ? -6.214  0.705   6.607   0.26 14.27 ? 99  MET A CB  1 
ATOM   758  C  CG  . MET A 1 99  ? -5.313  1.663   7.389   0.26 15.71 ? 99  MET A CG  1 
ATOM   759  S  SD  . MET A 1 99  ? -4.989  3.145   6.521   0.26 17.36 ? 99  MET A SD  1 
ATOM   760  C  CE  . MET A 1 99  ? -4.105  2.671   5.025   0.26 17.66 ? 99  MET A CE  1 
ATOM   761  N  N   . LEU A 1 100 ? -8.451  -1.797  6.899   0.26 14.18 ? 100 LEU A N   1 
ATOM   762  C  CA  . LEU A 1 100 ? -9.436  -2.632  6.194   0.26 14.59 ? 100 LEU A CA  1 
ATOM   763  C  C   . LEU A 1 100 ? -10.629 -1.752  5.781   0.26 14.64 ? 100 LEU A C   1 
ATOM   764  O  O   . LEU A 1 100 ? -10.961 -0.782  6.436   0.26 14.20 ? 100 LEU A O   1 
ATOM   765  C  CB  . LEU A 1 100 ? -9.910  -3.771  7.117   0.26 19.61 ? 100 LEU A CB  1 
ATOM   766  C  CG  . LEU A 1 100 ? -8.711  -4.560  7.644   0.26 21.16 ? 100 LEU A CG  1 
ATOM   767  C  CD1 . LEU A 1 100 ? -8.990  -5.250  8.977   0.26 24.20 ? 100 LEU A CD1 1 
ATOM   768  C  CD2 . LEU A 1 100 ? -8.262  -5.537  6.589   0.26 21.31 ? 100 LEU A CD2 1 
ATOM   769  N  N   . ALA A 1 101 ? -11.205 -2.149  4.688   0.26 12.96 ? 101 ALA A N   1 
ATOM   770  C  CA  . ALA A 1 101 ? -12.429 -1.562  4.146   0.26 12.50 ? 101 ALA A CA  1 
ATOM   771  C  C   . ALA A 1 101 ? -13.249 -2.707  3.571   0.26 12.98 ? 101 ALA A C   1 
ATOM   772  O  O   . ALA A 1 101 ? -12.722 -3.743  3.249   0.26 13.70 ? 101 ALA A O   1 
ATOM   773  C  CB  . ALA A 1 101 ? -12.109 -0.576  3.045   0.26 12.61 ? 101 ALA A CB  1 
ATOM   774  N  N   . VAL A 1 102 ? -14.535 -2.446  3.446   0.26 14.20 ? 102 VAL A N   1 
ATOM   775  C  CA  . VAL A 1 102 ? -15.408 -3.429  2.759   0.26 14.43 ? 102 VAL A CA  1 
ATOM   776  C  C   . VAL A 1 102 ? -15.295 -3.162  1.260   0.26 14.62 ? 102 VAL A C   1 
ATOM   777  O  O   . VAL A 1 102 ? -15.526 -2.092  0.839   0.26 15.48 ? 102 VAL A O   1 
ATOM   778  C  CB  . VAL A 1 102 ? -16.846 -3.333  3.292   0.26 14.38 ? 102 VAL A CB  1 
ATOM   779  C  CG1 . VAL A 1 102 ? -17.705 -4.382  2.637   0.26 16.15 ? 102 VAL A CG1 1 
ATOM   780  C  CG2 . VAL A 1 102 ? -16.814 -3.578  4.778   0.26 14.45 ? 102 VAL A CG2 1 
ATOM   781  N  N   . GLY A 1 103 ? -14.772 -4.149  0.560   0.26 14.93 ? 103 GLY A N   1 
ATOM   782  C  CA  . GLY A 1 103 ? -14.609 -4.020  -0.884  0.26 14.59 ? 103 GLY A CA  1 
ATOM   783  C  C   . GLY A 1 103 ? -13.938 -5.235  -1.485  0.26 13.76 ? 103 GLY A C   1 
ATOM   784  O  O   . GLY A 1 103 ? -13.528 -6.066  -0.793  0.26 16.74 ? 103 GLY A O   1 
ATOM   785  N  N   . HIS A 1 104 ? -13.846 -5.215  -2.793  0.26 15.88 ? 104 HIS A N   1 
ATOM   786  C  CA  . HIS A 1 104 ? -13.292 -6.364  -3.518  0.26 16.51 ? 104 HIS A CA  1 
ATOM   787  C  C   . HIS A 1 104 ? -11.783 -6.226  -3.670  0.26 15.39 ? 104 HIS A C   1 
ATOM   788  O  O   . HIS A 1 104 ? -11.349 -5.158  -4.088  0.26 15.85 ? 104 HIS A O   1 
ATOM   789  C  CB  . HIS A 1 104 ? -13.933 -6.437  -4.906  0.26 15.70 ? 104 HIS A CB  1 
ATOM   790  C  CG  . HIS A 1 104 ? -13.397 -7.594  -5.675  0.26 17.97 ? 104 HIS A CG  1 
ATOM   791  N  ND1 . HIS A 1 104 ? -13.590 -8.853  -5.257  0.26 18.10 ? 104 HIS A ND1 1 
ATOM   792  C  CD2 . HIS A 1 104 ? -12.656 -7.662  -6.794  0.26 17.39 ? 104 HIS A CD2 1 
ATOM   793  C  CE1 . HIS A 1 104 ? -12.991 -9.687  -6.074  0.26 15.64 ? 104 HIS A CE1 1 
ATOM   794  N  NE2 . HIS A 1 104 ? -12.449 -8.997  -7.035  0.26 16.91 ? 104 HIS A NE2 1 
ATOM   795  N  N   . SER A 1 105 ? -11.061 -7.333  -3.500  1.00 17.16 ? 105 SER A N   1 
ATOM   796  C  CA  . SER A 1 105 ? -9.586  -7.404  -3.602  1.00 17.05 ? 105 SER A CA  1 
ATOM   797  C  C   . SER A 1 105 ? -9.212  -8.855  -3.865  1.00 19.53 ? 105 SER A C   1 
ATOM   798  O  O   . SER A 1 105 ? -9.491  -9.710  -3.001  1.00 24.11 ? 105 SER A O   1 
ATOM   799  C  CB  . SER A 1 105 ? -8.886  -6.883  -2.352  1.00 18.21 ? 105 SER A CB  1 
ATOM   800  O  OG  . SER A 1 105 ? -7.449  -6.953  -2.449  1.00 19.86 ? 105 SER A OG  1 
ATOM   801  N  N   . GLU A 1 106 ? -8.524  -9.038  -4.955  1.00 16.23 ? 106 GLU A N   1 
ATOM   802  C  CA  . GLU A 1 106 ? -7.815  -10.297 -5.290  1.00 18.68 ? 106 GLU A CA  1 
ATOM   803  C  C   . GLU A 1 106 ? -6.320  -10.046 -5.271  1.00 21.00 ? 106 GLU A C   1 
ATOM   804  O  O   . GLU A 1 106 ? -5.856  -8.898  -5.327  1.00 20.40 ? 106 GLU A O   1 
ATOM   805  C  CB  . GLU A 1 106 ? -8.218  -10.714 -6.698  1.00 21.28 ? 106 GLU A CB  1 
ATOM   806  C  CG  . GLU A 1 106 ? -9.677  -11.085 -6.836  1.00 22.27 ? 106 GLU A CG  1 
ATOM   807  C  CD  . GLU A 1 106 ? -10.171 -11.265 -8.284  1.00 22.34 ? 106 GLU A CD  1 
ATOM   808  O  OE1 . GLU A 1 106 ? -9.407  -11.689 -9.161  1.00 28.96 ? 106 GLU A OE1 1 
ATOM   809  O  OE2 . GLU A 1 106 ? -11.302 -10.914 -8.528  1.00 21.85 ? 106 GLU A OE2 1 
ATOM   810  N  N   . PRO A 1 107 ? -5.478  -11.108 -5.260  1.00 20.63 ? 107 PRO A N   1 
ATOM   811  C  CA  . PRO A 1 107 ? -4.031  -10.893 -5.139  1.00 20.09 ? 107 PRO A CA  1 
ATOM   812  C  C   . PRO A 1 107 ? -3.419  -9.901  -6.147  1.00 19.42 ? 107 PRO A C   1 
ATOM   813  O  O   . PRO A 1 107 ? -2.544  -9.087  -5.767  1.00 22.27 ? 107 PRO A O   1 
ATOM   814  C  CB  . PRO A 1 107 ? -3.524  -12.342 -5.337  1.00 21.41 ? 107 PRO A CB  1 
ATOM   815  C  CG  . PRO A 1 107 ? -4.591  -13.168 -4.665  1.00 21.76 ? 107 PRO A CG  1 
ATOM   816  C  CD  . PRO A 1 107 ? -5.867  -12.542 -5.218  1.00 22.46 ? 107 PRO A CD  1 
ATOM   817  N  N   . GLY A 1 108 ? -3.836  -9.938  -7.407  1.00 18.89 ? 108 GLY A N   1 
ATOM   818  C  CA  . GLY A 1 108 ? -3.273  -9.045  -8.424  1.00 18.56 ? 108 GLY A CA  1 
ATOM   819  C  C   . GLY A 1 108 ? -3.681  -7.587  -8.216  1.00 15.68 ? 108 GLY A C   1 
ATOM   820  O  O   . GLY A 1 108 ? -3.164  -6.731  -8.937  1.00 16.78 ? 108 GLY A O   1 
ATOM   821  N  N   . ASP A 1 109 ? -4.650  -7.332  -7.333  1.00 16.75 ? 109 ASP A N   1 
ATOM   822  C  CA  . ASP A 1 109 ? -5.047  -5.948  -7.026  1.00 14.16 ? 109 ASP A CA  1 
ATOM   823  C  C   . ASP A 1 109 ? -3.994  -5.290  -6.157  1.00 14.48 ? 109 ASP A C   1 
ATOM   824  O  O   . ASP A 1 109 ? -4.078  -4.068  -5.955  1.00 13.53 ? 109 ASP A O   1 
ATOM   825  C  CB  . ASP A 1 109 ? -6.408  -5.891  -6.341  1.00 13.54 ? 109 ASP A CB  1 
ATOM   826  C  CG  . ASP A 1 109 ? -7.500  -6.275  -7.304  1.00 12.17 ? 109 ASP A CG  1 
ATOM   827  O  OD1 . ASP A 1 109 ? -7.359  -5.834  -8.478  1.00 14.53 ? 109 ASP A OD1 1 
ATOM   828  O  OD2 . ASP A 1 109 ? -8.446  -6.943  -6.847  1.00 15.02 ? 109 ASP A OD2 1 
ATOM   829  N  N   . CYS A 1 110 ? -3.053  -6.036  -5.594  1.00 14.82 ? 110 CYS A N   1 
ATOM   830  C  CA  . CYS A 1 110 ? -2.055  -5.418  -4.702  1.00 14.12 ? 110 CYS A CA  1 
ATOM   831  C  C   . CYS A 1 110 ? -1.336  -4.327  -5.494  1.00 13.56 ? 110 CYS A C   1 
ATOM   832  O  O   . CYS A 1 110 ? -0.983  -4.495  -6.669  1.00 14.41 ? 110 CYS A O   1 
ATOM   833  C  CB  . CYS A 1 110 ? -1.038  -6.451  -4.223  1.00 14.94 ? 110 CYS A CB  1 
ATOM   834  S  SG  . CYS A 1 110 ? -1.665  -7.502  -2.900  1.00 17.18 ? 110 CYS A SG  1 
ATOM   835  N  N   . GLY A 1 111 ? -1.066  -3.188  -4.853  1.00 11.44 ? 111 GLY A N   1 
ATOM   836  C  CA  . GLY A 1 111 ? -0.388  -2.053  -5.465  1.00 11.98 ? 111 GLY A CA  1 
ATOM   837  C  C   . GLY A 1 111 ? -1.345  -0.949  -5.871  1.00 11.71 ? 111 GLY A C   1 
ATOM   838  O  O   . GLY A 1 111 ? -0.889  0.145   -6.167  1.00 12.79 ? 111 GLY A O   1 
ATOM   839  N  N   . GLY A 1 112 ? -2.642  -1.226  -5.971  1.00 12.26 ? 112 GLY A N   1 
ATOM   840  C  CA  . GLY A 1 112 ? -3.626  -0.179  -6.273  1.00 11.65 ? 112 GLY A CA  1 
ATOM   841  C  C   . GLY A 1 112 ? -3.616  0.896   -5.210  1.00 11.27 ? 112 GLY A C   1 
ATOM   842  O  O   . GLY A 1 112 ? -3.517  0.566   -4.028  1.00 10.27 ? 112 GLY A O   1 
ATOM   843  N  N   . ILE A 1 113 ? -3.681  2.136   -5.592  1.00 11.97 ? 113 ILE A N   1 
ATOM   844  C  CA  . ILE A 1 113 ? -3.624  3.248   -4.606  1.00 10.60 ? 113 ILE A CA  1 
ATOM   845  C  C   . ILE A 1 113 ? -4.960  3.455   -3.924  1.00 10.38 ? 113 ILE A C   1 
ATOM   846  O  O   . ILE A 1 113 ? -6.032  3.475   -4.603  1.00 11.42 ? 113 ILE A O   1 
ATOM   847  C  CB  . ILE A 1 113 ? -3.208  4.497   -5.363  1.00 12.25 ? 113 ILE A CB  1 
ATOM   848  C  CG1 . ILE A 1 113 ? -1.698  4.359   -5.583  1.00 14.47 ? 113 ILE A CG1 1 
ATOM   849  C  CG2 . ILE A 1 113 ? -3.544  5.811   -4.640  1.00 12.36 ? 113 ILE A CG2 1 
ATOM   850  C  CD1 . ILE A 1 113 ? -1.130  5.381   -6.505  1.00 16.98 ? 113 ILE A CD1 1 
ATOM   851  N  N   . LEU A 1 114 ? -4.874  3.710   -2.631  1.00 10.21 ? 114 LEU A N   1 
ATOM   852  C  CA  . LEU A 1 114 ? -5.951  4.333   -1.833  1.00 10.24 ? 114 LEU A CA  1 
ATOM   853  C  C   . LEU A 1 114 ? -5.543  5.793   -1.649  1.00 10.48 ? 114 LEU A C   1 
ATOM   854  O  O   . LEU A 1 114 ? -4.403  6.060   -1.199  1.00 10.96 ? 114 LEU A O   1 
ATOM   855  C  CB  . LEU A 1 114 ? -6.046  3.618   -0.493  1.00 10.02 ? 114 LEU A CB  1 
ATOM   856  C  CG  . LEU A 1 114 ? -6.976  4.237   0.525   1.00 10.93 ? 114 LEU A CG  1 
ATOM   857  C  CD1 . LEU A 1 114 ? -8.432  4.110   0.152   1.00 11.97 ? 114 LEU A CD1 1 
ATOM   858  C  CD2 . LEU A 1 114 ? -6.712  3.570   1.863   1.00 11.58 ? 114 LEU A CD2 1 
ATOM   859  N  N   . ARG A 1 115 ? -6.476  6.695   -1.920  1.00 10.67 ? 115 ARG A N   1 
ATOM   860  C  CA  . ARG A 1 115 ? -6.217  8.144   -1.823  1.00 10.87 ? 115 ARG A CA  1 
ATOM   861  C  C   . ARG A 1 115 ? -7.364  8.831   -1.110  1.00 11.59 ? 115 ARG A C   1 
ATOM   862  O  O   . ARG A 1 115 ? -8.514  8.405   -1.177  1.00 11.35 ? 115 ARG A O   1 
ATOM   863  C  CB  . ARG A 1 115 ? -6.013  8.814   -3.164  1.00 12.08 ? 115 ARG A CB  1 
ATOM   864  C  CG  . ARG A 1 115 ? -7.234  8.729   -4.064  1.00 13.52 ? 115 ARG A CG  1 
ATOM   865  C  CD  . ARG A 1 115 ? -6.944  9.267   -5.460  1.00 16.62 ? 115 ARG A CD  1 
ATOM   866  N  NE  . ARG A 1 115 ? -6.154  8.355   -6.259  1.00 19.00 ? 115 ARG A NE  1 
ATOM   867  C  CZ  . ARG A 1 115 ? -4.966  8.588   -6.876  1.00 21.91 ? 115 ARG A CZ  1 
ATOM   868  N  NH1 . ARG A 1 115 ? -4.237  9.680   -6.669  1.00 23.52 ? 115 ARG A NH1 1 
ATOM   869  N  NH2 . ARG A 1 115 ? -4.452  7.634   -7.632  1.00 23.33 ? 115 ARG A NH2 1 
ATOM   870  N  N   . CYS A 1 116 ? -6.992  9.879   -0.403  1.00 11.90 ? 116 CYS A N   1 
ATOM   871  C  CA  . CYS A 1 116 ? -7.936  10.789  0.268   1.00 12.12 ? 116 CYS A CA  1 
ATOM   872  C  C   . CYS A 1 116 ? -7.731  12.186  -0.297  1.00 13.53 ? 116 CYS A C   1 
ATOM   873  O  O   . CYS A 1 116 ? -6.918  12.399  -1.194  1.00 15.13 ? 116 CYS A O   1 
ATOM   874  C  CB  . CYS A 1 116 ? -7.772  10.720  1.770   1.00 10.59 ? 116 CYS A CB  1 
ATOM   875  S  SG  . CYS A 1 116 ? -6.193  11.437  2.301   1.00 12.46 ? 116 CYS A SG  1 
ATOM   876  N  N   . GLN A 1 117 ? -8.449  13.136  0.307   1.00 14.88 ? 117 GLN A N   1 
ATOM   877  C  CA  . GLN A 1 117 ? -8.321  14.547  -0.082  1.00 15.87 ? 117 GLN A CA  1 
ATOM   878  C  C   . GLN A 1 117 ? -6.892  15.044  0.132   1.00 17.13 ? 117 GLN A C   1 
ATOM   879  O  O   . GLN A 1 117 ? -6.514  16.016  -0.537  1.00 21.44 ? 117 GLN A O   1 
ATOM   880  C  CB  . GLN A 1 117 ? -9.318  15.406  0.702   1.00 16.32 ? 117 GLN A CB  1 
ATOM   881  C  CG  . GLN A 1 117 ? -8.965  15.490  2.179   1.00 18.62 ? 117 GLN A CG  1 
ATOM   882  C  CD  . GLN A 1 117 ? -9.915  16.371  2.941   1.00 24.64 ? 117 GLN A CD  1 
ATOM   883  O  OE1 . GLN A 1 117 ? -10.894 15.895  3.511   1.00 32.01 ? 117 GLN A OE1 1 
ATOM   884  N  NE2 . GLN A 1 117 ? -9.608  17.656  2.916   1.00 27.13 ? 117 GLN A NE2 1 
ATOM   885  N  N   . HIS A 1 118 ? -6.069  14.413  0.955   1.00 16.54 ? 118 HIS A N   1 
ATOM   886  C  CA  . HIS A 1 118 ? -4.684  14.899  1.184   1.00 16.67 ? 118 HIS A CA  1 
ATOM   887  C  C   . HIS A 1 118 ? -3.642  14.231  0.270   1.00 19.97 ? 118 HIS A C   1 
ATOM   888  O  O   . HIS A 1 118 ? -2.475  14.651  0.364   1.00 21.54 ? 118 HIS A O   1 
ATOM   889  C  CB  . HIS A 1 118 ? -4.358  14.650  2.636   1.00 16.55 ? 118 HIS A CB  1 
ATOM   890  C  CG  . HIS A 1 118 ? -5.326  15.289  3.573   1.00 16.42 ? 118 HIS A CG  1 
ATOM   891  N  ND1 . HIS A 1 118 ? -6.287  14.587  4.259   1.00 15.70 ? 118 HIS A ND1 1 
ATOM   892  C  CD2 . HIS A 1 118 ? -5.440  16.573  4.007   1.00 17.05 ? 118 HIS A CD2 1 
ATOM   893  C  CE1 . HIS A 1 118 ? -7.016  15.426  4.999   1.00 17.82 ? 118 HIS A CE1 1 
ATOM   894  N  NE2 . HIS A 1 118 ? -6.493  16.618  4.846   1.00 18.28 ? 118 HIS A NE2 1 
ATOM   895  N  N   . GLY A 1 119 ? -4.005  13.229  -0.546  1.00 16.69 ? 119 GLY A N   1 
ATOM   896  C  CA  . GLY A 1 119 ? -3.034  12.505  -1.368  1.00 15.77 ? 119 GLY A CA  1 
ATOM   897  C  C   . GLY A 1 119 ? -3.100  11.006  -1.159  1.00 14.76 ? 119 GLY A C   1 
ATOM   898  O  O   . GLY A 1 119 ? -4.141  10.457  -0.742  1.00 13.89 ? 119 GLY A O   1 
ATOM   899  N  N   . VAL A 1 120 ? -1.986  10.316  -1.408  1.00 13.19 ? 120 VAL A N   1 
ATOM   900  C  CA  . VAL A 1 120 ? -1.938  8.836   -1.357  1.00 13.93 ? 120 VAL A CA  1 
ATOM   901  C  C   . VAL A 1 120 ? -1.873  8.383   0.088   1.00 12.72 ? 120 VAL A C   1 
ATOM   902  O  O   . VAL A 1 120 ? -0.991  8.856   0.886   1.00 14.23 ? 120 VAL A O   1 
ATOM   903  C  CB  . VAL A 1 120 ? -0.744  8.306   -2.160  1.00 13.46 ? 120 VAL A CB  1 
ATOM   904  C  CG1 . VAL A 1 120 ? -0.614  6.800   -1.992  1.00 14.16 ? 120 VAL A CG1 1 
ATOM   905  C  CG2 . VAL A 1 120 ? -0.896  8.694   -3.595  1.00 13.72 ? 120 VAL A CG2 1 
ATOM   906  N  N   . VAL A 1 121 ? -2.778  7.524   0.508   1.00 11.81 ? 121 VAL A N   1 
ATOM   907  C  CA  . VAL A 1 121 ? -2.843  6.943   1.867   1.00 12.77 ? 121 VAL A CA  1 
ATOM   908  C  C   . VAL A 1 121 ? -2.014  5.671   1.960   1.00 12.39 ? 121 VAL A C   1 
ATOM   909  O  O   . VAL A 1 121 ? -1.450  5.389   2.991   1.00 12.97 ? 121 VAL A O   1 
ATOM   910  C  CB  . VAL A 1 121 ? -4.326  6.718   2.209   1.00 11.85 ? 121 VAL A CB  1 
ATOM   911  C  CG1 . VAL A 1 121 ? -4.479  6.005   3.530   1.00 12.35 ? 121 VAL A CG1 1 
ATOM   912  C  CG2 . VAL A 1 121 ? -5.078  8.039   2.189   1.00 14.36 ? 121 VAL A CG2 1 
ATOM   913  N  N   . GLY A 1 122 ? -2.140  4.803   0.976   1.00 11.98 ? 122 GLY A N   1 
ATOM   914  C  CA  . GLY A 1 122 ? -1.473  3.505   0.960   1.00 12.91 ? 122 GLY A CA  1 
ATOM   915  C  C   . GLY A 1 122 ? -1.813  2.724   -0.278  1.00 11.03 ? 122 GLY A C   1 
ATOM   916  O  O   . GLY A 1 122 ? -2.319  3.286   -1.270  1.00 10.77 ? 122 GLY A O   1 
ATOM   917  N  N   . ILE A 1 123 ? -1.463  1.435   -0.257  1.00 10.90 ? 123 ILE A N   1 
ATOM   918  C  CA  . ILE A 1 123 ? -1.636  0.548   -1.432  1.00 11.16 ? 123 ILE A CA  1 
ATOM   919  C  C   . ILE A 1 123 ? -2.319  -0.745  -0.973  1.00 10.46 ? 123 ILE A C   1 
ATOM   920  O  O   . ILE A 1 123 ? -2.126  -1.203  0.161   1.00 10.75 ? 123 ILE A O   1 
ATOM   921  C  CB  . ILE A 1 123 ? -0.309  0.246   -2.154  1.00 12.02 ? 123 ILE A CB  1 
ATOM   922  C  CG1 . ILE A 1 123 ? 0.773   -0.314  -1.215  1.00 12.93 ? 123 ILE A CG1 1 
ATOM   923  C  CG2 . ILE A 1 123 ? 0.138   1.455   -2.949  1.00 11.93 ? 123 ILE A CG2 1 
ATOM   924  C  CD1 . ILE A 1 123 ? 2.040   -0.808  -1.930  1.00 13.75 ? 123 ILE A CD1 1 
ATOM   925  N  N   . VAL A 1 124 ? -3.125  -1.309  -1.851  1.00 10.83 ? 124 VAL A N   1 
ATOM   926  C  CA  . VAL A 1 124 ? -3.787  -2.606  -1.620  1.00 12.39 ? 124 VAL A CA  1 
ATOM   927  C  C   . VAL A 1 124 ? -2.714  -3.624  -1.276  1.00 12.31 ? 124 VAL A C   1 
ATOM   928  O  O   . VAL A 1 124 ? -1.672  -3.702  -1.974  1.00 12.66 ? 124 VAL A O   1 
ATOM   929  C  CB  . VAL A 1 124 ? -4.591  -3.041  -2.836  1.00 12.12 ? 124 VAL A CB  1 
ATOM   930  C  CG1 . VAL A 1 124 ? -5.134  -4.441  -2.627  1.00 12.24 ? 124 VAL A CG1 1 
ATOM   931  C  CG2 . VAL A 1 124 ? -5.703  -2.064  -3.156  1.00 12.18 ? 124 VAL A CG2 1 
ATOM   932  N  N   . SER A 1 125 ? -2.952  -4.357  -0.197  1.00 13.70 ? 125 SER A N   1 
ATOM   933  C  CA  . SER A 1 125 ? -2.002  -5.385  0.288   1.00 14.01 ? 125 SER A CA  1 
ATOM   934  C  C   . SER A 1 125 ? -2.708  -6.706  0.588   1.00 16.62 ? 125 SER A C   1 
ATOM   935  O  O   . SER A 1 125 ? -2.040  -7.767  0.538   1.00 16.74 ? 125 SER A O   1 
ATOM   936  C  CB  . SER A 1 125 ? -1.319  -4.882  1.514   1.00 14.07 ? 125 SER A CB  1 
ATOM   937  O  OG  . SER A 1 125 ? -0.359  -5.822  2.004   1.00 16.32 ? 125 SER A OG  1 
ATOM   938  N  N   . THR A 1 126 ? -3.994  -6.692  0.932   1.00 16.69 ? 126 THR A N   1 
ATOM   939  C  CA  . THR A 1 126 ? -4.686  -7.945  1.303   1.00 17.20 ? 126 THR A CA  1 
ATOM   940  C  C   . THR A 1 126 ? -6.097  -7.960  0.729   1.00 18.08 ? 126 THR A C   1 
ATOM   941  O  O   . THR A 1 126 ? -6.630  -6.914  0.295   1.00 16.85 ? 126 THR A O   1 
ATOM   942  C  CB  . THR A 1 126 ? -4.738  -8.148  2.826   1.00 18.02 ? 126 THR A CB  1 
ATOM   943  O  OG1 . THR A 1 126 ? -5.745  -7.256  3.328   1.00 18.53 ? 126 THR A OG1 1 
ATOM   944  C  CG2 . THR A 1 126 ? -3.429  -7.942  3.562   1.00 18.16 ? 126 THR A CG2 1 
ATOM   945  N  N   . GLY A 1 127 ? -6.731  -9.109  0.764   0.26 18.37 ? 127 GLY A N   1 
ATOM   946  C  CA  . GLY A 1 127 ? -8.083  -9.295  0.242   0.26 20.41 ? 127 GLY A CA  1 
ATOM   947  C  C   . GLY A 1 127 ? -8.647  -10.581 0.835   0.26 22.79 ? 127 GLY A C   1 
ATOM   948  O  O   . GLY A 1 127 ? -7.872  -11.267 1.598   0.26 25.52 ? 127 GLY A O   1 
ATOM   949  N  N   . GLY A 1 128 ? -9.960  -10.695 0.720   0.26 27.86 ? 128 GLY A N   1 
ATOM   950  C  CA  . GLY A 1 128 ? -10.734 -11.887 1.126   0.26 26.60 ? 128 GLY A CA  1 
ATOM   951  C  C   . GLY A 1 128 ? -12.021 -11.538 1.819   0.26 26.58 ? 128 GLY A C   1 
ATOM   952  O  O   . GLY A 1 128 ? -11.937 -10.722 2.721   0.26 27.09 ? 128 GLY A O   1 
ATOM   953  N  N   . ASN A 1 129 ? -13.118 -12.226 1.477   0.26 29.64 ? 129 ASN A N   1 
ATOM   954  C  CA  . ASN A 1 129 ? -14.457 -12.189 2.123   0.26 31.00 ? 129 ASN A CA  1 
ATOM   955  C  C   . ASN A 1 129 ? -15.146 -10.857 2.014   0.26 28.32 ? 129 ASN A C   1 
ATOM   956  O  O   . ASN A 1 129 ? -16.003 -10.558 2.839   0.26 32.24 ? 129 ASN A O   1 
ATOM   957  C  CB  . ASN A 1 129 ? -14.424 -12.515 3.610   0.26 32.07 ? 129 ASN A CB  1 
ATOM   958  C  CG  . ASN A 1 129 ? -13.895 -13.894 3.815   0.26 35.56 ? 129 ASN A CG  1 
ATOM   959  O  OD1 . ASN A 1 129 ? -14.510 -14.801 3.291   0.26 39.24 ? 129 ASN A OD1 1 
ATOM   960  N  ND2 . ASN A 1 129 ? -12.790 -14.047 4.521   0.26 38.66 ? 129 ASN A ND2 1 
ATOM   961  N  N   . GLY A 1 130 ? -14.815 -10.130 0.962   0.26 24.08 ? 130 GLY A N   1 
ATOM   962  C  CA  . GLY A 1 130 ? -15.434 -8.828  0.740   0.26 22.54 ? 130 GLY A CA  1 
ATOM   963  C  C   . GLY A 1 130 ? -14.719 -7.798  1.585   0.26 17.69 ? 130 GLY A C   1 
ATOM   964  O  O   . GLY A 1 130 ? -15.276 -6.855  1.901   0.26 19.51 ? 130 GLY A O   1 
ATOM   965  N  N   . LEU A 1 131 ? -13.490 -8.082  1.951   0.26 18.53 ? 131 LEU A N   1 
ATOM   966  C  CA  . LEU A 1 131 ? -12.701 -7.040  2.614   0.26 18.17 ? 131 LEU A CA  1 
ATOM   967  C  C   . LEU A 1 131 ? -11.437 -6.782  1.771   0.26 17.60 ? 131 LEU A C   1 
ATOM   968  O  O   . LEU A 1 131 ? -10.945 -7.675  1.140   0.26 19.36 ? 131 LEU A O   1 
ATOM   969  C  CB  . LEU A 1 131 ? -12.393 -7.430  4.048   0.26 20.67 ? 131 LEU A CB  1 
ATOM   970  C  CG  . LEU A 1 131 ? -13.629 -7.549  4.951   0.26 23.02 ? 131 LEU A CG  1 
ATOM   971  C  CD1 . LEU A 1 131 ? -13.326 -8.319  6.196   0.26 27.05 ? 131 LEU A CD1 1 
ATOM   972  C  CD2 . LEU A 1 131 ? -14.105 -6.170  5.276   0.26 22.14 ? 131 LEU A CD2 1 
ATOM   973  N  N   . VAL A 1 132 ? -10.947 -5.571  1.863   0.26 16.03 ? 132 VAL A N   1 
ATOM   974  C  CA  . VAL A 1 132 ? -9.685  -5.186  1.183   0.26 15.11 ? 132 VAL A CA  1 
ATOM   975  C  C   . VAL A 1 132 ? -8.824  -4.530  2.264   0.26 14.37 ? 132 VAL A C   1 
ATOM   976  O  O   . VAL A 1 132 ? -9.307  -3.733  3.017   0.26 14.86 ? 132 VAL A O   1 
ATOM   977  C  CB  . VAL A 1 132 ? -9.938  -4.274  -0.026  0.26 14.56 ? 132 VAL A CB  1 
ATOM   978  C  CG1 . VAL A 1 132 ? -10.881 -3.125  0.296   0.26 15.71 ? 132 VAL A CG1 1 
ATOM   979  C  CG2 . VAL A 1 132 ? -8.606  -3.817  -0.627  0.26 14.98 ? 132 VAL A CG2 1 
ATOM   980  N  N   . GLY A 1 133 ? -7.567  -4.913  2.307   0.26 14.51 ? 133 GLY A N   1 
ATOM   981  C  CA  . GLY A 1 133 ? -6.633  -4.316  3.245   0.26 13.55 ? 133 GLY A CA  1 
ATOM   982  C  C   . GLY A 1 133 ? -5.597  -3.493  2.478   0.26 13.10 ? 133 GLY A C   1 
ATOM   983  O  O   . GLY A 1 133 ? -5.183  -3.935  1.436   0.26 13.84 ? 133 GLY A O   1 
ATOM   984  N  N   . PHE A 1 134 ? -5.208  -2.379  3.069   1.00 12.48 ? 134 PHE A N   1 
ATOM   985  C  CA  . PHE A 1 134 ? -4.264  -1.400  2.506   1.00 11.87 ? 134 PHE A CA  1 
ATOM   986  C  C   . PHE A 1 134 ? -3.136  -1.203  3.486   1.00 12.17 ? 134 PHE A C   1 
ATOM   987  O  O   . PHE A 1 134 ? -3.348  -1.031  4.708   1.00 13.94 ? 134 PHE A O   1 
ATOM   988  C  CB  . PHE A 1 134 ? -4.917  -0.031  2.312   1.00 11.31 ? 134 PHE A CB  1 
ATOM   989  C  CG  . PHE A 1 134 ? -6.208  -0.084  1.550   1.00 10.60 ? 134 PHE A CG  1 
ATOM   990  C  CD1 . PHE A 1 134 ? -6.211  -0.072  0.174   1.00 10.73 ? 134 PHE A CD1 1 
ATOM   991  C  CD2 . PHE A 1 134 ? -7.427  -0.123  2.235   1.00 11.45 ? 134 PHE A CD2 1 
ATOM   992  C  CE1 . PHE A 1 134 ? -7.415  -0.131  -0.505  1.00 10.77 ? 134 PHE A CE1 1 
ATOM   993  C  CE2 . PHE A 1 134 ? -8.612  -0.151  1.522   1.00 12.35 ? 134 PHE A CE2 1 
ATOM   994  C  CZ  . PHE A 1 134 ? -8.609  -0.107  0.150   1.00 12.03 ? 134 PHE A CZ  1 
ATOM   995  N  N   . ALA A 1 135 ? -1.929  -1.286  2.951   1.00 12.11 ? 135 ALA A N   1 
ATOM   996  C  CA  . ALA A 1 135 ? -0.714  -0.946  3.717   1.00 12.15 ? 135 ALA A CA  1 
ATOM   997  C  C   . ALA A 1 135 ? -0.593  0.570   3.773   1.00 12.42 ? 135 ALA A C   1 
ATOM   998  O  O   . ALA A 1 135 ? -0.442  1.227   2.767   1.00 13.02 ? 135 ALA A O   1 
ATOM   999  C  CB  . ALA A 1 135 ? 0.490   -1.578  3.055   1.00 11.30 ? 135 ALA A CB  1 
ATOM   1000 N  N   . ASP A 1 136 ? -0.655  1.142   4.973   1.00 12.91 ? 136 ASP A N   1 
ATOM   1001 C  CA  . ASP A 1 136 ? -0.546  2.584   5.175   1.00 13.95 ? 136 ASP A CA  1 
ATOM   1002 C  C   . ASP A 1 136 ? 0.872   3.090   4.894   1.00 13.69 ? 136 ASP A C   1 
ATOM   1003 O  O   . ASP A 1 136 ? 1.873   2.333   5.168   1.00 15.46 ? 136 ASP A O   1 
ATOM   1004 C  CB  . ASP A 1 136 ? -0.908  2.948   6.623   1.00 14.61 ? 136 ASP A CB  1 
ATOM   1005 C  CG  . ASP A 1 136 ? -0.911  4.426   6.878   1.00 16.64 ? 136 ASP A CG  1 
ATOM   1006 O  OD1 . ASP A 1 136 ? -1.584  5.148   6.167   1.00 16.15 ? 136 ASP A OD1 1 
ATOM   1007 O  OD2 . ASP A 1 136 ? -0.128  4.858   7.750   1.00 17.93 ? 136 ASP A OD2 1 
ATOM   1008 N  N   . VAL A 1 137 ? 0.996   4.275   4.328   1.00 13.78 ? 137 VAL A N   1 
ATOM   1009 C  CA  . VAL A 1 137 ? 2.317   4.945   4.145   1.00 14.57 ? 137 VAL A CA  1 
ATOM   1010 C  C   . VAL A 1 137 ? 2.310   6.320   4.826   1.00 14.42 ? 137 VAL A C   1 
ATOM   1011 O  O   . VAL A 1 137 ? 3.324   6.998   4.691   1.00 15.66 ? 137 VAL A O   1 
ATOM   1012 C  CB  . VAL A 1 137 ? 2.708   5.056   2.674   1.00 14.47 ? 137 VAL A CB  1 
ATOM   1013 C  CG1 . VAL A 1 137 ? 2.873   3.659   2.091   1.00 14.77 ? 137 VAL A CG1 1 
ATOM   1014 C  CG2 . VAL A 1 137 ? 1.731   5.880   1.857   1.00 13.53 ? 137 VAL A CG2 1 
ATOM   1015 N  N   . ARG A 1 138 ? 1.211   6.749   5.455   1.00 15.24 ? 138 ARG A N   1 
ATOM   1016 C  CA  . ARG A 1 138 ? 1.111   8.146   5.918   1.00 14.46 ? 138 ARG A CA  1 
ATOM   1017 C  C   . ARG A 1 138 ? 2.047   8.414   7.085   1.00 15.30 ? 138 ARG A C   1 
ATOM   1018 O  O   . ARG A 1 138 ? 2.307   9.599   7.277   1.00 17.66 ? 138 ARG A O   1 
ATOM   1019 C  CB  . ARG A 1 138 ? -0.314  8.491   6.313   1.00 13.24 ? 138 ARG A CB  1 
ATOM   1020 C  CG  . ARG A 1 138 ? -1.286  8.441   5.145   1.00 12.78 ? 138 ARG A CG  1 
ATOM   1021 C  CD  . ARG A 1 138 ? -2.689  8.678   5.670   1.00 13.24 ? 138 ARG A CD  1 
ATOM   1022 N  NE  . ARG A 1 138 ? -3.114  7.595   6.460   1.00 14.49 ? 138 ARG A NE  1 
ATOM   1023 C  CZ  . ARG A 1 138 ? -4.310  7.425   6.971   1.00 13.08 ? 138 ARG A CZ  1 
ATOM   1024 N  NH1 . ARG A 1 138 ? -5.189  8.418   6.940   1.00 13.78 ? 138 ARG A NH1 1 
ATOM   1025 N  NH2 . ARG A 1 138 ? -4.626  6.259   7.476   1.00 13.89 ? 138 ARG A NH2 1 
ATOM   1026 N  N   . ASP A 1 139 ? 2.516   7.391   7.762   1.00 16.06 ? 139 ASP A N   1 
ATOM   1027 C  CA  . ASP A 1 139 ? 3.455   7.571   8.909   1.00 17.30 ? 139 ASP A CA  1 
ATOM   1028 C  C   . ASP A 1 139 ? 4.885   7.672   8.369   1.00 20.53 ? 139 ASP A C   1 
ATOM   1029 O  O   . ASP A 1 139 ? 5.766   8.042   9.201   1.00 21.69 ? 139 ASP A O   1 
ATOM   1030 C  CB  . ASP A 1 139 ? 3.317   6.426   9.883   1.00 19.00 ? 139 ASP A CB  1 
ATOM   1031 C  CG  . ASP A 1 139 ? 3.740   5.072   9.328   1.00 22.10 ? 139 ASP A CG  1 
ATOM   1032 O  OD1 . ASP A 1 139 ? 3.367   4.789   8.166   1.00 20.43 ? 139 ASP A OD1 1 
ATOM   1033 O  OD2 . ASP A 1 139 ? 4.400   4.285   10.047  1.00 24.64 ? 139 ASP A OD2 1 
ATOM   1034 N  N   . LEU A 1 140 ? 5.136   7.436   7.078   1.00 17.08 ? 140 LEU A N   1 
ATOM   1035 C  CA  . LEU A 1 140 ? 6.526   7.402   6.532   1.00 17.83 ? 140 LEU A CA  1 
ATOM   1036 C  C   . LEU A 1 140 ? 6.877   8.804   6.082   1.00 16.17 ? 140 LEU A C   1 
ATOM   1037 O  O   . LEU A 1 140 ? 6.899   9.159   4.909   1.00 19.09 ? 140 LEU A O   1 
ATOM   1038 C  CB  . LEU A 1 140 ? 6.622   6.348   5.415   1.00 17.24 ? 140 LEU A CB  1 
ATOM   1039 C  CG  . LEU A 1 140 ? 6.225   4.929   5.807   1.00 19.85 ? 140 LEU A CG  1 
ATOM   1040 C  CD1 . LEU A 1 140 ? 6.270   3.997   4.590   1.00 19.00 ? 140 LEU A CD1 1 
ATOM   1041 C  CD2 . LEU A 1 140 ? 7.069   4.355   6.925   1.00 20.50 ? 140 LEU A CD2 1 
ATOM   1042 N  N   . LEU A 1 141 ? 7.142   9.677   7.079   1.00 19.20 ? 141 LEU A N   1 
ATOM   1043 C  CA  . LEU A 1 141 ? 7.329   11.114  6.805   1.00 21.32 ? 141 LEU A CA  1 
ATOM   1044 C  C   . LEU A 1 141 ? 8.580   11.364  5.950   1.00 19.26 ? 141 LEU A C   1 
ATOM   1045 O  O   . LEU A 1 141 ? 8.596   12.263  5.142   1.00 22.02 ? 141 LEU A O   1 
ATOM   1046 C  CB  . LEU A 1 141 ? 7.428   11.882  8.130   1.00 22.28 ? 141 LEU A CB  1 
ATOM   1047 C  CG  . LEU A 1 141 ? 6.323   11.645  9.148   1.00 25.08 ? 141 LEU A CG  1 
ATOM   1048 C  CD1 . LEU A 1 141 ? 6.510   12.648  10.283  1.00 27.36 ? 141 LEU A CD1 1 
ATOM   1049 C  CD2 . LEU A 1 141 ? 4.926   11.798  8.540   1.00 23.73 ? 141 LEU A CD2 1 
ATOM   1050 N  N   . TRP A 1 142 ? 9.580   10.482  6.077   1.00 20.96 ? 142 TRP A N   1 
ATOM   1051 C  CA  . TRP A 1 142 ? 10.843  10.583  5.326   1.00 22.36 ? 142 TRP A CA  1 
ATOM   1052 C  C   . TRP A 1 142 ? 10.613  10.435  3.819   1.00 21.52 ? 142 TRP A C   1 
ATOM   1053 O  O   . TRP A 1 142 ? 11.486  10.858  3.037   1.00 25.15 ? 142 TRP A O   1 
ATOM   1054 C  CB  . TRP A 1 142 ? 11.834  9.561   5.900   1.00 20.94 ? 142 TRP A CB  1 
ATOM   1055 C  CG  . TRP A 1 142 ? 11.378  8.133   5.874   1.00 20.19 ? 142 TRP A CG  1 
ATOM   1056 C  CD1 . TRP A 1 142 ? 10.919  7.415   6.935   1.00 19.62 ? 142 TRP A CD1 1 
ATOM   1057 C  CD2 . TRP A 1 142 ? 11.410  7.239   4.745   1.00 19.64 ? 142 TRP A CD2 1 
ATOM   1058 N  NE1 . TRP A 1 142 ? 10.643  6.126   6.558   1.00 21.81 ? 142 TRP A NE1 1 
ATOM   1059 C  CE2 . TRP A 1 142 ? 10.943  6.010   5.230   1.00 20.67 ? 142 TRP A CE2 1 
ATOM   1060 C  CE3 . TRP A 1 142 ? 11.820  7.371   3.407   1.00 20.40 ? 142 TRP A CE3 1 
ATOM   1061 C  CZ2 . TRP A 1 142 ? 10.885  4.898   4.387   1.00 20.83 ? 142 TRP A CZ2 1 
ATOM   1062 C  CZ3 . TRP A 1 142 ? 11.728  6.265   2.564   1.00 20.87 ? 142 TRP A CZ3 1 
ATOM   1063 C  CH2 . TRP A 1 142 ? 11.254  5.064   3.065   1.00 19.73 ? 142 TRP A CH2 1 
ATOM   1064 N  N   . LEU A 1 143 ? 9.479   9.879   3.362   1.00 21.01 ? 143 LEU A N   1 
ATOM   1065 C  CA  . LEU A 1 143 ? 9.181   9.825   1.919   1.00 21.88 ? 143 LEU A CA  1 
ATOM   1066 C  C   . LEU A 1 143 ? 9.104   11.233  1.302   1.00 26.22 ? 143 LEU A C   1 
ATOM   1067 O  O   . LEU A 1 143 ? 9.277   11.334  0.090   1.00 25.96 ? 143 LEU A O   1 
ATOM   1068 C  CB  . LEU A 1 143 ? 7.857   9.104   1.663   1.00 21.15 ? 143 LEU A CB  1 
ATOM   1069 C  CG  . LEU A 1 143 ? 7.815   7.597   1.839   1.00 20.32 ? 143 LEU A CG  1 
ATOM   1070 C  CD1 . LEU A 1 143 ? 6.374   7.136   1.727   1.00 20.27 ? 143 LEU A CD1 1 
ATOM   1071 C  CD2 . LEU A 1 143 ? 8.660   6.897   0.785   1.00 21.01 ? 143 LEU A CD2 1 
ATOM   1072 N  N   . ASP A 1 144 ? 8.816   12.266  2.109   1.00 30.28 ? 144 ASP A N   1 
ATOM   1073 C  CA  . ASP A 1 144 ? 8.568   13.650  1.620   1.00 35.50 ? 144 ASP A CA  1 
ATOM   1074 C  C   . ASP A 1 144 ? 9.866   14.420  1.372   1.00 40.72 ? 144 ASP A C   1 
ATOM   1075 O  O   . ASP A 1 144 ? 9.767   15.477  0.731   1.00 42.62 ? 144 ASP A O   1 
ATOM   1076 C  CB  . ASP A 1 144 ? 7.712   14.442  2.611   1.00 35.14 ? 144 ASP A CB  1 
ATOM   1077 C  CG  . ASP A 1 144 ? 6.262   14.008  2.636   1.00 33.11 ? 144 ASP A CG  1 
ATOM   1078 O  OD1 . ASP A 1 144 ? 5.869   13.281  1.713   1.00 40.03 ? 144 ASP A OD1 1 
ATOM   1079 O  OD2 . ASP A 1 144 ? 5.559   14.336  3.633   1.00 36.54 ? 144 ASP A OD2 1 
ATOM   1080 N  N   . GLU A 1 145 ? 11.022  13.927  1.833   1.00 47.00 ? 145 GLU A N   1 
ATOM   1081 C  CA  . GLU A 1 145 ? 12.328  14.647  1.730   1.00 55.34 ? 145 GLU A CA  1 
ATOM   1082 C  C   . GLU A 1 145 ? 13.457  13.713  1.262   1.00 58.36 ? 145 GLU A C   1 
ATOM   1083 O  O   . GLU A 1 145 ? 13.270  12.475  1.293   1.00 54.81 ? 145 GLU A O   1 
ATOM   1084 C  CB  . GLU A 1 145 ? 12.695  15.223  3.094   1.00 56.87 ? 145 GLU A CB  1 
ATOM   1085 C  CG  . GLU A 1 145 ? 13.074  14.152  4.110   1.00 59.05 ? 145 GLU A CG  1 
ATOM   1086 C  CD  . GLU A 1 145 ? 12.540  14.360  5.518   1.00 61.93 ? 145 GLU A CD  1 
ATOM   1087 O  OE1 . GLU A 1 145 ? 12.770  13.479  6.373   1.00 64.39 ? 145 GLU A OE1 1 
ATOM   1088 O  OE2 . GLU A 1 145 ? 11.881  15.387  5.754   1.00 69.58 ? 145 GLU A OE2 1 
ATOM   1089 N  N   . GLU A 1 146 ? 14.599  14.301  0.887   1.00 63.72 ? 146 GLU A N   1 
ATOM   1090 C  CA  . GLU A 1 146 ? 15.903  13.601  0.720   1.00 66.39 ? 146 GLU A CA  1 
ATOM   1091 C  C   . GLU A 1 146 ? 15.709  12.381  -0.193  1.00 71.62 ? 146 GLU A C   1 
ATOM   1092 O  O   . GLU A 1 146 ? 16.419  12.169  -1.183  1.00 70.58 ? 146 GLU A O   1 
ATOM   1093 C  CB  . GLU A 1 146 ? 16.453  13.256  2.109   1.00 62.42 ? 146 GLU A CB  1 
ATOM   1094 C  CG  . GLU A 1 146 ? 17.022  11.851  2.252   1.00 67.14 ? 146 GLU A CG  1 
ATOM   1095 C  CD  . GLU A 1 146 ? 18.349  11.578  1.561   1.00 70.41 ? 146 GLU A CD  1 
ATOM   1096 O  OE1 . GLU A 1 146 ? 18.903  10.473  1.764   1.00 66.37 ? 146 GLU A OE1 1 
ATOM   1097 O  OE2 . GLU A 1 146 ? 18.831  12.463  0.820   1.00 73.60 ? 146 GLU A OE2 1 
HETATM 1098 C  C10 . YZK B 2 .   ? -12.451 -11.508 6.857   0.50 20.00 ? 201 YZK A C10 1 
HETATM 1099 C  C01 . YZK B 2 .   ? -9.058  -8.934  3.700   0.50 20.00 ? 201 YZK A C01 1 
HETATM 1100 C  C02 . YZK B 2 .   ? -8.368  -8.939  5.021   0.50 20.00 ? 201 YZK A C02 1 
HETATM 1101 N  N03 . YZK B 2 .   ? -7.156  -8.459  5.247   0.50 20.00 ? 201 YZK A N03 1 
HETATM 1102 C  C04 . YZK B 2 .   ? -6.907  -8.650  6.567   0.50 20.00 ? 201 YZK A C04 1 
HETATM 1103 C  C05 . YZK B 2 .   ? -7.935  -9.272  7.169   0.50 20.00 ? 201 YZK A C05 1 
HETATM 1104 N  N06 . YZK B 2 .   ? -8.890  -9.470  6.182   0.50 20.00 ? 201 YZK A N06 1 
HETATM 1105 C  C07 . YZK B 2 .   ? -10.153 -10.136 6.385   0.50 20.00 ? 201 YZK A C07 1 
HETATM 1106 C  C08 . YZK B 2 .   ? -10.802 -9.987  7.591   0.50 20.00 ? 201 YZK A C08 1 
HETATM 1107 C  C09 . YZK B 2 .   ? -11.946 -10.704 7.843   0.50 20.00 ? 201 YZK A C09 1 
HETATM 1108 N  N11 . YZK B 2 .   ? -11.854 -11.665 5.686   0.50 20.00 ? 201 YZK A N11 1 
HETATM 1109 C  C12 . YZK B 2 .   ? -10.720 -11.003 5.479   0.50 20.00 ? 201 YZK A C12 1 
HETATM 1110 ZN ZN  . ZN  C 3 .   ? -6.528  12.528  4.285   1.00 14.12 ? 202 ZN  A ZN  1 
HETATM 1111 S  S   . DMS D 4 .   ? -2.839  15.359  -3.785  1.00 48.73 ? 203 DMS A S   1 
HETATM 1112 O  O   . DMS D 4 .   ? -2.403  16.474  -4.701  1.00 59.71 ? 203 DMS A O   1 
HETATM 1113 C  C1  . DMS D 4 .   ? -4.538  15.721  -3.370  1.00 43.06 ? 203 DMS A C1  1 
HETATM 1114 C  C2  . DMS D 4 .   ? -3.124  13.976  -4.849  1.00 43.05 ? 203 DMS A C2  1 
HETATM 1115 S  S   . DMS E 4 .   ? 9.879   -6.411  9.801   1.00 38.69 ? 204 DMS A S   1 
HETATM 1116 O  O   . DMS E 4 .   ? 9.010   -7.530  9.366   1.00 34.13 ? 204 DMS A O   1 
HETATM 1117 C  C1  . DMS E 4 .   ? 9.274   -5.960  11.419  1.00 39.36 ? 204 DMS A C1  1 
HETATM 1118 C  C2  . DMS E 4 .   ? 11.434  -7.137  10.302  1.00 37.68 ? 204 DMS A C2  1 
HETATM 1119 S  S   . DMS F 4 .   ? -4.604  2.658   -13.273 1.00 79.41 ? 205 DMS A S   1 
HETATM 1120 O  O   . DMS F 4 .   ? -5.738  2.525   -14.255 1.00 68.20 ? 205 DMS A O   1 
HETATM 1121 C  C1  . DMS F 4 .   ? -3.670  4.091   -13.779 1.00 78.24 ? 205 DMS A C1  1 
HETATM 1122 C  C2  . DMS F 4 .   ? -5.308  3.346   -11.803 1.00 70.39 ? 205 DMS A C2  1 
HETATM 1123 S  S   . DMS G 4 .   ? -18.991 -3.291  -1.075  1.00 58.42 ? 206 DMS A S   1 
HETATM 1124 O  O   . DMS G 4 .   ? -18.165 -4.531  -1.275  1.00 53.55 ? 206 DMS A O   1 
HETATM 1125 C  C1  . DMS G 4 .   ? -19.036 -2.450  -2.641  1.00 54.40 ? 206 DMS A C1  1 
HETATM 1126 C  C2  . DMS G 4 .   ? -20.684 -3.828  -1.019  1.00 50.44 ? 206 DMS A C2  1 
HETATM 1127 S  S   . DMS H 4 .   ? 3.653   -17.730 -0.174  1.00 58.76 ? 207 DMS A S   1 
HETATM 1128 O  O   . DMS H 4 .   ? 4.953   -17.539 0.581   1.00 73.72 ? 207 DMS A O   1 
HETATM 1129 C  C1  . DMS H 4 .   ? 3.854   -19.226 -1.117  1.00 61.45 ? 207 DMS A C1  1 
HETATM 1130 C  C2  . DMS H 4 .   ? 2.511   -18.357 1.026   1.00 63.24 ? 207 DMS A C2  1 
HETATM 1131 S  S   . SO4 I 5 .   ? -3.550  -16.724 15.957  1.00 56.43 ? 208 SO4 A S   1 
HETATM 1132 O  O1  . SO4 I 5 .   ? -2.586  -15.968 16.709  1.00 53.94 ? 208 SO4 A O1  1 
HETATM 1133 O  O2  . SO4 I 5 .   ? -4.287  -17.576 16.855  1.00 53.91 ? 208 SO4 A O2  1 
HETATM 1134 O  O3  . SO4 I 5 .   ? -4.454  -15.824 15.289  1.00 56.22 ? 208 SO4 A O3  1 
HETATM 1135 O  O4  . SO4 I 5 .   ? -2.871  -17.521 14.972  1.00 55.87 ? 208 SO4 A O4  1 
HETATM 1136 O  O   . HOH J 6 .   ? 7.721   -10.042 1.055   1.00 20.75 ? 301 HOH A O   1 
HETATM 1137 O  O   . HOH J 6 .   ? -0.145  -18.725 1.833   1.00 55.91 ? 302 HOH A O   1 
HETATM 1138 O  O   . HOH J 6 .   ? 5.427   -13.853 -1.660  1.00 29.62 ? 303 HOH A O   1 
HETATM 1139 O  O   . HOH J 6 .   ? 2.378   -13.782 12.136  1.00 44.72 ? 304 HOH A O   1 
HETATM 1140 O  O   . HOH J 6 .   ? 2.665   -16.446 11.541  1.00 48.18 ? 305 HOH A O   1 
HETATM 1141 O  O   . HOH J 6 .   ? 17.764  10.818  -10.384 1.00 55.41 ? 306 HOH A O   1 
HETATM 1142 O  O   . HOH J 6 .   ? -3.764  3.358   13.883  1.00 55.38 ? 307 HOH A O   1 
HETATM 1143 O  O   . HOH J 6 .   ? -5.416  -19.128 6.438   1.00 32.96 ? 308 HOH A O   1 
HETATM 1144 O  O   . HOH J 6 .   ? -7.327  -11.336 -9.914  1.00 36.01 ? 309 HOH A O   1 
HETATM 1145 O  O   . HOH J 6 .   ? -8.695  0.357   -15.268 1.00 51.81 ? 310 HOH A O   1 
HETATM 1146 O  O   . HOH J 6 .   ? 15.856  7.906   -3.791  1.00 37.96 ? 311 HOH A O   1 
HETATM 1147 O  O   . HOH J 6 .   ? -17.027 -12.695 3.213   1.00 45.33 ? 312 HOH A O   1 
HETATM 1148 O  O   . HOH J 6 .   ? 15.312  10.527  -2.569  1.00 49.38 ? 313 HOH A O   1 
HETATM 1149 O  O   . HOH J 6 .   ? 3.745   -11.857 10.748  1.00 43.65 ? 314 HOH A O   1 
HETATM 1150 O  O   . HOH J 6 .   ? 15.462  8.360   2.763   1.00 48.12 ? 315 HOH A O   1 
HETATM 1151 O  O   . HOH J 6 .   ? -7.572  -11.684 4.003   0.26 30.89 ? 316 HOH A O   1 
HETATM 1152 O  O   . HOH J 6 .   ? 6.014   13.364  -5.935  1.00 28.03 ? 317 HOH A O   1 
HETATM 1153 O  O   . HOH J 6 .   ? 13.285  1.954   -8.069  1.00 35.45 ? 318 HOH A O   1 
HETATM 1154 O  O   . HOH J 6 .   ? 8.225   -11.855 4.184   1.00 41.33 ? 319 HOH A O   1 
HETATM 1155 O  O   . HOH J 6 .   ? 0.848   14.723  -6.333  1.00 29.49 ? 320 HOH A O   1 
HETATM 1156 O  O   . HOH J 6 .   ? -3.533  -14.249 18.316  1.00 65.50 ? 321 HOH A O   1 
HETATM 1157 O  O   . HOH J 6 .   ? 12.884  11.793  -3.075  1.00 33.29 ? 322 HOH A O   1 
HETATM 1158 O  O   . HOH J 6 .   ? -5.721  -2.013  -14.285 1.00 25.82 ? 323 HOH A O   1 
HETATM 1159 O  O   . HOH J 6 .   ? 6.737   -6.770  -9.592  1.00 38.43 ? 324 HOH A O   1 
HETATM 1160 O  O   . HOH J 6 .   ? 16.190  -4.181  5.864   1.00 28.96 ? 325 HOH A O   1 
HETATM 1161 O  O   . HOH J 6 .   ? -1.846  -11.629 2.134   1.00 27.59 ? 326 HOH A O   1 
HETATM 1162 O  O   . HOH J 6 .   ? 12.792  -0.811  -9.638  1.00 30.24 ? 327 HOH A O   1 
HETATM 1163 O  O   . HOH J 6 .   ? 3.682   4.593   12.516  1.00 43.47 ? 328 HOH A O   1 
HETATM 1164 O  O   . HOH J 6 .   ? -18.398 -2.823  -9.580  1.00 25.44 ? 329 HOH A O   1 
HETATM 1165 O  O   . HOH J 6 .   ? 3.197   -3.322  -5.521  1.00 15.09 ? 330 HOH A O   1 
HETATM 1166 O  O   . HOH J 6 .   ? -17.295 1.149   -2.465  1.00 24.72 ? 331 HOH A O   1 
HETATM 1167 O  O   . HOH J 6 .   ? 9.327   -10.261 -5.097  1.00 43.89 ? 332 HOH A O   1 
HETATM 1168 O  O   . HOH J 6 .   ? -7.093  -1.626  10.896  1.00 25.07 ? 333 HOH A O   1 
HETATM 1169 O  O   . HOH J 6 .   ? -14.121 0.069   -15.940 1.00 37.18 ? 334 HOH A O   1 
HETATM 1170 O  O   . HOH J 6 .   ? 1.776   5.918   -8.798  1.00 23.63 ? 335 HOH A O   1 
HETATM 1171 O  O   . HOH J 6 .   ? 2.842   -17.425 9.135   1.00 40.53 ? 336 HOH A O   1 
HETATM 1172 O  O   . HOH J 6 .   ? 5.119   16.917  3.981   1.00 31.89 ? 337 HOH A O   1 
HETATM 1173 O  O   . HOH J 6 .   ? 0.807   3.556   9.859   1.00 22.75 ? 338 HOH A O   1 
HETATM 1174 O  O   . HOH J 6 .   ? 11.691  -6.979  6.861   1.00 22.59 ? 339 HOH A O   1 
HETATM 1175 O  O   . HOH J 6 .   ? -10.795 10.552  10.379  1.00 46.37 ? 340 HOH A O   1 
HETATM 1176 O  O   . HOH J 6 .   ? 6.796   4.895   11.024  1.00 36.16 ? 341 HOH A O   1 
HETATM 1177 O  O   . HOH J 6 .   ? 6.798   -4.732  -8.737  1.00 29.20 ? 342 HOH A O   1 
HETATM 1178 O  O   . HOH J 6 .   ? 10.026  17.009  -10.147 1.00 62.04 ? 343 HOH A O   1 
HETATM 1179 O  O   . HOH J 6 .   ? -3.572  -1.960  -9.402  1.00 18.32 ? 344 HOH A O   1 
HETATM 1180 O  O   . HOH J 6 .   ? 4.549   1.269   -11.817 1.00 32.25 ? 345 HOH A O   1 
HETATM 1181 O  O   . HOH J 6 .   ? 6.623   -3.060  11.531  1.00 47.15 ? 346 HOH A O   1 
HETATM 1182 O  O   . HOH J 6 .   ? 9.234   15.685  -6.049  1.00 45.40 ? 347 HOH A O   1 
HETATM 1183 O  O   . HOH J 6 .   ? 7.497   16.844  0.243   1.00 59.90 ? 348 HOH A O   1 
HETATM 1184 O  O   . HOH J 6 .   ? 0.761   -2.972  5.920   1.00 19.07 ? 349 HOH A O   1 
HETATM 1185 O  O   . HOH J 6 .   ? 3.802   -8.794  12.743  1.00 63.77 ? 350 HOH A O   1 
HETATM 1186 O  O   . HOH J 6 .   ? 9.285   8.493   -7.601  1.00 24.04 ? 351 HOH A O   1 
HETATM 1187 O  O   . HOH J 6 .   ? -15.699 -0.045  4.418   1.00 13.71 ? 352 HOH A O   1 
HETATM 1188 O  O   . HOH J 6 .   ? -7.053  -4.556  -14.811 1.00 38.48 ? 353 HOH A O   1 
HETATM 1189 O  O   . HOH J 6 .   ? -1.816  17.260  0.075   1.00 37.38 ? 354 HOH A O   1 
HETATM 1190 O  O   . HOH J 6 .   ? 18.341  3.492   3.372   1.00 37.87 ? 355 HOH A O   1 
HETATM 1191 O  O   . HOH J 6 .   ? 5.029   -12.621 -4.705  1.00 44.58 ? 356 HOH A O   1 
HETATM 1192 O  O   . HOH J 6 .   ? 13.550  13.967  -4.419  1.00 47.95 ? 357 HOH A O   1 
HETATM 1193 O  O   . HOH J 6 .   ? -4.698  -15.737 -2.395  1.00 36.69 ? 358 HOH A O   1 
HETATM 1194 O  O   . HOH J 6 .   ? 20.542  -2.765  -2.397  1.00 23.66 ? 359 HOH A O   1 
HETATM 1195 O  O   . HOH J 6 .   ? 17.542  -9.723  -6.046  1.00 22.66 ? 360 HOH A O   1 
HETATM 1196 O  O   . HOH J 6 .   ? -5.158  12.463  14.748  1.00 33.01 ? 361 HOH A O   1 
HETATM 1197 O  O   . HOH J 6 .   ? 0.596   -19.536 -2.693  1.00 59.41 ? 362 HOH A O   1 
HETATM 1198 O  O   . HOH J 6 .   ? -3.085  8.323   10.016  1.00 19.40 ? 363 HOH A O   1 
HETATM 1199 O  O   . HOH J 6 .   ? -15.290 -9.435  -3.200  1.00 33.43 ? 364 HOH A O   1 
HETATM 1200 O  O   . HOH J 6 .   ? -5.177  7.316   11.131  1.00 26.60 ? 365 HOH A O   1 
HETATM 1201 O  O   . HOH J 6 .   ? 4.418   13.771  -0.555  1.00 24.08 ? 366 HOH A O   1 
HETATM 1202 O  O   . HOH J 6 .   ? 20.486  -0.543  -0.391  1.00 33.01 ? 367 HOH A O   1 
HETATM 1203 O  O   . HOH J 6 .   ? 12.416  13.905  -12.664 1.00 36.04 ? 368 HOH A O   1 
HETATM 1204 O  O   . HOH J 6 .   ? 2.165   -0.306  5.876   1.00 16.19 ? 369 HOH A O   1 
HETATM 1205 O  O   . HOH J 6 .   ? -6.812  6.207   9.142   1.00 23.19 ? 370 HOH A O   1 
HETATM 1206 O  O   . HOH J 6 .   ? 9.070   1.525   -12.227 1.00 35.70 ? 371 HOH A O   1 
HETATM 1207 O  O   . HOH J 6 .   ? -5.699  -2.654  -7.712  1.00 11.94 ? 372 HOH A O   1 
HETATM 1208 O  O   . HOH J 6 .   ? 0.041   -9.945  -5.304  1.00 24.80 ? 373 HOH A O   1 
HETATM 1209 O  O   . HOH J 6 .   ? -13.934 -11.513 -9.083  1.00 20.53 ? 374 HOH A O   1 
HETATM 1210 O  O   . HOH J 6 .   ? -1.573  16.149  4.416   1.00 21.68 ? 375 HOH A O   1 
HETATM 1211 O  O   . HOH J 6 .   ? 11.110  12.839  -1.320  1.00 43.89 ? 376 HOH A O   1 
HETATM 1212 O  O   . HOH J 6 .   ? -17.696 -0.387  0.839   1.00 25.05 ? 377 HOH A O   1 
HETATM 1213 O  O   . HOH J 6 .   ? -17.419 -6.797  0.129   1.00 23.87 ? 378 HOH A O   1 
HETATM 1214 O  O   . HOH J 6 .   ? 12.413  -9.980  -6.470  1.00 26.58 ? 379 HOH A O   1 
HETATM 1215 O  O   . HOH J 6 .   ? 8.170   15.218  -8.224  1.00 60.98 ? 380 HOH A O   1 
HETATM 1216 O  O   . HOH J 6 .   ? -3.858  16.789  7.923   1.00 26.21 ? 381 HOH A O   1 
HETATM 1217 O  O   . HOH J 6 .   ? 11.586  -2.794  -11.139 1.00 28.13 ? 382 HOH A O   1 
HETATM 1218 O  O   . HOH J 6 .   ? 22.442  -1.349  -7.643  1.00 28.86 ? 383 HOH A O   1 
HETATM 1219 O  O   . HOH J 6 .   ? -0.894  6.815   9.583   1.00 18.82 ? 384 HOH A O   1 
HETATM 1220 O  O   . HOH J 6 .   ? -6.778  -18.202 3.008   1.00 42.82 ? 385 HOH A O   1 
HETATM 1221 O  O   . HOH J 6 .   ? -11.882 -9.902  -12.687 1.00 17.27 ? 386 HOH A O   1 
HETATM 1222 O  O   . HOH J 6 .   ? -18.306 -10.027 1.343   1.00 27.09 ? 387 HOH A O   1 
HETATM 1223 O  O   . HOH J 6 .   ? -12.172 10.616  7.362   1.00 29.22 ? 388 HOH A O   1 
HETATM 1224 O  O   . HOH J 6 .   ? -8.454  12.280  -3.531  1.00 31.71 ? 389 HOH A O   1 
HETATM 1225 O  O   . HOH J 6 .   ? -11.097 -12.009 -3.098  1.00 37.69 ? 390 HOH A O   1 
HETATM 1226 O  O   . HOH J 6 .   ? -0.434  -9.167  2.429   1.00 23.07 ? 391 HOH A O   1 
HETATM 1227 O  O   . HOH J 6 .   ? -1.682  10.629  -7.829  1.00 34.04 ? 392 HOH A O   1 
HETATM 1228 O  O   . HOH J 6 .   ? 22.130  -0.678  -3.357  1.00 30.07 ? 393 HOH A O   1 
HETATM 1229 O  O   . HOH J 6 .   ? 0.201   -7.950  -9.474  1.00 25.34 ? 394 HOH A O   1 
HETATM 1230 O  O   . HOH J 6 .   ? 13.686  11.820  8.458   1.00 46.06 ? 395 HOH A O   1 
HETATM 1231 O  O   . HOH J 6 .   ? -5.082  -12.116 -8.694  1.00 30.28 ? 396 HOH A O   1 
HETATM 1232 O  O   . HOH J 6 .   ? -12.095 -8.819  -1.168  1.00 24.94 ? 397 HOH A O   1 
HETATM 1233 O  O   . HOH J 6 .   ? 10.433  -9.486  -2.864  1.00 28.87 ? 398 HOH A O   1 
HETATM 1234 O  O   . HOH J 6 .   ? 14.545  -6.166  -11.753 1.00 22.37 ? 399 HOH A O   1 
HETATM 1235 O  O   . HOH J 6 .   ? -7.981  17.009  -2.737  1.00 32.47 ? 400 HOH A O   1 
HETATM 1236 O  O   . HOH J 6 .   ? 12.872  6.826   -12.704 1.00 38.11 ? 401 HOH A O   1 
HETATM 1237 O  O   . HOH J 6 .   ? 9.658   8.090   -10.393 1.00 30.49 ? 402 HOH A O   1 
HETATM 1238 O  O   . HOH J 6 .   ? -7.737  18.213  6.827   1.00 37.70 ? 403 HOH A O   1 
HETATM 1239 O  O   . HOH J 6 .   ? -0.480  2.249   -8.026  1.00 21.99 ? 404 HOH A O   1 
HETATM 1240 O  O   . HOH J 6 .   ? -6.464  14.471  9.564   1.00 19.40 ? 405 HOH A O   1 
HETATM 1241 O  O   . HOH J 6 .   ? -9.099  -14.156 10.420  0.26 33.27 ? 406 HOH A O   1 
HETATM 1242 O  O   . HOH J 6 .   ? -17.258 3.176   -7.899  1.00 25.24 ? 407 HOH A O   1 
HETATM 1243 O  O   . HOH J 6 .   ? 3.362   9.422   -10.250 1.00 33.94 ? 408 HOH A O   1 
HETATM 1244 O  O   . HOH J 6 .   ? -7.147  5.561   -6.197  1.00 18.83 ? 409 HOH A O   1 
HETATM 1245 O  O   . HOH J 6 .   ? 7.503   -11.832 8.290   1.00 42.03 ? 410 HOH A O   1 
HETATM 1246 O  O   . HOH J 6 .   ? -13.939 4.020   -11.518 1.00 24.28 ? 411 HOH A O   1 
HETATM 1247 O  O   . HOH J 6 .   ? 18.018  4.660   -8.539  1.00 44.81 ? 412 HOH A O   1 
HETATM 1248 O  O   . HOH J 6 .   ? 10.311  4.198   8.655   1.00 36.68 ? 413 HOH A O   1 
HETATM 1249 O  O   . HOH J 6 .   ? -0.434  0.687   13.231  1.00 37.85 ? 414 HOH A O   1 
HETATM 1250 O  O   . HOH J 6 .   ? -5.314  -8.874  -2.296  1.00 25.95 ? 415 HOH A O   1 
HETATM 1251 O  O   . HOH J 6 .   ? -11.516 5.225   14.313  1.00 53.08 ? 416 HOH A O   1 
HETATM 1252 O  O   . HOH J 6 .   ? 14.431  -8.695  4.902   1.00 24.71 ? 417 HOH A O   1 
HETATM 1253 O  O   . HOH J 6 .   ? -13.386 -10.924 -1.412  1.00 32.31 ? 418 HOH A O   1 
HETATM 1254 O  O   . HOH J 6 .   ? -2.876  -5.051  -11.269 1.00 34.63 ? 419 HOH A O   1 
HETATM 1255 O  O   . HOH J 6 .   ? 12.774  -4.735  8.304   1.00 50.03 ? 420 HOH A O   1 
HETATM 1256 O  O   . HOH J 6 .   ? -2.832  -2.974  16.385  1.00 34.04 ? 421 HOH A O   1 
HETATM 1257 O  O   . HOH J 6 .   ? -17.240 -6.179  -7.098  1.00 30.52 ? 422 HOH A O   1 
HETATM 1258 O  O   . HOH J 6 .   ? -15.145 7.547   0.465   1.00 33.12 ? 423 HOH A O   1 
HETATM 1259 O  O   . HOH J 6 .   ? 7.402   14.676  6.261   1.00 35.98 ? 424 HOH A O   1 
HETATM 1260 O  O   . HOH J 6 .   ? 0.195   -1.442  13.258  1.00 26.14 ? 425 HOH A O   1 
HETATM 1261 O  O   . HOH J 6 .   ? -18.649 3.860   0.130   1.00 36.93 ? 426 HOH A O   1 
HETATM 1262 O  O   . HOH J 6 .   ? -0.160  17.963  -3.532  1.00 45.27 ? 427 HOH A O   1 
HETATM 1263 O  O   . HOH J 6 .   ? 7.357   0.534   10.647  1.00 32.88 ? 428 HOH A O   1 
HETATM 1264 O  O   . HOH J 6 .   ? -16.902 1.592   2.593   1.00 20.71 ? 429 HOH A O   1 
HETATM 1265 O  O   . HOH J 6 .   ? 1.236   -1.748  -12.464 1.00 37.31 ? 430 HOH A O   1 
HETATM 1266 O  O   . HOH J 6 .   ? -11.574 -12.209 -11.164 1.00 24.74 ? 431 HOH A O   1 
HETATM 1267 O  O   . HOH J 6 .   ? -15.215 -2.969  -4.135  1.00 18.31 ? 432 HOH A O   1 
HETATM 1268 O  O   . HOH J 6 .   ? -3.658  2.786   -8.481  1.00 19.10 ? 433 HOH A O   1 
HETATM 1269 O  O   . HOH J 6 .   ? -1.911  7.950   -9.120  1.00 32.10 ? 434 HOH A O   1 
HETATM 1270 O  O   . HOH J 6 .   ? -18.213 -4.039  -12.283 1.00 27.60 ? 435 HOH A O   1 
HETATM 1271 O  O   . HOH J 6 .   ? -1.022  12.338  -5.099  1.00 25.96 ? 436 HOH A O   1 
HETATM 1272 O  O   . HOH J 6 .   ? -6.969  -4.095  -20.120 1.00 51.20 ? 437 HOH A O   1 
HETATM 1273 O  O   . HOH J 6 .   ? -6.945  15.158  12.098  1.00 31.89 ? 438 HOH A O   1 
HETATM 1274 O  O   . HOH J 6 .   ? 4.963   -2.032  -9.792  1.00 26.45 ? 439 HOH A O   1 
HETATM 1275 O  O   . HOH J 6 .   ? -10.943 12.009  1.549   1.00 27.41 ? 440 HOH A O   1 
HETATM 1276 O  O   . HOH J 6 .   ? -15.726 -1.234  -2.042  1.00 21.06 ? 441 HOH A O   1 
HETATM 1277 O  O   . HOH J 6 .   ? 2.090   2.058   -10.621 1.00 26.31 ? 442 HOH A O   1 
HETATM 1278 O  O   . HOH J 6 .   ? -12.519 -14.747 -0.087  1.00 40.26 ? 443 HOH A O   1 
HETATM 1279 O  O   . HOH J 6 .   ? -12.899 14.280  1.918   1.00 48.01 ? 444 HOH A O   1 
HETATM 1280 O  O   . HOH J 6 .   ? 12.632  -9.283  -10.669 1.00 30.61 ? 445 HOH A O   1 
HETATM 1281 O  O   . HOH J 6 .   ? 14.344  4.587   -11.745 1.00 38.97 ? 446 HOH A O   1 
HETATM 1282 O  O   . HOH J 6 .   ? 3.718   -3.999  -8.217  1.00 19.23 ? 447 HOH A O   1 
HETATM 1283 O  O   . HOH J 6 .   ? 4.933   9.143   -11.453 1.00 34.08 ? 448 HOH A O   1 
HETATM 1284 O  O   . HOH J 6 .   ? -5.450  5.159   -9.135  1.00 22.64 ? 449 HOH A O   1 
HETATM 1285 O  O   . HOH J 6 .   ? 22.484  -5.765  -9.693  1.00 28.34 ? 450 HOH A O   1 
HETATM 1286 O  O   . HOH J 6 .   ? 14.975  -1.464  5.895   1.00 24.28 ? 451 HOH A O   1 
HETATM 1287 O  O   . HOH J 6 .   ? -5.517  -20.472 4.706   1.00 75.71 ? 452 HOH A O   1 
HETATM 1288 O  O   . HOH J 6 .   ? 7.104   -3.943  -10.893 1.00 37.58 ? 453 HOH A O   1 
HETATM 1289 O  O   . HOH J 6 .   ? 8.621   8.847   10.183  1.00 30.13 ? 454 HOH A O   1 
HETATM 1290 O  O   . HOH J 6 .   ? -0.404  -11.130 5.379   1.00 31.66 ? 455 HOH A O   1 
HETATM 1291 O  O   . HOH J 6 .   ? -5.547  -11.418 -1.339  1.00 30.59 ? 456 HOH A O   1 
HETATM 1292 O  O   . HOH J 6 .   ? 2.682   -15.893 -5.142  1.00 48.83 ? 457 HOH A O   1 
HETATM 1293 O  O   . HOH J 6 .   ? -8.300  -12.705 6.548   0.26 30.60 ? 458 HOH A O   1 
HETATM 1294 O  O   . HOH J 6 .   ? -5.361  12.141  -5.009  1.00 45.24 ? 459 HOH A O   1 
HETATM 1295 O  O   . HOH J 6 .   ? 16.192  0.628   5.953   1.00 53.50 ? 460 HOH A O   1 
HETATM 1296 O  O   . HOH J 6 .   ? -4.553  -11.379 1.453   1.00 21.91 ? 461 HOH A O   1 
HETATM 1297 O  O   . HOH J 6 .   ? -16.963 6.183   2.186   1.00 40.44 ? 462 HOH A O   1 
HETATM 1298 O  O   . HOH J 6 .   ? 15.444  13.683  -9.935  1.00 42.35 ? 463 HOH A O   1 
HETATM 1299 O  O   . HOH J 6 .   ? 7.840   -12.049 -0.519  1.00 39.13 ? 464 HOH A O   1 
HETATM 1300 O  O   . HOH J 6 .   ? -17.025 -7.384  -2.422  1.00 29.40 ? 465 HOH A O   1 
HETATM 1301 O  O   . HOH J 6 .   ? 4.648   -14.562 -3.639  1.00 52.90 ? 466 HOH A O   1 
HETATM 1302 O  O   . HOH J 6 .   ? 0.073   -10.564 16.992  1.00 66.23 ? 467 HOH A O   1 
HETATM 1303 O  O   . HOH J 6 .   ? 8.681   -10.383 -7.988  1.00 48.37 ? 468 HOH A O   1 
HETATM 1304 O  O   . HOH J 6 .   ? -8.182  19.953  0.895   1.00 81.53 ? 469 HOH A O   1 
HETATM 1305 O  O   . HOH J 6 .   ? 8.556   6.147   9.912   1.00 35.62 ? 470 HOH A O   1 
HETATM 1306 O  O   . HOH J 6 .   ? 2.599   -10.345 15.781  1.00 49.51 ? 471 HOH A O   1 
HETATM 1307 O  O   . HOH J 6 .   ? -7.085  -14.646 1.139   1.00 38.95 ? 472 HOH A O   1 
HETATM 1308 O  O   . HOH J 6 .   ? -12.371 3.714   -13.876 1.00 38.65 ? 473 HOH A O   1 
HETATM 1309 O  O   . HOH J 6 .   ? -9.347  -13.627 3.962   1.00 44.66 ? 474 HOH A O   1 
HETATM 1310 O  O   . HOH J 6 .   ? -8.897  -13.173 -2.951  1.00 56.92 ? 475 HOH A O   1 
HETATM 1311 O  O   . HOH J 6 .   ? -10.596 12.904  9.421   1.00 49.43 ? 476 HOH A O   1 
HETATM 1312 O  O   . HOH J 6 .   ? 10.981  12.867  9.361   1.00 38.75 ? 477 HOH A O   1 
HETATM 1313 O  O   . HOH J 6 .   ? 12.754  4.162   8.608   1.00 49.32 ? 478 HOH A O   1 
HETATM 1314 O  O   . HOH J 6 .   ? -8.689  13.963  8.066   1.00 22.68 ? 479 HOH A O   1 
HETATM 1315 O  O   . HOH J 6 .   ? -1.413  -12.048 -8.989  1.00 41.76 ? 480 HOH A O   1 
HETATM 1316 O  O   . HOH J 6 .   ? 11.563  16.433  -12.335 1.00 29.76 ? 481 HOH A O   1 
HETATM 1317 O  O   . HOH J 6 .   ? 10.377  2.885   -11.272 1.00 54.48 ? 482 HOH A O   1 
HETATM 1318 O  O   . HOH J 6 .   ? -9.117  -2.875  -21.410 1.00 49.30 ? 483 HOH A O   1 
HETATM 1319 O  O   . HOH J 6 .   ? -17.804 -12.311 0.183   1.00 49.13 ? 484 HOH A O   1 
HETATM 1320 O  O   . HOH J 6 .   ? -6.365  -13.406 -0.995  1.00 38.98 ? 485 HOH A O   1 
HETATM 1321 O  O   . HOH J 6 .   ? 4.618   -6.371  13.431  1.00 44.14 ? 486 HOH A O   1 
HETATM 1322 O  O   . HOH J 6 .   ? -8.159  -14.670 -7.320  1.00 33.75 ? 487 HOH A O   1 
HETATM 1323 O  O   . HOH J 6 .   ? -4.029  -15.705 20.128  1.00 46.42 ? 488 HOH A O   1 
HETATM 1324 O  O   . HOH J 6 .   ? 14.806  14.051  -11.963 1.00 35.49 ? 489 HOH A O   1 
HETATM 1325 O  O   . HOH J 6 .   ? 0.250   -10.064 -8.098  1.00 38.66 ? 490 HOH A O   1 
HETATM 1326 O  O   . HOH J 6 .   ? 9.460   2.281   9.965   1.00 54.63 ? 491 HOH A O   1 
HETATM 1327 O  O   . HOH J 6 .   ? 9.141   -3.151  -12.353 1.00 42.21 ? 492 HOH A O   1 
HETATM 1328 O  O   . HOH J 6 .   ? -11.671 -2.549  -21.194 1.00 49.08 ? 493 HOH A O   1 
HETATM 1329 O  O   . HOH J 6 .   ? -9.797  16.376  7.102   1.00 46.39 ? 494 HOH A O   1 
HETATM 1330 O  O   . HOH J 6 .   ? 10.747  9.946   9.690   1.00 32.13 ? 495 HOH A O   1 
HETATM 1331 O  O   . HOH J 6 .   ? -17.298 -4.378  -5.166  1.00 28.74 ? 496 HOH A O   1 
HETATM 1332 O  O   . HOH J 6 .   ? -8.809  -15.702 2.896   1.00 58.08 ? 497 HOH A O   1 
HETATM 1333 O  O   . HOH J 6 .   ? 7.128   8.476   -12.133 1.00 35.61 ? 498 HOH A O   1 
HETATM 1334 O  O   . HOH J 6 .   ? 15.211  9.768   4.720   1.00 58.53 ? 499 HOH A O   1 
HETATM 1335 O  O   . HOH J 6 .   ? 5.463   -13.125 8.821   1.00 35.35 ? 500 HOH A O   1 
HETATM 1336 O  O   . HOH J 6 .   ? 10.706  5.932   -11.640 1.00 35.07 ? 501 HOH A O   1 
HETATM 1337 O  O   . HOH J 6 .   ? 12.933  6.741   9.979   1.00 57.60 ? 502 HOH A O   1 
HETATM 1338 O  O   . HOH J 6 .   ? 15.287  11.779  -15.192 1.00 48.79 ? 503 HOH A O   1 
HETATM 1339 O  O   . HOH J 6 .   ? -0.802  5.458   11.863  1.00 30.63 ? 504 HOH A O   1 
HETATM 1340 O  O   . HOH J 6 .   ? 0.783   -12.499 -5.858  1.00 33.65 ? 505 HOH A O   1 
HETATM 1341 O  O   . HOH J 6 .   ? -10.557 -15.642 0.834   1.00 71.22 ? 506 HOH A O   1 
HETATM 1342 O  O   . HOH J 6 .   ? -3.682  5.766   13.404  1.00 40.80 ? 507 HOH A O   1 
HETATM 1343 O  O   . HOH J 6 .   ? -14.598 -2.574  -17.350 1.00 32.97 ? 508 HOH A O   1 
HETATM 1344 O  O   . HOH J 6 .   ? -19.643 -2.774  -6.078  1.00 40.90 ? 509 HOH A O   1 
HETATM 1345 O  O   . HOH J 6 .   ? -8.981  -18.197 3.623   1.00 56.29 ? 510 HOH A O   1 
HETATM 1346 O  O   . HOH J 6 .   ? 15.122  9.997   7.666   1.00 40.84 ? 511 HOH A O   1 
HETATM 1347 O  O   . HOH J 6 .   ? 0.643   -18.996 10.786  1.00 56.34 ? 512 HOH A O   1 
HETATM 1348 O  O   . HOH J 6 .   ? -12.256 0.554   -18.339 1.00 42.63 ? 513 HOH A O   1 
HETATM 1349 O  O   . HOH J 6 .   ? 4.033   -6.119  -9.857  1.00 24.93 ? 514 HOH A O   1 
HETATM 1350 O  O   . HOH J 6 .   ? 7.031   6.440   13.228  1.00 35.14 ? 515 HOH A O   1 
HETATM 1351 O  O   . HOH J 6 .   ? -3.375  -21.115 7.314   1.00 52.73 ? 516 HOH A O   1 
HETATM 1352 O  O   . HOH J 6 .   ? 2.423   -8.471  -10.381 1.00 36.36 ? 517 HOH A O   1 
HETATM 1353 O  O   . HOH J 6 .   ? -19.225 1.138   -4.171  1.00 42.66 ? 518 HOH A O   1 
HETATM 1354 O  O   . HOH J 6 .   ? 23.384  -3.187  -8.975  1.00 38.43 ? 519 HOH A O   1 
HETATM 1355 O  O   . HOH J 6 .   ? -10.228 -17.980 5.717   1.00 64.53 ? 520 HOH A O   1 
HETATM 1356 O  O   . HOH J 6 .   ? 17.695  6.637   -1.902  1.00 51.85 ? 521 HOH A O   1 
HETATM 1357 O  O   . HOH J 6 .   ? 7.909   -8.310  -11.722 1.00 40.62 ? 522 HOH A O   1 
HETATM 1358 O  O   . HOH J 6 .   ? -19.069 2.320   -5.978  1.00 46.29 ? 523 HOH A O   1 
HETATM 1359 O  O   . HOH J 6 .   ? 13.162  9.048   9.778   1.00 40.07 ? 524 HOH A O   1 
HETATM 1360 O  O   . HOH J 6 .   ? -19.189 1.154   -8.307  1.00 39.32 ? 525 HOH A O   1 
HETATM 1361 O  O   . HOH J 6 .   ? 15.014  19.401  -12.161 1.00 56.73 ? 526 HOH A O   1 
HETATM 1362 O  O   . HOH J 6 .   ? 2.371   -10.823 -9.496  1.00 38.60 ? 527 HOH A O   1 
HETATM 1363 O  O   . HOH J 6 .   ? 2.590   -8.262  19.030  1.00 48.80 ? 528 HOH A O   1 
# 
